data_1EGV
#
_entry.id   1EGV
#
_cell.length_a   73.380
_cell.length_b   121.400
_cell.length_c   207.600
_cell.angle_alpha   90.00
_cell.angle_beta   90.00
_cell.angle_gamma   90.00
#
_symmetry.space_group_name_H-M   'P 21 21 21'
#
loop_
_entity.id
_entity.type
_entity.pdbx_description
1 polymer 'PROPANEDIOL DEHYDRATASE'
2 polymer 'PROPANEDIOL DEHYDRATASE'
3 polymer 'PROPANEDIOL DEHYDRATASE'
4 non-polymer 'POTASSIUM ION'
5 non-polymer CO-(ADENIN-9-YL-PENTYL)-COBALAMIN
6 non-polymer S-1,2-PROPANEDIOL
7 water water
#
loop_
_entity_poly.entity_id
_entity_poly.type
_entity_poly.pdbx_seq_one_letter_code
_entity_poly.pdbx_strand_id
1 'polypeptide(L)'
;MRSKRFEALAKRPVNQDGFVKEWIEEGFIAMESPNDPKPSIKIVNGAVTELDGKPVSDFDLIDHFIARYGINLNRAEEVM
AMDSVKLANMLCDPNVKRSEIVPLTTAMTPAKIVEVVSHMNVVEMMMAMQKMRARRTPSQQAHVTNVKDNPVQIAADAAE
GAWRGFDEQETTVAVARYAPFNAIALLVGSQVGRPGVLTQCSLEEATELKLGMLGHTCYAETISVYGTEPVFTDGDDTPW
SKGFLASSYASRGLKMRFTSGSGSEVQMGYAEGKSMLYLEARCIYITKAAGVQGLQNGSVSCIGVPSAVPSGIRAVLAEN
LICSSLDLECASSNDQTFTHSDMRRTARLLMQFLPGTDFISSGYSAVPNYDNMFAGSNEDAEDFDDYNVIQRDLKVDGGL
RPVREEDVIAIRNKAARALQAVFAGMGLPPITDEEVEAATYAHGSKDMPERNIVEDIKFAQEIINKNRNGLEVVKALAQG
GFTDVAQDMLNIQKAKLTGDYLHTSAIIVGDGQVLSAVNDVNDYAGPATGYRLQGERWEEIKNIPGALDPNEID
;
A,L
2 'polypeptide(L)'
;MEINEKLLRQIIEDVLSEMKGSDKPVSFNAPAASAAPQATPPAGDGFLTEVGEARQGTQQDEVIIAVGPAFGLAQTVNIV
GIPHKSILREVIAGIEEEGIKARVIRCFKSSDVAFVAVEGNRLSGSGISIGIQSKGTTVIHQQGLPPLSNLELFPQAPLL
TLETYRQIGKNAARYAKRESPQPVPTLNDQMARPKYQAKSAILHIKETKYVVTGKNPQELRVAL
;
B,E
3 'polypeptide(L)'
;MNTDAIESMVRDVLSRMNSLQGEAPAAAPAAGGASRSARVSDYPLANKHPEWVKTATNKTLDDFTLENVLSNKVTAQDMR
ITPETLRLQASIAKDAGRDRLAMNFERAAELTAVPDDRILEIYNALRPYRSTKEELLAIADDLESRYQAKICAAFVREAA
TLYVERKKLKGDD
;
G,M
#
# COMPACT_ATOMS: atom_id res chain seq x y z
N MET A 1 -24.81 -15.47 22.63
CA MET A 1 -24.75 -14.06 22.25
C MET A 1 -23.55 -13.81 21.35
N ARG A 2 -23.67 -12.87 20.42
CA ARG A 2 -22.55 -12.61 19.51
C ARG A 2 -21.67 -11.46 19.96
N SER A 3 -20.38 -11.51 19.59
CA SER A 3 -19.53 -10.35 19.83
C SER A 3 -19.85 -9.22 18.86
N LYS A 4 -20.14 -8.03 19.38
CA LYS A 4 -20.41 -6.92 18.46
C LYS A 4 -19.15 -6.55 17.65
N ARG A 5 -18.00 -6.84 18.23
CA ARG A 5 -16.71 -6.62 17.55
C ARG A 5 -16.68 -7.52 16.31
N PHE A 6 -16.85 -8.82 16.48
CA PHE A 6 -16.91 -9.74 15.35
C PHE A 6 -18.09 -9.48 14.46
N GLU A 7 -19.23 -9.00 14.97
CA GLU A 7 -20.26 -8.68 13.97
C GLU A 7 -19.86 -7.54 13.04
N ALA A 8 -19.20 -6.52 13.57
CA ALA A 8 -18.76 -5.42 12.71
C ALA A 8 -17.71 -5.89 11.70
N LEU A 9 -16.74 -6.70 12.11
CA LEU A 9 -15.72 -7.28 11.22
C LEU A 9 -16.34 -8.13 10.13
N ALA A 10 -17.35 -8.91 10.49
CA ALA A 10 -17.95 -9.78 9.49
C ALA A 10 -18.54 -8.97 8.36
N LYS A 11 -18.97 -7.75 8.67
CA LYS A 11 -19.52 -6.95 7.58
C LYS A 11 -18.43 -6.34 6.71
N ARG A 12 -17.14 -6.45 7.03
CA ARG A 12 -16.18 -5.71 6.19
C ARG A 12 -16.09 -6.24 4.78
N PRO A 13 -16.00 -5.38 3.77
CA PRO A 13 -15.86 -5.83 2.37
C PRO A 13 -14.80 -6.90 2.16
N VAL A 14 -13.69 -6.85 2.89
CA VAL A 14 -12.68 -7.89 2.62
C VAL A 14 -13.23 -9.29 2.87
N ASN A 15 -14.19 -9.46 3.76
CA ASN A 15 -14.69 -10.80 4.06
C ASN A 15 -15.64 -11.34 3.01
N GLN A 16 -15.86 -10.61 1.93
CA GLN A 16 -16.58 -11.05 0.74
C GLN A 16 -15.63 -11.67 -0.29
N ASP A 17 -14.32 -11.51 -0.10
CA ASP A 17 -13.34 -12.02 -1.07
C ASP A 17 -13.18 -13.53 -0.94
N GLY A 18 -12.81 -14.20 -2.03
CA GLY A 18 -12.66 -15.65 -1.92
C GLY A 18 -11.32 -16.09 -1.38
N PHE A 19 -11.31 -16.81 -0.26
CA PHE A 19 -10.08 -17.31 0.33
C PHE A 19 -10.16 -18.84 0.39
N VAL A 20 -8.99 -19.46 0.27
CA VAL A 20 -8.89 -20.92 0.20
C VAL A 20 -7.63 -21.42 0.88
N LYS A 21 -7.79 -22.55 1.58
CA LYS A 21 -6.63 -23.19 2.19
C LYS A 21 -5.83 -23.84 1.07
N GLU A 22 -4.51 -23.88 1.17
CA GLU A 22 -3.76 -24.45 0.05
C GLU A 22 -4.18 -25.88 -0.25
N TRP A 23 -4.21 -26.18 -1.52
CA TRP A 23 -4.54 -27.48 -2.08
C TRP A 23 -3.35 -27.95 -2.88
N ILE A 24 -2.36 -28.50 -2.18
CA ILE A 24 -1.07 -28.69 -2.85
C ILE A 24 -1.16 -29.67 -3.99
N GLU A 25 -1.94 -30.74 -3.84
CA GLU A 25 -1.90 -31.75 -4.91
C GLU A 25 -2.45 -31.22 -6.22
N GLU A 26 -3.26 -30.18 -6.12
CA GLU A 26 -3.88 -29.64 -7.31
C GLU A 26 -3.21 -28.33 -7.75
N GLY A 27 -2.13 -27.93 -7.06
CA GLY A 27 -1.39 -26.75 -7.48
C GLY A 27 -2.02 -25.48 -6.94
N PHE A 28 -2.99 -25.66 -6.05
CA PHE A 28 -3.66 -24.44 -5.54
C PHE A 28 -2.82 -23.95 -4.36
N ILE A 29 -1.69 -23.41 -4.78
CA ILE A 29 -0.67 -22.89 -3.87
C ILE A 29 0.17 -21.89 -4.68
N ALA A 30 0.39 -20.71 -4.10
CA ALA A 30 0.95 -19.66 -4.95
C ALA A 30 2.39 -19.94 -5.34
N MET A 31 3.21 -20.39 -4.40
CA MET A 31 4.64 -20.52 -4.64
C MET A 31 5.25 -21.45 -3.59
N GLU A 32 6.51 -21.77 -3.72
CA GLU A 32 7.23 -22.54 -2.72
C GLU A 32 6.49 -23.82 -2.37
N SER A 33 6.07 -24.57 -3.37
CA SER A 33 5.39 -25.84 -3.11
C SER A 33 6.41 -26.96 -2.96
N PRO A 34 6.10 -27.87 -2.06
CA PRO A 34 6.94 -29.07 -1.92
C PRO A 34 6.95 -29.90 -3.18
N ASN A 35 5.97 -29.78 -4.07
CA ASN A 35 6.01 -30.54 -5.32
C ASN A 35 6.80 -29.85 -6.44
N ASP A 36 7.21 -28.59 -6.26
CA ASP A 36 7.98 -27.97 -7.34
C ASP A 36 9.33 -28.66 -7.52
N PRO A 37 9.78 -28.79 -8.76
CA PRO A 37 11.03 -29.52 -9.01
C PRO A 37 12.27 -28.76 -8.55
N LYS A 38 13.26 -29.53 -8.09
CA LYS A 38 14.59 -29.03 -7.78
C LYS A 38 15.23 -28.59 -9.08
N PRO A 39 15.88 -27.43 -9.12
CA PRO A 39 16.49 -26.98 -10.38
C PRO A 39 17.58 -27.97 -10.81
N SER A 40 17.64 -28.25 -12.10
CA SER A 40 18.66 -29.15 -12.65
C SER A 40 18.72 -29.00 -14.16
N ILE A 41 19.91 -29.15 -14.73
CA ILE A 41 19.94 -29.27 -16.18
C ILE A 41 21.05 -30.26 -16.54
N LYS A 42 20.85 -30.98 -17.62
CA LYS A 42 21.86 -31.87 -18.18
C LYS A 42 21.89 -31.62 -19.68
N ILE A 43 23.07 -31.49 -20.26
CA ILE A 43 23.22 -31.20 -21.68
C ILE A 43 24.25 -32.15 -22.27
N VAL A 44 23.90 -32.71 -23.42
CA VAL A 44 24.83 -33.66 -24.06
C VAL A 44 24.93 -33.28 -25.54
N ASN A 45 26.14 -33.07 -26.02
CA ASN A 45 26.33 -32.59 -27.38
C ASN A 45 25.41 -31.43 -27.73
N GLY A 46 25.32 -30.45 -26.84
CA GLY A 46 24.56 -29.23 -27.05
C GLY A 46 23.06 -29.35 -26.97
N ALA A 47 22.56 -30.52 -26.57
CA ALA A 47 21.10 -30.68 -26.44
C ALA A 47 20.75 -31.08 -25.01
N VAL A 48 19.74 -30.44 -24.45
CA VAL A 48 19.32 -30.77 -23.09
C VAL A 48 18.74 -32.17 -22.98
N THR A 49 19.19 -32.94 -21.98
CA THR A 49 18.70 -34.30 -21.77
C THR A 49 17.91 -34.42 -20.46
N GLU A 50 18.04 -33.40 -19.63
CA GLU A 50 17.23 -33.32 -18.41
C GLU A 50 17.02 -31.86 -18.03
N LEU A 51 15.81 -31.55 -17.59
CA LEU A 51 15.47 -30.19 -17.23
C LEU A 51 14.58 -30.19 -15.98
N ASP A 52 15.12 -29.61 -14.92
CA ASP A 52 14.35 -29.46 -13.68
C ASP A 52 13.65 -30.75 -13.29
N GLY A 53 14.40 -31.84 -13.21
CA GLY A 53 13.85 -33.13 -12.82
C GLY A 53 13.68 -34.11 -13.98
N LYS A 54 12.89 -33.66 -14.95
CA LYS A 54 12.41 -34.41 -16.09
C LYS A 54 13.53 -34.80 -17.06
N PRO A 55 13.52 -36.06 -17.47
CA PRO A 55 14.39 -36.50 -18.58
C PRO A 55 13.74 -36.11 -19.90
N VAL A 56 14.58 -35.85 -20.90
CA VAL A 56 14.09 -35.50 -22.24
C VAL A 56 13.08 -36.51 -22.73
N SER A 57 13.19 -37.79 -22.37
CA SER A 57 12.14 -38.72 -22.83
C SER A 57 10.74 -38.30 -22.42
N ASP A 58 10.61 -37.53 -21.34
CA ASP A 58 9.27 -37.21 -20.85
C ASP A 58 8.87 -35.77 -21.14
N PHE A 59 9.69 -35.03 -21.88
CA PHE A 59 9.39 -33.63 -22.19
C PHE A 59 8.04 -33.43 -22.83
N ASP A 60 7.31 -32.42 -22.42
CA ASP A 60 6.10 -32.07 -23.19
C ASP A 60 6.48 -30.95 -24.16
N LEU A 61 5.55 -30.41 -24.92
CA LEU A 61 5.91 -29.37 -25.87
C LEU A 61 6.55 -28.18 -25.17
N ILE A 62 6.08 -27.88 -23.97
CA ILE A 62 6.65 -26.74 -23.23
C ILE A 62 8.09 -27.04 -22.83
N ASP A 63 8.36 -28.25 -22.30
CA ASP A 63 9.75 -28.57 -21.99
C ASP A 63 10.63 -28.46 -23.23
N HIS A 64 10.14 -29.05 -24.34
CA HIS A 64 10.96 -29.00 -25.53
C HIS A 64 11.25 -27.57 -25.97
N PHE A 65 10.21 -26.74 -25.97
CA PHE A 65 10.35 -25.37 -26.46
C PHE A 65 11.36 -24.63 -25.58
N ILE A 66 11.18 -24.74 -24.27
CA ILE A 66 12.10 -24.08 -23.34
C ILE A 66 13.51 -24.64 -23.40
N ALA A 67 13.66 -25.97 -23.41
CA ALA A 67 15.00 -26.53 -23.40
C ALA A 67 15.76 -26.22 -24.66
N ARG A 68 15.06 -26.15 -25.79
CA ARG A 68 15.72 -25.85 -27.05
C ARG A 68 15.94 -24.35 -27.26
N TYR A 69 14.98 -23.50 -26.86
CA TYR A 69 15.13 -22.09 -27.20
C TYR A 69 15.10 -21.13 -26.03
N GLY A 70 14.81 -21.60 -24.81
CA GLY A 70 14.57 -20.61 -23.77
C GLY A 70 15.69 -20.32 -22.81
N ILE A 71 16.78 -21.08 -22.91
CA ILE A 71 17.85 -20.99 -21.92
C ILE A 71 19.19 -20.86 -22.65
N ASN A 72 20.09 -19.98 -22.22
CA ASN A 72 21.42 -19.89 -22.79
C ASN A 72 22.23 -21.13 -22.36
N LEU A 73 22.26 -22.09 -23.28
CA LEU A 73 22.88 -23.36 -22.96
C LEU A 73 24.37 -23.18 -22.76
N ASN A 74 24.93 -22.07 -23.25
CA ASN A 74 26.39 -21.98 -23.14
C ASN A 74 26.82 -21.70 -21.71
N ARG A 75 25.93 -21.12 -20.90
CA ARG A 75 26.28 -20.81 -19.52
C ARG A 75 25.37 -21.49 -18.52
N ALA A 76 24.42 -22.30 -18.99
CA ALA A 76 23.46 -22.92 -18.08
C ALA A 76 24.13 -23.75 -17.00
N GLU A 77 25.18 -24.51 -17.28
CA GLU A 77 25.80 -25.34 -16.23
C GLU A 77 26.53 -24.53 -15.17
N GLU A 78 27.27 -23.54 -15.63
CA GLU A 78 27.89 -22.55 -14.77
C GLU A 78 26.89 -21.91 -13.81
N VAL A 79 25.78 -21.39 -14.31
CA VAL A 79 24.83 -20.66 -13.48
C VAL A 79 24.08 -21.60 -12.55
N MET A 80 23.74 -22.80 -13.04
CA MET A 80 23.09 -23.76 -12.15
C MET A 80 23.95 -24.01 -10.93
N ALA A 81 25.28 -23.98 -11.13
CA ALA A 81 26.18 -24.26 -10.01
C ALA A 81 26.24 -23.08 -9.05
N MET A 82 25.74 -21.91 -9.42
CA MET A 82 25.83 -20.79 -8.47
C MET A 82 24.79 -20.91 -7.36
N ASP A 83 25.10 -20.31 -6.21
CA ASP A 83 24.25 -20.33 -5.03
C ASP A 83 23.04 -19.42 -5.23
N SER A 84 21.84 -20.00 -5.12
CA SER A 84 20.62 -19.26 -5.38
C SER A 84 20.44 -18.10 -4.41
N VAL A 85 20.98 -18.23 -3.19
CA VAL A 85 20.83 -17.13 -2.25
C VAL A 85 21.70 -15.94 -2.66
N LYS A 86 22.91 -16.23 -3.11
CA LYS A 86 23.77 -15.14 -3.57
C LYS A 86 23.15 -14.46 -4.79
N LEU A 87 22.51 -15.27 -5.65
CA LEU A 87 21.96 -14.69 -6.86
C LEU A 87 20.80 -13.79 -6.48
N ALA A 88 20.00 -14.26 -5.51
CA ALA A 88 18.90 -13.42 -5.04
C ALA A 88 19.43 -12.13 -4.44
N ASN A 89 20.56 -12.23 -3.73
CA ASN A 89 21.22 -11.08 -3.12
C ASN A 89 21.70 -10.16 -4.23
N MET A 90 22.31 -10.74 -5.28
CA MET A 90 22.64 -9.92 -6.44
C MET A 90 21.49 -9.14 -7.01
N LEU A 91 20.32 -9.76 -7.09
CA LEU A 91 19.16 -9.05 -7.66
C LEU A 91 18.82 -7.75 -6.94
N CYS A 92 18.90 -7.75 -5.60
CA CYS A 92 18.48 -6.57 -4.87
C CYS A 92 19.70 -5.73 -4.49
N ASP A 93 20.90 -6.20 -4.77
CA ASP A 93 22.08 -5.40 -4.37
C ASP A 93 22.19 -4.21 -5.31
N PRO A 94 22.18 -2.96 -4.85
CA PRO A 94 22.13 -1.84 -5.80
C PRO A 94 23.42 -1.71 -6.61
N ASN A 95 24.49 -2.37 -6.15
CA ASN A 95 25.80 -2.22 -6.77
C ASN A 95 26.13 -3.39 -7.71
N VAL A 96 25.18 -4.30 -7.89
CA VAL A 96 25.39 -5.33 -8.93
C VAL A 96 24.58 -4.89 -10.15
N LYS A 97 25.25 -4.60 -11.25
CA LYS A 97 24.57 -3.97 -12.38
C LYS A 97 23.54 -4.88 -13.05
N ARG A 98 22.46 -4.30 -13.56
CA ARG A 98 21.52 -5.09 -14.36
C ARG A 98 22.26 -5.88 -15.43
N SER A 99 23.25 -5.22 -16.06
CA SER A 99 23.89 -5.91 -17.18
C SER A 99 24.77 -7.06 -16.69
N GLU A 100 25.06 -7.11 -15.38
CA GLU A 100 25.89 -8.20 -14.90
C GLU A 100 24.98 -9.38 -14.57
N ILE A 101 23.69 -9.08 -14.38
CA ILE A 101 22.74 -10.12 -13.96
C ILE A 101 22.07 -10.85 -15.11
N VAL A 102 21.67 -10.08 -16.11
CA VAL A 102 20.96 -10.64 -17.26
C VAL A 102 21.71 -11.79 -17.91
N PRO A 103 23.03 -11.72 -18.11
CA PRO A 103 23.71 -12.91 -18.62
C PRO A 103 23.56 -14.15 -17.75
N LEU A 104 23.36 -13.97 -16.45
CA LEU A 104 23.20 -15.09 -15.55
C LEU A 104 21.76 -15.59 -15.57
N THR A 105 20.81 -14.67 -15.39
CA THR A 105 19.42 -15.13 -15.34
C THR A 105 18.96 -15.78 -16.63
N THR A 106 19.39 -15.29 -17.79
CA THR A 106 18.96 -15.90 -19.05
C THR A 106 19.65 -17.25 -19.29
N ALA A 107 20.55 -17.62 -18.38
CA ALA A 107 21.09 -18.98 -18.48
C ALA A 107 20.48 -19.86 -17.40
N MET A 108 19.55 -19.34 -16.58
CA MET A 108 18.91 -20.18 -15.57
C MET A 108 17.78 -21.03 -16.11
N THR A 109 17.53 -22.19 -15.48
CA THR A 109 16.32 -22.95 -15.82
C THR A 109 15.12 -22.27 -15.15
N PRO A 110 13.90 -22.51 -15.59
CA PRO A 110 12.74 -21.98 -14.85
C PRO A 110 12.76 -22.29 -13.36
N ALA A 111 13.05 -23.54 -12.96
CA ALA A 111 13.03 -23.84 -11.54
C ALA A 111 14.11 -23.07 -10.79
N LYS A 112 15.25 -22.91 -11.45
CA LYS A 112 16.37 -22.21 -10.82
C LYS A 112 15.98 -20.77 -10.53
N ILE A 113 15.37 -20.05 -11.47
CA ILE A 113 15.13 -18.63 -11.16
C ILE A 113 13.99 -18.50 -10.17
N VAL A 114 13.03 -19.42 -10.21
CA VAL A 114 12.02 -19.43 -9.13
C VAL A 114 12.65 -19.66 -7.76
N GLU A 115 13.60 -20.60 -7.69
CA GLU A 115 14.26 -20.87 -6.42
C GLU A 115 14.95 -19.61 -5.91
N VAL A 116 15.63 -18.92 -6.82
CA VAL A 116 16.26 -17.63 -6.51
C VAL A 116 15.29 -16.60 -5.98
N VAL A 117 14.21 -16.26 -6.71
CA VAL A 117 13.39 -15.16 -6.20
C VAL A 117 12.58 -15.59 -4.98
N SER A 118 12.43 -16.90 -4.75
CA SER A 118 11.65 -17.32 -3.59
C SER A 118 12.43 -17.11 -2.29
N HIS A 119 13.72 -16.80 -2.34
CA HIS A 119 14.44 -16.45 -1.12
C HIS A 119 14.18 -15.01 -0.68
N MET A 120 13.39 -14.28 -1.45
CA MET A 120 13.26 -12.85 -1.22
C MET A 120 11.95 -12.41 -0.59
N ASN A 121 12.00 -11.34 0.21
CA ASN A 121 10.75 -10.76 0.70
C ASN A 121 10.30 -9.66 -0.25
N VAL A 122 9.12 -9.08 -0.02
CA VAL A 122 8.65 -8.21 -1.12
C VAL A 122 9.43 -6.89 -1.19
N VAL A 123 9.99 -6.51 -0.05
CA VAL A 123 10.82 -5.32 -0.03
C VAL A 123 12.05 -5.58 -0.89
N GLU A 124 12.62 -6.78 -0.74
CA GLU A 124 13.79 -7.13 -1.57
C GLU A 124 13.42 -7.21 -3.03
N MET A 125 12.27 -7.82 -3.34
CA MET A 125 11.83 -7.89 -4.72
C MET A 125 11.58 -6.52 -5.32
N MET A 126 11.07 -5.58 -4.52
CA MET A 126 10.85 -4.25 -5.08
C MET A 126 12.20 -3.59 -5.36
N MET A 127 13.12 -3.77 -4.42
CA MET A 127 14.46 -3.21 -4.58
C MET A 127 15.10 -3.71 -5.88
N ALA A 128 14.88 -4.98 -6.17
CA ALA A 128 15.38 -5.62 -7.37
C ALA A 128 14.66 -5.16 -8.63
N MET A 129 13.34 -5.00 -8.54
CA MET A 129 12.56 -4.67 -9.72
C MET A 129 12.90 -3.31 -10.30
N GLN A 130 13.16 -2.34 -9.43
CA GLN A 130 13.49 -1.02 -9.95
C GLN A 130 14.73 -1.09 -10.82
N LYS A 131 15.65 -2.01 -10.47
CA LYS A 131 16.87 -2.18 -11.24
C LYS A 131 16.69 -3.03 -12.49
N MET A 132 15.92 -4.11 -12.39
CA MET A 132 15.82 -5.09 -13.46
C MET A 132 14.83 -4.66 -14.53
N ARG A 133 13.93 -3.75 -14.23
CA ARG A 133 13.02 -3.18 -15.22
C ARG A 133 13.79 -2.77 -16.47
N ALA A 134 13.36 -3.22 -17.64
CA ALA A 134 14.11 -2.99 -18.88
C ALA A 134 14.15 -1.52 -19.27
N ARG A 135 13.01 -0.83 -19.31
CA ARG A 135 13.01 0.59 -19.70
C ARG A 135 13.39 1.45 -18.51
N ARG A 136 14.31 2.39 -18.69
CA ARG A 136 14.65 3.30 -17.59
C ARG A 136 13.42 4.03 -17.04
N THR A 137 12.54 4.48 -17.92
CA THR A 137 11.33 5.23 -17.63
C THR A 137 10.14 4.30 -17.43
N PRO A 138 9.50 4.34 -16.26
CA PRO A 138 8.31 3.49 -16.06
C PRO A 138 7.12 4.02 -16.85
N SER A 139 6.14 3.20 -17.14
CA SER A 139 5.01 3.74 -17.90
C SER A 139 3.70 3.17 -17.37
N GLN A 140 2.65 3.29 -18.17
CA GLN A 140 1.33 2.88 -17.73
C GLN A 140 0.42 2.50 -18.90
N GLN A 141 -0.52 1.58 -18.69
CA GLN A 141 -1.42 1.15 -19.75
C GLN A 141 -2.84 1.12 -19.20
N ALA A 142 -3.80 1.54 -20.02
CA ALA A 142 -5.19 1.59 -19.56
C ALA A 142 -6.14 0.78 -20.43
N HIS A 143 -7.25 0.39 -19.78
CA HIS A 143 -8.35 -0.15 -20.54
C HIS A 143 -9.30 0.99 -20.92
N VAL A 144 -9.76 0.94 -22.15
CA VAL A 144 -10.83 1.82 -22.61
C VAL A 144 -11.94 0.97 -23.21
N THR A 145 -13.00 0.74 -22.48
CA THR A 145 -14.11 -0.13 -22.85
C THR A 145 -15.41 0.45 -22.29
N ASN A 146 -16.56 -0.05 -22.77
CA ASN A 146 -17.82 0.28 -22.11
C ASN A 146 -18.80 -0.83 -22.47
N VAL A 147 -19.80 -0.96 -21.61
CA VAL A 147 -20.64 -2.13 -21.71
C VAL A 147 -21.54 -2.10 -22.95
N LYS A 148 -21.57 -0.99 -23.69
CA LYS A 148 -22.35 -0.85 -24.92
C LYS A 148 -21.48 -0.88 -26.17
N ASP A 149 -20.17 -0.98 -26.04
CA ASP A 149 -19.28 -0.84 -27.19
C ASP A 149 -19.57 0.47 -27.91
N ASN A 150 -19.89 1.49 -27.13
CA ASN A 150 -20.18 2.80 -27.74
C ASN A 150 -18.87 3.42 -28.23
N PRO A 151 -18.79 3.62 -29.55
CA PRO A 151 -17.52 4.08 -30.16
C PRO A 151 -17.26 5.54 -29.87
N VAL A 152 -18.31 6.35 -29.79
CA VAL A 152 -18.09 7.75 -29.45
C VAL A 152 -17.48 7.85 -28.06
N GLN A 153 -18.02 7.05 -27.13
CA GLN A 153 -17.54 7.07 -25.76
C GLN A 153 -16.09 6.58 -25.66
N ILE A 154 -15.82 5.48 -26.35
CA ILE A 154 -14.45 4.96 -26.35
C ILE A 154 -13.47 6.01 -26.85
N ALA A 155 -13.78 6.74 -27.93
CA ALA A 155 -12.85 7.76 -28.41
C ALA A 155 -12.65 8.81 -27.33
N ALA A 156 -13.72 9.25 -26.67
CA ALA A 156 -13.55 10.31 -25.67
C ALA A 156 -12.77 9.80 -24.46
N ASP A 157 -13.09 8.62 -23.96
CA ASP A 157 -12.40 8.04 -22.80
C ASP A 157 -10.93 7.82 -23.11
N ALA A 158 -10.66 7.46 -24.37
CA ALA A 158 -9.31 7.23 -24.84
C ALA A 158 -8.50 8.52 -24.91
N ALA A 159 -9.13 9.60 -25.36
CA ALA A 159 -8.44 10.90 -25.39
C ALA A 159 -8.12 11.33 -23.97
N GLU A 160 -9.08 11.23 -23.05
CA GLU A 160 -8.82 11.57 -21.66
C GLU A 160 -7.70 10.74 -21.03
N GLY A 161 -7.70 9.44 -21.26
CA GLY A 161 -6.67 8.55 -20.73
C GLY A 161 -5.29 8.88 -21.28
N ALA A 162 -5.19 9.15 -22.57
CA ALA A 162 -3.93 9.58 -23.17
C ALA A 162 -3.45 10.90 -22.56
N TRP A 163 -4.38 11.82 -22.39
CA TRP A 163 -4.08 13.09 -21.73
C TRP A 163 -3.57 12.94 -20.31
N ARG A 164 -4.15 12.01 -19.56
CA ARG A 164 -3.76 11.72 -18.18
C ARG A 164 -2.40 11.06 -18.08
N GLY A 165 -1.95 10.41 -19.15
CA GLY A 165 -0.60 9.89 -19.18
C GLY A 165 -0.39 8.48 -19.66
N PHE A 166 -1.44 7.71 -19.92
CA PHE A 166 -1.24 6.34 -20.39
C PHE A 166 -0.50 6.33 -21.72
N ASP A 167 0.50 5.47 -21.89
CA ASP A 167 1.27 5.39 -23.11
C ASP A 167 0.81 4.26 -24.02
N GLU A 168 -0.06 3.40 -23.49
CA GLU A 168 -0.68 2.30 -24.20
C GLU A 168 -2.13 2.21 -23.71
N GLN A 169 -3.08 1.93 -24.57
CA GLN A 169 -4.48 1.79 -24.17
C GLN A 169 -5.08 0.62 -24.94
N GLU A 170 -5.98 -0.08 -24.29
CA GLU A 170 -6.49 -1.39 -24.67
C GLU A 170 -8.00 -1.44 -24.63
N THR A 171 -8.61 -1.84 -25.76
CA THR A 171 -10.07 -1.99 -25.74
C THR A 171 -10.39 -3.47 -25.95
N THR A 172 -11.63 -3.80 -25.76
CA THR A 172 -12.17 -5.14 -26.01
C THR A 172 -13.68 -4.96 -26.12
N VAL A 173 -14.40 -6.04 -26.29
CA VAL A 173 -15.78 -5.90 -26.74
C VAL A 173 -16.74 -6.49 -25.71
N ALA A 174 -17.93 -5.92 -25.64
CA ALA A 174 -19.06 -6.53 -24.96
C ALA A 174 -19.69 -7.52 -25.95
N VAL A 175 -19.81 -7.05 -27.20
CA VAL A 175 -20.36 -7.81 -28.31
C VAL A 175 -19.28 -7.89 -29.39
N ALA A 176 -18.74 -9.08 -29.62
CA ALA A 176 -17.50 -9.31 -30.35
C ALA A 176 -17.52 -8.71 -31.75
N ARG A 177 -18.67 -8.73 -32.40
CA ARG A 177 -18.80 -8.20 -33.75
C ARG A 177 -18.60 -6.70 -33.82
N TYR A 178 -18.64 -6.02 -32.68
CA TYR A 178 -18.37 -4.58 -32.66
C TYR A 178 -16.88 -4.25 -32.85
N ALA A 179 -15.99 -5.20 -32.62
CA ALA A 179 -14.56 -5.03 -32.50
C ALA A 179 -13.95 -4.00 -33.43
N PRO A 180 -14.16 -4.02 -34.75
CA PRO A 180 -13.51 -3.00 -35.59
C PRO A 180 -13.89 -1.57 -35.23
N PHE A 181 -15.14 -1.31 -34.83
CA PHE A 181 -15.49 0.04 -34.39
C PHE A 181 -14.70 0.39 -33.13
N ASN A 182 -14.71 -0.51 -32.16
CA ASN A 182 -13.98 -0.24 -30.92
C ASN A 182 -12.52 0.10 -31.21
N ALA A 183 -11.92 -0.68 -32.11
CA ALA A 183 -10.50 -0.51 -32.39
C ALA A 183 -10.23 0.88 -32.98
N ILE A 184 -11.03 1.19 -33.99
CA ILE A 184 -10.86 2.48 -34.66
C ILE A 184 -11.15 3.62 -33.68
N ALA A 185 -12.19 3.47 -32.89
CA ALA A 185 -12.52 4.52 -31.94
C ALA A 185 -11.39 4.76 -30.95
N LEU A 186 -10.81 3.66 -30.46
CA LEU A 186 -9.68 3.72 -29.54
C LEU A 186 -8.48 4.41 -30.18
N LEU A 187 -8.20 4.06 -31.44
CA LEU A 187 -7.01 4.61 -32.08
C LEU A 187 -7.16 6.10 -32.31
N VAL A 188 -8.36 6.47 -32.78
CA VAL A 188 -8.54 7.90 -33.06
C VAL A 188 -8.46 8.71 -31.77
N GLY A 189 -9.25 8.29 -30.79
CA GLY A 189 -9.31 9.03 -29.53
C GLY A 189 -7.93 9.09 -28.87
N SER A 190 -7.18 7.99 -28.95
CA SER A 190 -5.82 7.96 -28.40
C SER A 190 -4.90 8.97 -29.08
N GLN A 191 -4.88 9.05 -30.41
CA GLN A 191 -4.03 10.05 -31.05
C GLN A 191 -4.46 11.48 -30.76
N VAL A 192 -5.74 11.71 -30.47
CA VAL A 192 -6.19 13.07 -30.13
C VAL A 192 -5.65 13.45 -28.77
N GLY A 193 -5.73 12.53 -27.82
CA GLY A 193 -5.21 12.78 -26.48
C GLY A 193 -3.71 13.01 -26.42
N ARG A 194 -2.96 12.12 -27.08
CA ARG A 194 -1.51 12.25 -27.20
C ARG A 194 -0.99 11.43 -28.38
N PRO A 195 -0.61 12.12 -29.45
CA PRO A 195 -0.07 11.45 -30.63
C PRO A 195 1.08 10.54 -30.21
N GLY A 196 1.06 9.25 -30.56
CA GLY A 196 2.13 8.40 -30.01
C GLY A 196 1.55 7.30 -29.14
N VAL A 197 0.42 7.50 -28.45
CA VAL A 197 -0.11 6.41 -27.63
C VAL A 197 -0.42 5.16 -28.44
N LEU A 198 -0.02 3.98 -27.98
CA LEU A 198 -0.23 2.77 -28.77
C LEU A 198 -1.54 2.09 -28.40
N THR A 199 -2.21 1.49 -29.40
CA THR A 199 -3.51 0.89 -29.08
C THR A 199 -3.61 -0.54 -29.57
N GLN A 200 -4.42 -1.32 -28.85
CA GLN A 200 -4.69 -2.73 -29.11
C GLN A 200 -6.17 -3.07 -28.90
N CYS A 201 -6.62 -4.14 -29.53
CA CYS A 201 -8.01 -4.59 -29.40
C CYS A 201 -7.97 -6.11 -29.24
N SER A 202 -8.26 -6.51 -28.01
CA SER A 202 -7.99 -7.86 -27.52
C SER A 202 -9.13 -8.80 -27.87
N LEU A 203 -8.84 -9.80 -28.68
CA LEU A 203 -9.87 -10.67 -29.25
C LEU A 203 -9.37 -12.10 -29.32
N GLU A 204 -10.14 -12.98 -29.96
CA GLU A 204 -9.64 -14.30 -30.34
C GLU A 204 -8.40 -14.11 -31.22
N GLU A 205 -7.43 -15.03 -31.11
CA GLU A 205 -6.13 -14.84 -31.75
C GLU A 205 -6.24 -14.63 -33.24
N ALA A 206 -6.93 -15.48 -34.03
CA ALA A 206 -6.88 -15.22 -35.46
C ALA A 206 -7.57 -13.91 -35.81
N THR A 207 -8.65 -13.64 -35.09
CA THR A 207 -9.47 -12.46 -35.34
C THR A 207 -8.71 -11.18 -35.07
N GLU A 208 -7.93 -11.19 -33.98
CA GLU A 208 -7.11 -10.05 -33.59
C GLU A 208 -6.00 -9.80 -34.61
N LEU A 209 -5.34 -10.85 -35.10
CA LEU A 209 -4.26 -10.67 -36.08
C LEU A 209 -4.83 -10.05 -37.34
N LYS A 210 -6.00 -10.54 -37.75
CA LYS A 210 -6.59 -9.99 -38.97
C LYS A 210 -6.92 -8.52 -38.78
N LEU A 211 -7.44 -8.16 -37.61
CA LEU A 211 -7.73 -6.74 -37.36
C LEU A 211 -6.46 -5.92 -37.50
N GLY A 212 -5.39 -6.52 -36.97
CA GLY A 212 -4.11 -5.82 -37.05
C GLY A 212 -3.66 -5.76 -38.50
N MET A 213 -3.93 -6.83 -39.25
CA MET A 213 -3.46 -6.75 -40.63
C MET A 213 -4.16 -5.64 -41.40
N LEU A 214 -5.38 -5.26 -41.03
CA LEU A 214 -6.16 -4.22 -41.69
C LEU A 214 -5.77 -2.82 -41.23
N GLY A 215 -4.92 -2.75 -40.20
CA GLY A 215 -4.31 -1.49 -39.83
C GLY A 215 -5.03 -0.70 -38.78
N HIS A 216 -5.94 -1.35 -38.05
CA HIS A 216 -6.75 -0.63 -37.07
C HIS A 216 -6.24 -0.77 -35.65
N THR A 217 -5.04 -1.34 -35.50
CA THR A 217 -4.38 -1.42 -34.19
C THR A 217 -2.89 -1.07 -34.29
N CYS A 218 -2.23 -0.74 -33.17
CA CYS A 218 -0.81 -0.46 -33.12
C CYS A 218 0.01 -1.60 -32.53
N TYR A 219 -0.62 -2.45 -31.74
CA TYR A 219 0.09 -3.59 -31.14
C TYR A 219 -0.91 -4.63 -30.65
N ALA A 220 -0.38 -5.75 -30.15
CA ALA A 220 -1.23 -6.80 -29.60
C ALA A 220 -0.57 -7.28 -28.31
N GLU A 221 -1.40 -7.65 -27.34
CA GLU A 221 -0.80 -8.04 -26.06
C GLU A 221 -1.35 -9.35 -25.52
N THR A 222 -2.65 -9.60 -25.72
CA THR A 222 -3.31 -10.75 -25.08
C THR A 222 -3.07 -12.02 -25.88
N ILE A 223 -1.79 -12.23 -26.19
CA ILE A 223 -1.31 -13.32 -27.03
C ILE A 223 -0.91 -14.38 -26.01
N SER A 224 -1.90 -15.15 -25.60
CA SER A 224 -1.79 -15.97 -24.40
C SER A 224 -0.89 -17.19 -24.47
N VAL A 225 -0.09 -17.42 -23.42
CA VAL A 225 0.62 -18.68 -23.28
C VAL A 225 0.31 -19.25 -21.89
N TYR A 226 0.57 -20.54 -21.70
CA TYR A 226 0.10 -21.26 -20.51
C TYR A 226 1.19 -22.22 -20.06
N GLY A 227 1.17 -22.58 -18.79
CA GLY A 227 2.30 -23.33 -18.25
C GLY A 227 2.20 -24.82 -18.09
N THR A 228 1.09 -25.40 -18.53
CA THR A 228 1.03 -26.85 -18.69
C THR A 228 0.50 -27.17 -20.07
N GLU A 229 0.96 -28.31 -20.59
CA GLU A 229 0.50 -28.68 -21.93
C GLU A 229 -1.01 -28.85 -22.07
N PRO A 230 -1.69 -29.54 -21.17
CA PRO A 230 -3.15 -29.65 -21.33
C PRO A 230 -3.84 -28.29 -21.27
N VAL A 231 -3.32 -27.38 -20.45
CA VAL A 231 -4.01 -26.09 -20.37
C VAL A 231 -3.75 -25.30 -21.64
N PHE A 232 -2.51 -25.38 -22.14
CA PHE A 232 -2.13 -24.69 -23.37
C PHE A 232 -3.00 -25.16 -24.55
N THR A 233 -3.24 -26.46 -24.57
CA THR A 233 -4.10 -27.12 -25.56
C THR A 233 -5.52 -26.59 -25.45
N ASP A 234 -6.11 -26.54 -24.25
CA ASP A 234 -7.44 -25.94 -24.14
C ASP A 234 -7.41 -24.45 -24.49
N GLY A 235 -6.24 -23.81 -24.47
CA GLY A 235 -6.12 -22.43 -24.91
C GLY A 235 -6.00 -22.32 -26.42
N ASP A 236 -6.16 -23.48 -27.07
CA ASP A 236 -6.18 -23.64 -28.52
C ASP A 236 -4.89 -23.15 -29.18
N ASP A 237 -3.76 -23.49 -28.52
CA ASP A 237 -2.48 -23.18 -29.15
C ASP A 237 -1.43 -24.19 -28.69
N THR A 238 -0.24 -24.09 -29.24
CA THR A 238 0.97 -24.75 -28.75
C THR A 238 2.08 -23.71 -28.68
N PRO A 239 3.22 -23.98 -28.07
CA PRO A 239 4.31 -22.98 -28.12
C PRO A 239 4.69 -22.61 -29.54
N TRP A 240 4.54 -23.57 -30.47
CA TRP A 240 4.93 -23.30 -31.84
C TRP A 240 3.87 -22.47 -32.57
N SER A 241 2.57 -22.70 -32.35
CA SER A 241 1.58 -21.83 -33.02
C SER A 241 1.73 -20.42 -32.46
N LYS A 242 2.01 -20.31 -31.16
CA LYS A 242 2.14 -18.98 -30.57
C LYS A 242 3.46 -18.33 -30.99
N GLY A 243 4.54 -19.08 -31.20
CA GLY A 243 5.74 -18.43 -31.73
C GLY A 243 5.59 -17.94 -33.16
N PHE A 244 4.87 -18.69 -33.98
CA PHE A 244 4.58 -18.34 -35.35
C PHE A 244 3.75 -17.06 -35.41
N LEU A 245 2.73 -17.01 -34.56
CA LEU A 245 1.86 -15.85 -34.41
C LEU A 245 2.70 -14.61 -34.05
N ALA A 246 3.58 -14.73 -33.06
CA ALA A 246 4.52 -13.67 -32.67
C ALA A 246 5.26 -13.18 -33.91
N SER A 247 5.80 -14.13 -34.67
CA SER A 247 6.59 -13.69 -35.83
C SER A 247 5.67 -13.10 -36.90
N SER A 248 4.43 -13.57 -36.93
CA SER A 248 3.47 -13.05 -37.90
C SER A 248 3.16 -11.57 -37.62
N TYR A 249 2.97 -11.20 -36.37
CA TYR A 249 2.79 -9.80 -35.98
C TYR A 249 3.99 -8.97 -36.42
N ALA A 250 5.18 -9.47 -36.05
CA ALA A 250 6.37 -8.69 -36.42
C ALA A 250 6.51 -8.57 -37.94
N SER A 251 6.06 -9.54 -38.72
CA SER A 251 6.19 -9.49 -40.17
C SER A 251 5.28 -8.44 -40.80
N ARG A 252 4.30 -7.98 -40.04
CA ARG A 252 3.43 -6.87 -40.39
C ARG A 252 3.87 -5.60 -39.67
N GLY A 253 5.04 -5.64 -39.04
CA GLY A 253 5.59 -4.45 -38.40
C GLY A 253 4.89 -4.02 -37.12
N LEU A 254 4.11 -4.93 -36.54
CA LEU A 254 3.34 -4.65 -35.33
C LEU A 254 4.04 -5.07 -34.05
N LYS A 255 4.16 -4.17 -33.10
CA LYS A 255 4.64 -4.50 -31.76
C LYS A 255 3.79 -5.61 -31.17
N MET A 256 4.35 -6.58 -30.44
CA MET A 256 3.43 -7.45 -29.69
C MET A 256 4.18 -7.97 -28.46
N ARG A 257 3.39 -8.47 -27.52
CA ARG A 257 3.90 -9.15 -26.33
C ARG A 257 3.01 -10.37 -26.12
N PHE A 258 3.45 -11.34 -25.33
CA PHE A 258 2.60 -12.43 -24.88
C PHE A 258 1.86 -11.97 -23.62
N THR A 259 0.87 -12.76 -23.20
CA THR A 259 0.27 -12.62 -21.88
C THR A 259 0.33 -13.98 -21.17
N SER A 260 0.66 -13.95 -19.89
CA SER A 260 0.49 -15.13 -19.04
C SER A 260 0.00 -14.68 -17.68
N GLY A 261 0.33 -15.35 -16.59
CA GLY A 261 -0.10 -14.86 -15.27
C GLY A 261 -0.35 -16.07 -14.37
N SER A 262 0.13 -16.01 -13.14
CA SER A 262 -0.05 -17.10 -12.18
C SER A 262 -1.53 -17.46 -12.01
N GLY A 263 -1.81 -18.74 -11.88
CA GLY A 263 -3.11 -19.29 -11.57
C GLY A 263 -3.95 -19.73 -12.75
N SER A 264 -3.51 -19.47 -13.98
CA SER A 264 -4.29 -19.84 -15.14
C SER A 264 -4.48 -21.35 -15.18
N GLU A 265 -3.44 -22.09 -14.79
CA GLU A 265 -3.48 -23.54 -14.96
C GLU A 265 -4.39 -24.18 -13.92
N VAL A 266 -4.40 -23.64 -12.71
CA VAL A 266 -5.35 -24.02 -11.67
C VAL A 266 -6.75 -23.72 -12.18
N GLN A 267 -6.96 -22.48 -12.59
CA GLN A 267 -8.26 -22.05 -13.10
C GLN A 267 -8.74 -22.96 -14.22
N MET A 268 -7.82 -23.43 -15.04
CA MET A 268 -8.20 -24.22 -16.20
C MET A 268 -8.05 -25.72 -15.97
N GLY A 269 -7.84 -26.13 -14.73
CA GLY A 269 -7.99 -27.51 -14.33
C GLY A 269 -6.79 -28.43 -14.40
N TYR A 270 -5.62 -27.95 -14.82
CA TYR A 270 -4.48 -28.89 -14.91
C TYR A 270 -3.18 -28.22 -14.43
N ALA A 271 -2.89 -28.26 -13.14
CA ALA A 271 -1.65 -27.65 -12.64
C ALA A 271 -0.49 -28.64 -12.56
N GLU A 272 -0.77 -29.90 -12.86
CA GLU A 272 0.22 -30.97 -12.79
C GLU A 272 0.93 -30.96 -11.45
N GLY A 273 0.17 -30.68 -10.39
CA GLY A 273 0.68 -30.64 -9.04
C GLY A 273 1.65 -29.54 -8.66
N LYS A 274 1.93 -28.59 -9.55
CA LYS A 274 2.95 -27.58 -9.31
C LYS A 274 2.39 -26.26 -8.79
N SER A 275 3.22 -25.45 -8.12
CA SER A 275 2.82 -24.14 -7.66
C SER A 275 2.57 -23.18 -8.82
N MET A 276 1.80 -22.13 -8.50
CA MET A 276 1.45 -21.18 -9.56
C MET A 276 2.69 -20.48 -10.10
N LEU A 277 3.62 -20.11 -9.21
CA LEU A 277 4.82 -19.40 -9.64
C LEU A 277 5.68 -20.29 -10.53
N TYR A 278 5.81 -21.58 -10.18
CA TYR A 278 6.66 -22.41 -11.04
C TYR A 278 6.07 -22.54 -12.44
N LEU A 279 4.77 -22.76 -12.52
CA LEU A 279 4.12 -22.84 -13.83
C LEU A 279 4.20 -21.51 -14.56
N GLU A 280 4.13 -20.40 -13.82
CA GLU A 280 4.22 -19.10 -14.50
C GLU A 280 5.64 -18.91 -15.01
N ALA A 281 6.64 -19.45 -14.28
CA ALA A 281 8.00 -19.34 -14.81
C ALA A 281 8.07 -20.04 -16.15
N ARG A 282 7.40 -21.20 -16.28
CA ARG A 282 7.45 -21.84 -17.60
C ARG A 282 6.89 -20.93 -18.69
N CYS A 283 5.83 -20.19 -18.36
CA CYS A 283 5.21 -19.26 -19.30
C CYS A 283 6.19 -18.17 -19.67
N ILE A 284 6.96 -17.76 -18.66
CA ILE A 284 7.90 -16.65 -18.93
C ILE A 284 9.00 -17.11 -19.85
N TYR A 285 9.44 -18.35 -19.66
CA TYR A 285 10.46 -18.90 -20.56
C TYR A 285 9.89 -19.24 -21.93
N ILE A 286 8.61 -19.60 -21.99
CA ILE A 286 8.01 -19.81 -23.32
C ILE A 286 8.10 -18.52 -24.11
N THR A 287 7.81 -17.43 -23.39
CA THR A 287 7.89 -16.10 -24.01
C THR A 287 9.30 -15.77 -24.49
N LYS A 288 10.27 -15.93 -23.60
CA LYS A 288 11.66 -15.72 -23.98
C LYS A 288 12.06 -16.55 -25.20
N ALA A 289 11.74 -17.84 -25.19
CA ALA A 289 12.07 -18.82 -26.21
C ALA A 289 11.47 -18.47 -27.57
N ALA A 290 10.27 -17.88 -27.51
CA ALA A 290 9.59 -17.53 -28.75
C ALA A 290 10.26 -16.32 -29.40
N GLY A 291 11.05 -15.60 -28.60
CA GLY A 291 11.69 -14.42 -29.16
C GLY A 291 10.74 -13.22 -29.06
N VAL A 292 9.76 -13.35 -28.16
CA VAL A 292 8.85 -12.21 -27.90
C VAL A 292 9.48 -11.21 -26.94
N GLN A 293 9.36 -9.91 -27.22
CA GLN A 293 10.15 -8.94 -26.45
C GLN A 293 9.67 -8.72 -25.02
N GLY A 294 8.38 -8.93 -24.78
CA GLY A 294 7.76 -8.52 -23.54
C GLY A 294 6.62 -9.43 -23.17
N LEU A 295 6.11 -9.22 -21.95
CA LEU A 295 5.07 -10.10 -21.42
C LEU A 295 4.14 -9.34 -20.50
N GLN A 296 2.85 -9.55 -20.62
CA GLN A 296 1.90 -9.07 -19.60
C GLN A 296 1.76 -10.18 -18.56
N ASN A 297 2.16 -10.00 -17.31
CA ASN A 297 1.99 -11.05 -16.29
C ASN A 297 1.85 -10.42 -14.91
N GLY A 298 1.74 -11.23 -13.87
CA GLY A 298 1.31 -10.77 -12.56
C GLY A 298 -0.12 -11.22 -12.29
N SER A 299 -0.42 -12.47 -12.59
CA SER A 299 -1.69 -13.19 -12.59
C SER A 299 -2.68 -12.66 -13.62
N VAL A 300 -2.74 -11.35 -13.80
CA VAL A 300 -3.65 -10.76 -14.79
C VAL A 300 -5.07 -11.21 -14.54
N SER A 301 -5.77 -11.85 -15.46
CA SER A 301 -7.19 -12.14 -15.28
C SER A 301 -7.46 -13.26 -14.27
N CYS A 302 -6.44 -14.00 -13.86
CA CYS A 302 -6.69 -15.06 -12.90
C CYS A 302 -6.35 -14.66 -11.47
N ILE A 303 -6.36 -13.36 -11.22
CA ILE A 303 -5.84 -12.88 -9.92
C ILE A 303 -6.59 -13.43 -8.72
N GLY A 304 -7.84 -13.85 -8.90
CA GLY A 304 -8.59 -14.43 -7.79
C GLY A 304 -8.01 -15.77 -7.35
N VAL A 305 -7.16 -16.34 -8.20
CA VAL A 305 -6.59 -17.64 -7.86
C VAL A 305 -5.38 -17.46 -6.95
N PRO A 306 -4.27 -16.82 -7.30
CA PRO A 306 -3.21 -16.66 -6.29
C PRO A 306 -3.64 -15.83 -5.08
N SER A 307 -4.54 -14.87 -5.30
CA SER A 307 -4.89 -14.04 -4.15
C SER A 307 -5.62 -14.84 -3.08
N ALA A 308 -6.22 -15.95 -3.48
CA ALA A 308 -6.99 -16.75 -2.52
C ALA A 308 -6.09 -17.45 -1.51
N VAL A 309 -4.82 -17.70 -1.84
CA VAL A 309 -3.96 -18.53 -1.00
C VAL A 309 -2.83 -17.73 -0.37
N PRO A 310 -2.15 -18.27 0.63
CA PRO A 310 -1.02 -17.52 1.23
C PRO A 310 0.09 -17.11 0.24
N SER A 311 0.60 -15.89 0.46
CA SER A 311 1.72 -15.34 -0.30
C SER A 311 1.37 -15.22 -1.77
N GLY A 312 0.08 -15.12 -2.12
CA GLY A 312 -0.28 -15.02 -3.53
C GLY A 312 0.11 -13.67 -4.12
N ILE A 313 0.00 -12.58 -3.35
CA ILE A 313 0.34 -11.26 -3.90
C ILE A 313 1.84 -11.08 -3.95
N ARG A 314 2.53 -11.70 -2.99
CA ARG A 314 4.00 -11.77 -3.07
C ARG A 314 4.43 -12.56 -4.30
N ALA A 315 3.74 -13.65 -4.64
CA ALA A 315 4.05 -14.46 -5.82
C ALA A 315 3.90 -13.65 -7.10
N VAL A 316 2.87 -12.82 -7.10
CA VAL A 316 2.57 -11.96 -8.24
C VAL A 316 3.72 -10.98 -8.46
N LEU A 317 4.21 -10.36 -7.40
CA LEU A 317 5.40 -9.52 -7.56
C LEU A 317 6.59 -10.35 -8.04
N ALA A 318 6.72 -11.54 -7.46
CA ALA A 318 7.85 -12.40 -7.88
C ALA A 318 7.79 -12.72 -9.36
N GLU A 319 6.60 -13.03 -9.88
CA GLU A 319 6.55 -13.40 -11.31
C GLU A 319 6.91 -12.19 -12.16
N ASN A 320 6.54 -11.00 -11.72
CA ASN A 320 6.94 -9.80 -12.45
C ASN A 320 8.46 -9.67 -12.42
N LEU A 321 9.03 -9.91 -11.25
CA LEU A 321 10.50 -9.80 -11.14
C LEU A 321 11.21 -10.81 -12.02
N ILE A 322 10.69 -12.04 -12.12
CA ILE A 322 11.32 -13.04 -12.98
C ILE A 322 11.26 -12.55 -14.43
N CYS A 323 10.12 -11.99 -14.81
CA CYS A 323 9.95 -11.46 -16.16
C CYS A 323 11.02 -10.41 -16.49
N SER A 324 11.10 -9.38 -15.65
CA SER A 324 12.12 -8.36 -15.94
C SER A 324 13.51 -8.97 -15.85
N SER A 325 13.71 -9.83 -14.85
CA SER A 325 15.06 -10.34 -14.66
C SER A 325 15.52 -11.14 -15.88
N LEU A 326 14.59 -11.76 -16.61
CA LEU A 326 14.94 -12.52 -17.81
C LEU A 326 15.03 -11.57 -19.01
N ASP A 327 15.13 -10.29 -18.75
CA ASP A 327 15.30 -9.26 -19.78
C ASP A 327 14.13 -9.18 -20.76
N LEU A 328 12.91 -9.26 -20.27
CA LEU A 328 11.67 -9.03 -21.00
C LEU A 328 10.98 -7.79 -20.43
N GLU A 329 10.39 -7.01 -21.32
CA GLU A 329 9.45 -5.97 -20.90
C GLU A 329 8.38 -6.64 -20.05
N CYS A 330 8.02 -6.04 -18.94
CA CYS A 330 6.95 -6.51 -18.09
C CYS A 330 5.80 -5.49 -18.02
N ALA A 331 4.64 -5.83 -18.56
CA ALA A 331 3.41 -5.06 -18.37
C ALA A 331 2.76 -5.69 -17.12
N SER A 332 2.91 -5.10 -15.94
CA SER A 332 2.74 -5.84 -14.68
C SER A 332 1.34 -5.79 -14.08
N SER A 333 0.33 -6.18 -14.82
CA SER A 333 -1.05 -6.41 -14.39
C SER A 333 -1.64 -5.24 -13.64
N ASN A 334 -2.10 -5.41 -12.39
CA ASN A 334 -2.80 -4.34 -11.70
C ASN A 334 -3.98 -3.85 -12.54
N ASP A 335 -4.57 -4.80 -13.25
CA ASP A 335 -5.58 -4.53 -14.25
C ASP A 335 -6.87 -5.33 -14.07
N GLN A 336 -6.98 -6.06 -12.97
CA GLN A 336 -8.10 -6.98 -12.75
C GLN A 336 -8.55 -7.02 -11.29
N THR A 337 -9.87 -7.04 -11.07
CA THR A 337 -10.38 -7.06 -9.70
C THR A 337 -10.14 -8.38 -9.00
N PHE A 338 -9.70 -8.29 -7.74
CA PHE A 338 -9.61 -9.51 -6.94
C PHE A 338 -10.20 -9.30 -5.56
N THR A 339 -10.55 -8.05 -5.20
CA THR A 339 -10.98 -7.81 -3.81
C THR A 339 -12.08 -6.77 -3.75
N HIS A 340 -12.92 -6.85 -2.72
CA HIS A 340 -13.85 -5.78 -2.41
C HIS A 340 -13.19 -4.70 -1.56
N SER A 341 -11.94 -4.91 -1.14
CA SER A 341 -11.37 -3.98 -0.16
C SER A 341 -10.39 -2.98 -0.75
N ASP A 342 -10.63 -1.69 -0.52
CA ASP A 342 -9.71 -0.67 -0.98
C ASP A 342 -8.31 -0.82 -0.38
N MET A 343 -8.25 -1.17 0.91
CA MET A 343 -6.96 -1.41 1.55
C MET A 343 -6.17 -2.48 0.79
N ARG A 344 -6.85 -3.59 0.53
CA ARG A 344 -6.19 -4.77 0.00
C ARG A 344 -5.74 -4.53 -1.43
N ARG A 345 -6.57 -3.83 -2.22
CA ARG A 345 -6.15 -3.69 -3.62
C ARG A 345 -5.00 -2.68 -3.73
N THR A 346 -4.92 -1.79 -2.73
CA THR A 346 -3.83 -0.81 -2.70
C THR A 346 -2.50 -1.47 -2.39
N ALA A 347 -2.51 -2.38 -1.42
CA ALA A 347 -1.28 -3.11 -1.12
C ALA A 347 -0.81 -3.90 -2.33
N ARG A 348 -1.73 -4.49 -3.09
CA ARG A 348 -1.35 -5.30 -4.26
C ARG A 348 -0.75 -4.45 -5.36
N LEU A 349 -1.26 -3.22 -5.50
CA LEU A 349 -0.80 -2.33 -6.54
C LEU A 349 0.57 -1.73 -6.18
N LEU A 350 0.81 -1.44 -4.91
CA LEU A 350 2.06 -0.76 -4.55
C LEU A 350 3.30 -1.61 -4.84
N MET A 351 3.16 -2.93 -4.88
CA MET A 351 4.30 -3.80 -5.13
C MET A 351 4.97 -3.43 -6.46
N GLN A 352 4.18 -3.03 -7.46
CA GLN A 352 4.68 -2.64 -8.78
C GLN A 352 4.82 -1.12 -8.89
N PHE A 353 3.88 -0.41 -8.28
CA PHE A 353 3.89 1.06 -8.35
C PHE A 353 5.11 1.64 -7.68
N LEU A 354 5.49 1.15 -6.50
CA LEU A 354 6.62 1.78 -5.83
C LEU A 354 7.93 1.60 -6.59
N PRO A 355 8.34 0.40 -6.98
CA PRO A 355 9.57 0.29 -7.76
C PRO A 355 9.50 0.87 -9.17
N GLY A 356 8.33 0.78 -9.79
CA GLY A 356 8.23 1.13 -11.21
C GLY A 356 8.51 -0.08 -12.09
N THR A 357 7.66 -0.33 -13.07
CA THR A 357 7.84 -1.36 -14.08
C THR A 357 7.65 -0.76 -15.46
N ASP A 358 7.81 -1.55 -16.53
CA ASP A 358 7.62 -1.01 -17.88
C ASP A 358 6.22 -0.44 -18.05
N PHE A 359 5.23 -1.16 -17.52
CA PHE A 359 3.85 -0.68 -17.44
C PHE A 359 3.33 -1.05 -16.05
N ILE A 360 3.28 -0.07 -15.16
CA ILE A 360 2.96 -0.29 -13.75
C ILE A 360 1.68 -1.10 -13.65
N SER A 361 0.66 -0.67 -14.42
CA SER A 361 -0.48 -1.51 -14.69
C SER A 361 -0.51 -1.80 -16.21
N SER A 362 -1.01 -2.98 -16.50
CA SER A 362 -1.32 -3.35 -17.88
C SER A 362 -2.84 -3.27 -18.07
N GLY A 363 -3.43 -2.17 -17.59
CA GLY A 363 -4.88 -2.02 -17.79
C GLY A 363 -5.54 -1.39 -16.58
N TYR A 364 -5.02 -0.28 -16.09
CA TYR A 364 -5.79 0.60 -15.23
C TYR A 364 -7.09 0.92 -15.99
N SER A 365 -8.25 0.85 -15.33
CA SER A 365 -9.47 1.17 -16.08
C SER A 365 -9.63 2.68 -16.20
N ALA A 366 -9.54 3.20 -17.42
CA ALA A 366 -9.77 4.63 -17.59
C ALA A 366 -11.26 4.93 -17.70
N VAL A 367 -12.11 3.95 -17.38
CA VAL A 367 -13.55 4.12 -17.28
C VAL A 367 -13.99 3.64 -15.88
N PRO A 368 -15.14 4.05 -15.37
CA PRO A 368 -15.64 3.46 -14.13
C PRO A 368 -15.76 1.95 -14.35
N ASN A 369 -15.48 1.19 -13.31
CA ASN A 369 -15.45 -0.26 -13.45
C ASN A 369 -16.76 -0.81 -13.97
N TYR A 370 -17.93 -0.16 -13.84
CA TYR A 370 -19.12 -0.78 -14.40
C TYR A 370 -19.00 -1.00 -15.91
N ASP A 371 -18.13 -0.21 -16.55
CA ASP A 371 -17.94 -0.22 -18.00
C ASP A 371 -16.74 -1.04 -18.42
N ASN A 372 -16.06 -1.61 -17.41
CA ASN A 372 -14.83 -2.35 -17.73
C ASN A 372 -15.15 -3.72 -18.31
N MET A 373 -14.84 -4.00 -19.57
CA MET A 373 -15.25 -5.27 -20.20
C MET A 373 -14.25 -6.40 -19.96
N PHE A 374 -13.24 -6.16 -19.11
CA PHE A 374 -12.43 -7.30 -18.64
C PHE A 374 -12.89 -7.66 -17.23
N ALA A 375 -14.16 -7.36 -16.95
CA ALA A 375 -14.80 -7.73 -15.69
C ALA A 375 -14.22 -7.01 -14.48
N GLY A 376 -13.68 -5.82 -14.67
CA GLY A 376 -13.23 -4.98 -13.56
C GLY A 376 -11.73 -4.88 -13.45
N SER A 377 -11.19 -3.67 -13.26
CA SER A 377 -9.75 -3.52 -13.05
C SER A 377 -9.43 -3.19 -11.59
N ASN A 378 -8.18 -3.38 -11.19
CA ASN A 378 -7.75 -3.15 -9.81
C ASN A 378 -7.84 -1.68 -9.41
N GLU A 379 -7.88 -0.80 -10.40
CA GLU A 379 -8.08 0.63 -10.27
C GLU A 379 -9.04 1.07 -11.37
N ASP A 380 -9.80 2.13 -11.10
CA ASP A 380 -10.64 2.64 -12.20
C ASP A 380 -10.66 4.16 -12.22
N ALA A 381 -11.52 4.71 -13.08
CA ALA A 381 -11.50 6.14 -13.31
C ALA A 381 -11.73 6.91 -12.00
N GLU A 382 -12.47 6.31 -11.06
CA GLU A 382 -12.81 7.03 -9.85
C GLU A 382 -11.64 7.08 -8.87
N ASP A 383 -10.61 6.29 -9.16
CA ASP A 383 -9.41 6.32 -8.34
C ASP A 383 -8.37 7.30 -8.86
N PHE A 384 -8.63 8.03 -9.95
CA PHE A 384 -7.57 8.84 -10.52
C PHE A 384 -6.98 9.85 -9.53
N ASP A 385 -7.83 10.48 -8.74
CA ASP A 385 -7.33 11.52 -7.84
C ASP A 385 -6.51 10.89 -6.71
N ASP A 386 -6.92 9.69 -6.29
CA ASP A 386 -6.18 8.99 -5.24
C ASP A 386 -4.78 8.62 -5.73
N TYR A 387 -4.76 8.09 -6.96
CA TYR A 387 -3.50 7.74 -7.60
C TYR A 387 -2.56 8.93 -7.65
N ASN A 388 -3.07 10.08 -8.10
CA ASN A 388 -2.21 11.25 -8.17
C ASN A 388 -1.77 11.68 -6.77
N VAL A 389 -2.68 11.58 -5.79
CA VAL A 389 -2.23 11.98 -4.45
C VAL A 389 -1.14 11.05 -3.97
N ILE A 390 -1.19 9.75 -4.26
CA ILE A 390 -0.13 8.88 -3.70
C ILE A 390 1.20 9.14 -4.40
N GLN A 391 1.15 9.43 -5.71
CA GLN A 391 2.36 9.86 -6.40
C GLN A 391 3.04 11.02 -5.66
N ARG A 392 2.26 12.04 -5.33
CA ARG A 392 2.70 13.23 -4.61
C ARG A 392 3.19 12.96 -3.20
N ASP A 393 2.47 12.11 -2.47
CA ASP A 393 2.84 11.77 -1.11
C ASP A 393 4.21 11.10 -0.96
N LEU A 394 4.57 10.26 -1.92
CA LEU A 394 5.72 9.36 -1.84
C LEU A 394 6.85 9.76 -2.78
N LYS A 395 6.64 10.81 -3.56
CA LYS A 395 7.48 11.19 -4.68
C LYS A 395 7.75 9.96 -5.56
N VAL A 396 6.66 9.38 -6.06
CA VAL A 396 6.82 8.25 -6.96
C VAL A 396 6.13 8.60 -8.29
N ASP A 397 6.87 8.39 -9.38
CA ASP A 397 6.32 8.55 -10.70
C ASP A 397 5.51 7.29 -11.07
N GLY A 398 4.19 7.42 -10.96
CA GLY A 398 3.27 6.37 -11.37
C GLY A 398 2.83 6.52 -12.81
N GLY A 399 3.45 7.37 -13.63
CA GLY A 399 3.10 7.43 -15.04
C GLY A 399 1.93 8.34 -15.34
N LEU A 400 1.22 8.87 -14.35
CA LEU A 400 0.02 9.66 -14.58
C LEU A 400 0.17 11.06 -13.99
N ARG A 401 -0.77 11.96 -14.26
CA ARG A 401 -0.72 13.31 -13.72
C ARG A 401 -2.10 13.88 -13.45
N PRO A 402 -2.14 14.88 -12.57
CA PRO A 402 -3.38 15.67 -12.37
C PRO A 402 -3.69 16.39 -13.68
N VAL A 403 -4.97 16.64 -13.96
CA VAL A 403 -5.30 17.33 -15.22
C VAL A 403 -6.45 18.30 -14.99
N ARG A 404 -6.66 19.28 -15.86
CA ARG A 404 -7.74 20.25 -15.63
C ARG A 404 -9.03 19.85 -16.35
N GLU A 405 -10.15 19.99 -15.65
CA GLU A 405 -11.45 19.64 -16.21
C GLU A 405 -11.62 20.26 -17.58
N GLU A 406 -11.24 21.53 -17.74
CA GLU A 406 -11.47 22.19 -19.03
C GLU A 406 -10.58 21.59 -20.13
N ASP A 407 -9.39 21.11 -19.79
CA ASP A 407 -8.55 20.47 -20.81
C ASP A 407 -9.18 19.14 -21.22
N VAL A 408 -9.63 18.42 -20.20
CA VAL A 408 -10.24 17.10 -20.47
C VAL A 408 -11.50 17.28 -21.31
N ILE A 409 -12.35 18.24 -20.93
CA ILE A 409 -13.53 18.47 -21.78
C ILE A 409 -13.14 18.81 -23.21
N ALA A 410 -12.18 19.70 -23.44
CA ALA A 410 -11.79 20.08 -24.78
C ALA A 410 -11.27 18.87 -25.54
N ILE A 411 -10.49 18.06 -24.81
CA ILE A 411 -9.88 16.92 -25.50
C ILE A 411 -10.87 15.81 -25.81
N ARG A 412 -11.75 15.48 -24.88
CA ARG A 412 -12.82 14.50 -25.15
C ARG A 412 -13.68 14.98 -26.32
N ASN A 413 -13.98 16.28 -26.35
CA ASN A 413 -14.84 16.84 -27.40
C ASN A 413 -14.20 16.67 -28.76
N LYS A 414 -12.93 17.03 -28.85
CA LYS A 414 -12.21 16.93 -30.11
C LYS A 414 -12.15 15.50 -30.62
N ALA A 415 -11.96 14.55 -29.70
CA ALA A 415 -11.94 13.12 -30.00
C ALA A 415 -13.28 12.67 -30.56
N ALA A 416 -14.35 13.11 -29.90
CA ALA A 416 -15.66 12.76 -30.42
C ALA A 416 -15.89 13.39 -31.80
N ARG A 417 -15.51 14.64 -31.96
CA ARG A 417 -15.73 15.33 -33.23
C ARG A 417 -14.92 14.70 -34.35
N ALA A 418 -13.68 14.32 -34.01
CA ALA A 418 -12.88 13.63 -35.02
C ALA A 418 -13.52 12.31 -35.40
N LEU A 419 -13.98 11.55 -34.39
CA LEU A 419 -14.60 10.27 -34.74
C LEU A 419 -15.89 10.49 -35.53
N GLN A 420 -16.60 11.54 -35.15
CA GLN A 420 -17.82 11.84 -35.93
C GLN A 420 -17.50 12.01 -37.41
N ALA A 421 -16.43 12.76 -37.67
CA ALA A 421 -15.99 12.99 -39.03
C ALA A 421 -15.58 11.68 -39.69
N VAL A 422 -14.99 10.79 -38.90
CA VAL A 422 -14.53 9.51 -39.44
C VAL A 422 -15.72 8.69 -39.95
N PHE A 423 -16.74 8.56 -39.11
CA PHE A 423 -17.93 7.77 -39.47
C PHE A 423 -18.63 8.35 -40.69
N ALA A 424 -18.71 9.68 -40.71
CA ALA A 424 -19.36 10.32 -41.85
C ALA A 424 -18.55 10.03 -43.11
N GLY A 425 -17.26 10.30 -43.06
CA GLY A 425 -16.42 10.12 -44.24
C GLY A 425 -16.41 8.69 -44.72
N MET A 426 -16.42 7.74 -43.79
CA MET A 426 -16.43 6.34 -44.21
C MET A 426 -17.83 5.81 -44.45
N GLY A 427 -18.87 6.65 -44.34
CA GLY A 427 -20.21 6.13 -44.56
C GLY A 427 -20.68 5.20 -43.46
N LEU A 428 -20.19 5.35 -42.23
CA LEU A 428 -20.66 4.48 -41.15
C LEU A 428 -21.89 5.07 -40.47
N PRO A 429 -22.63 4.33 -39.66
CA PRO A 429 -23.84 4.88 -39.02
C PRO A 429 -23.53 6.16 -38.25
N PRO A 430 -24.25 7.25 -38.51
CA PRO A 430 -23.86 8.57 -38.01
C PRO A 430 -23.58 8.61 -36.51
N ILE A 431 -22.70 9.56 -36.20
CA ILE A 431 -22.53 10.01 -34.82
C ILE A 431 -23.13 11.40 -34.69
N THR A 432 -24.14 11.56 -33.84
CA THR A 432 -24.83 12.86 -33.83
C THR A 432 -24.15 13.88 -32.95
N ASP A 433 -24.50 15.15 -33.13
CA ASP A 433 -23.99 16.20 -32.26
C ASP A 433 -24.37 15.92 -30.80
N GLU A 434 -25.56 15.36 -30.64
CA GLU A 434 -25.97 15.03 -29.28
C GLU A 434 -25.01 13.99 -28.70
N GLU A 435 -24.62 13.04 -29.54
CA GLU A 435 -23.72 12.03 -28.99
C GLU A 435 -22.34 12.64 -28.74
N VAL A 436 -21.90 13.56 -29.59
CA VAL A 436 -20.62 14.23 -29.33
C VAL A 436 -20.63 14.95 -27.99
N GLU A 437 -21.74 15.63 -27.69
CA GLU A 437 -21.85 16.37 -26.44
C GLU A 437 -21.86 15.42 -25.25
N ALA A 438 -22.61 14.33 -25.37
CA ALA A 438 -22.69 13.42 -24.23
C ALA A 438 -21.34 12.78 -23.91
N ALA A 439 -20.62 12.39 -24.95
CA ALA A 439 -19.30 11.77 -24.84
C ALA A 439 -18.33 12.75 -24.19
N THR A 440 -18.52 14.03 -24.52
CA THR A 440 -17.68 15.11 -23.99
C THR A 440 -17.73 15.17 -22.47
N TYR A 441 -18.95 15.08 -21.95
CA TYR A 441 -19.18 15.30 -20.52
C TYR A 441 -19.43 14.02 -19.76
N ALA A 442 -19.31 12.87 -20.40
CA ALA A 442 -19.75 11.61 -19.79
C ALA A 442 -18.80 11.14 -18.69
N HIS A 443 -19.33 10.39 -17.74
CA HIS A 443 -18.52 9.55 -16.86
C HIS A 443 -18.43 8.12 -17.40
N GLY A 444 -19.53 7.62 -17.96
CA GLY A 444 -19.50 6.29 -18.57
C GLY A 444 -20.76 6.09 -19.42
N SER A 445 -21.01 4.89 -19.92
CA SER A 445 -22.08 4.59 -20.87
C SER A 445 -23.45 4.94 -20.29
N LYS A 446 -23.54 5.07 -18.96
CA LYS A 446 -24.85 5.50 -18.45
C LYS A 446 -25.23 6.90 -18.93
N ASP A 447 -24.23 7.68 -19.34
CA ASP A 447 -24.40 9.07 -19.77
C ASP A 447 -24.55 9.23 -21.26
N MET A 448 -24.60 8.11 -21.98
CA MET A 448 -24.60 8.12 -23.44
C MET A 448 -25.96 7.72 -24.00
N PRO A 449 -26.42 8.35 -25.07
CA PRO A 449 -27.64 7.88 -25.74
C PRO A 449 -27.44 6.47 -26.30
N GLU A 450 -28.49 5.66 -26.31
CA GLU A 450 -28.33 4.32 -26.90
C GLU A 450 -28.16 4.40 -28.41
N ARG A 451 -27.32 3.56 -28.99
CA ARG A 451 -27.13 3.48 -30.43
C ARG A 451 -27.85 2.28 -31.03
N ASN A 452 -28.04 2.30 -32.34
CA ASN A 452 -28.57 1.17 -33.09
C ASN A 452 -27.45 0.17 -33.32
N ILE A 453 -27.38 -0.83 -32.44
CA ILE A 453 -26.24 -1.75 -32.53
C ILE A 453 -26.37 -2.62 -33.78
N VAL A 454 -27.57 -2.77 -34.33
CA VAL A 454 -27.75 -3.52 -35.57
C VAL A 454 -27.01 -2.85 -36.71
N GLU A 455 -27.24 -1.54 -36.86
CA GLU A 455 -26.52 -0.85 -37.93
C GLU A 455 -25.02 -0.87 -37.67
N ASP A 456 -24.56 -0.56 -36.46
CA ASP A 456 -23.12 -0.52 -36.17
C ASP A 456 -22.49 -1.87 -36.52
N ILE A 457 -23.07 -2.93 -35.96
CA ILE A 457 -22.44 -4.25 -36.16
C ILE A 457 -22.36 -4.65 -37.61
N LYS A 458 -23.38 -4.33 -38.40
CA LYS A 458 -23.35 -4.59 -39.84
C LYS A 458 -22.20 -3.89 -40.55
N PHE A 459 -22.03 -2.59 -40.31
CA PHE A 459 -20.92 -1.87 -40.92
C PHE A 459 -19.56 -2.28 -40.32
N ALA A 460 -19.53 -2.58 -39.04
CA ALA A 460 -18.27 -3.04 -38.45
C ALA A 460 -17.82 -4.34 -39.12
N GLN A 461 -18.79 -5.22 -39.34
CA GLN A 461 -18.60 -6.48 -40.05
C GLN A 461 -18.06 -6.25 -41.46
N GLU A 462 -18.63 -5.21 -42.07
CA GLU A 462 -18.23 -4.98 -43.45
C GLU A 462 -16.82 -4.41 -43.52
N ILE A 463 -16.34 -3.74 -42.48
CA ILE A 463 -14.94 -3.28 -42.46
C ILE A 463 -14.05 -4.50 -42.63
N ILE A 464 -14.38 -5.55 -41.88
CA ILE A 464 -13.62 -6.79 -41.96
C ILE A 464 -13.81 -7.51 -43.29
N ASN A 465 -15.06 -7.77 -43.67
CA ASN A 465 -15.30 -8.55 -44.87
C ASN A 465 -14.92 -7.80 -46.13
N LYS A 466 -14.85 -6.47 -46.09
CA LYS A 466 -14.45 -5.76 -47.30
C LYS A 466 -13.03 -5.20 -47.15
N ASN A 467 -12.37 -5.64 -46.09
CA ASN A 467 -10.98 -5.29 -45.85
C ASN A 467 -10.77 -3.79 -45.93
N ARG A 468 -11.62 -3.05 -45.20
CA ARG A 468 -11.45 -1.58 -45.21
C ARG A 468 -10.28 -1.21 -44.31
N ASN A 469 -9.20 -0.61 -44.83
CA ASN A 469 -8.01 -0.52 -43.99
C ASN A 469 -7.83 0.84 -43.31
N GLY A 470 -6.69 0.94 -42.62
CA GLY A 470 -6.32 2.10 -41.85
C GLY A 470 -6.22 3.38 -42.67
N LEU A 471 -5.85 3.32 -43.95
CA LEU A 471 -5.76 4.59 -44.68
C LEU A 471 -7.13 5.20 -44.97
N GLU A 472 -8.19 4.38 -44.92
CA GLU A 472 -9.53 4.93 -45.06
C GLU A 472 -9.82 5.87 -43.90
N VAL A 473 -9.32 5.54 -42.72
CA VAL A 473 -9.55 6.40 -41.55
C VAL A 473 -8.76 7.70 -41.70
N VAL A 474 -7.51 7.59 -42.12
CA VAL A 474 -6.68 8.77 -42.38
C VAL A 474 -7.34 9.69 -43.42
N LYS A 475 -7.82 9.14 -44.55
CA LYS A 475 -8.44 10.02 -45.55
C LYS A 475 -9.67 10.71 -44.99
N ALA A 476 -10.50 9.98 -44.25
CA ALA A 476 -11.76 10.60 -43.81
C ALA A 476 -11.49 11.73 -42.83
N LEU A 477 -10.52 11.54 -41.95
CA LEU A 477 -10.11 12.62 -41.06
C LEU A 477 -9.58 13.81 -41.87
N ALA A 478 -8.67 13.54 -42.80
CA ALA A 478 -8.11 14.58 -43.64
C ALA A 478 -9.20 15.31 -44.45
N GLN A 479 -10.16 14.56 -44.96
CA GLN A 479 -11.21 15.12 -45.80
C GLN A 479 -12.28 15.81 -44.97
N GLY A 480 -12.30 15.55 -43.66
CA GLY A 480 -13.40 15.98 -42.83
C GLY A 480 -13.08 17.09 -41.86
N GLY A 481 -11.97 17.77 -42.09
CA GLY A 481 -11.62 18.90 -41.24
C GLY A 481 -10.63 18.58 -40.13
N PHE A 482 -10.00 17.41 -40.16
CA PHE A 482 -9.09 16.97 -39.10
C PHE A 482 -7.77 16.50 -39.66
N THR A 483 -7.11 17.41 -40.38
CA THR A 483 -5.79 17.21 -40.93
C THR A 483 -4.69 16.93 -39.90
N ASP A 484 -4.70 17.64 -38.78
CA ASP A 484 -3.71 17.38 -37.74
C ASP A 484 -3.84 15.95 -37.25
N VAL A 485 -5.08 15.59 -36.92
CA VAL A 485 -5.32 14.24 -36.42
C VAL A 485 -4.99 13.23 -37.50
N ALA A 486 -5.36 13.54 -38.73
CA ALA A 486 -5.03 12.64 -39.84
C ALA A 486 -3.53 12.49 -39.96
N GLN A 487 -2.80 13.59 -39.74
CA GLN A 487 -1.35 13.43 -39.85
C GLN A 487 -0.84 12.52 -38.74
N ASP A 488 -1.40 12.65 -37.55
CA ASP A 488 -0.95 11.87 -36.40
C ASP A 488 -1.23 10.39 -36.61
N MET A 489 -2.40 10.08 -37.18
CA MET A 489 -2.76 8.71 -37.54
C MET A 489 -1.80 8.11 -38.54
N LEU A 490 -1.57 8.83 -39.64
CA LEU A 490 -0.54 8.47 -40.61
C LEU A 490 0.81 8.22 -39.93
N ASN A 491 1.25 9.10 -39.02
CA ASN A 491 2.52 8.91 -38.35
C ASN A 491 2.60 7.61 -37.56
N ILE A 492 1.49 7.23 -36.91
CA ILE A 492 1.57 6.02 -36.08
C ILE A 492 1.49 4.80 -37.00
N GLN A 493 0.90 4.98 -38.19
CA GLN A 493 0.99 3.94 -39.19
C GLN A 493 2.43 3.75 -39.68
N LYS A 494 3.12 4.86 -39.90
CA LYS A 494 4.50 4.87 -40.39
C LYS A 494 5.45 4.21 -39.41
N ALA A 495 5.09 4.23 -38.12
CA ALA A 495 5.91 3.55 -37.12
C ALA A 495 6.01 2.06 -37.42
N LYS A 496 5.01 1.54 -38.13
CA LYS A 496 4.98 0.14 -38.50
C LYS A 496 5.97 -0.17 -39.60
N LEU A 497 6.66 0.82 -40.16
CA LEU A 497 7.55 0.55 -41.29
C LEU A 497 9.01 0.42 -40.90
N THR A 498 9.39 0.90 -39.72
CA THR A 498 10.78 1.00 -39.31
C THR A 498 11.28 -0.16 -38.46
N GLY A 499 10.38 -0.91 -37.84
CA GLY A 499 10.79 -1.90 -36.86
C GLY A 499 11.20 -1.33 -35.53
N ASP A 500 11.29 -0.01 -35.34
CA ASP A 500 11.94 0.49 -34.13
C ASP A 500 11.16 0.17 -32.86
N TYR A 501 9.84 0.32 -32.96
CA TYR A 501 9.05 0.08 -31.74
C TYR A 501 8.78 -1.41 -31.58
N LEU A 502 9.48 -2.26 -32.35
CA LEU A 502 9.31 -3.70 -32.09
C LEU A 502 10.22 -4.15 -30.95
N HIS A 503 11.16 -3.30 -30.55
CA HIS A 503 12.13 -3.68 -29.54
C HIS A 503 11.57 -3.64 -28.12
N THR A 504 12.29 -4.27 -27.21
CA THR A 504 11.92 -4.40 -25.79
C THR A 504 11.42 -3.09 -25.18
N SER A 505 10.20 -3.09 -24.66
CA SER A 505 9.55 -2.04 -23.91
C SER A 505 9.22 -0.79 -24.74
N ALA A 506 9.26 -0.86 -26.06
CA ALA A 506 9.10 0.37 -26.84
C ALA A 506 7.73 1.01 -26.60
N ILE A 507 7.73 2.32 -26.38
CA ILE A 507 6.55 3.17 -26.48
C ILE A 507 6.95 4.31 -27.42
N ILE A 508 6.03 5.23 -27.71
CA ILE A 508 6.39 6.35 -28.59
C ILE A 508 6.00 7.65 -27.89
N VAL A 509 6.98 8.52 -27.68
CA VAL A 509 6.73 9.71 -26.90
C VAL A 509 7.16 10.96 -27.66
N GLY A 510 6.73 12.10 -27.13
CA GLY A 510 7.13 13.41 -27.64
C GLY A 510 6.74 13.51 -29.10
N ASP A 511 7.68 13.89 -29.97
CA ASP A 511 7.26 13.99 -31.37
C ASP A 511 7.62 12.73 -32.13
N GLY A 512 6.85 11.66 -31.88
CA GLY A 512 7.09 10.43 -32.59
C GLY A 512 8.42 9.78 -32.36
N GLN A 513 8.99 10.00 -31.16
CA GLN A 513 10.29 9.44 -30.86
C GLN A 513 10.14 8.10 -30.17
N VAL A 514 10.70 7.02 -30.73
CA VAL A 514 10.59 5.74 -30.03
C VAL A 514 11.37 5.75 -28.73
N LEU A 515 10.81 5.20 -27.66
CA LEU A 515 11.45 5.13 -26.35
C LEU A 515 11.42 3.67 -25.89
N SER A 516 12.55 2.98 -26.01
CA SER A 516 12.57 1.57 -25.64
C SER A 516 13.73 1.26 -24.70
N ALA A 517 13.87 0.00 -24.32
CA ALA A 517 15.02 -0.39 -23.49
C ALA A 517 16.33 -0.27 -24.25
N VAL A 518 16.25 -0.17 -25.59
CA VAL A 518 17.49 -0.08 -26.35
C VAL A 518 18.06 1.32 -26.25
N ASN A 519 17.20 2.35 -26.30
CA ASN A 519 17.71 3.71 -26.22
C ASN A 519 17.35 4.37 -24.88
N ASP A 520 16.67 3.69 -23.99
CA ASP A 520 16.32 4.24 -22.67
C ASP A 520 16.67 3.14 -21.66
N VAL A 521 17.94 2.80 -21.68
CA VAL A 521 18.63 1.81 -20.89
C VAL A 521 18.56 2.12 -19.40
N ASN A 522 17.97 1.21 -18.63
CA ASN A 522 17.87 1.42 -17.18
C ASN A 522 19.28 1.31 -16.57
N ASP A 523 19.73 2.35 -15.89
CA ASP A 523 21.09 2.37 -15.37
C ASP A 523 21.13 2.52 -13.85
N TYR A 524 20.20 1.86 -13.16
CA TYR A 524 20.15 1.99 -11.70
C TYR A 524 21.41 1.52 -10.96
N ALA A 525 21.88 2.31 -10.00
CA ALA A 525 23.01 1.92 -9.16
C ALA A 525 22.85 2.44 -7.73
N GLY A 526 21.62 2.45 -7.26
CA GLY A 526 21.35 2.88 -5.89
C GLY A 526 20.88 4.32 -5.80
N PRO A 527 20.80 4.81 -4.55
CA PRO A 527 20.30 6.17 -4.28
C PRO A 527 20.93 7.21 -5.21
N ALA A 528 20.12 8.19 -5.63
CA ALA A 528 20.58 9.26 -6.51
C ALA A 528 21.09 8.74 -7.83
N THR A 529 20.70 7.54 -8.26
CA THR A 529 21.04 7.14 -9.61
C THR A 529 19.80 6.50 -10.25
N GLY A 530 19.87 6.35 -11.57
CA GLY A 530 18.74 5.73 -12.26
C GLY A 530 17.62 6.75 -12.40
N TYR A 531 16.48 6.26 -12.88
CA TYR A 531 15.34 7.14 -13.07
C TYR A 531 14.95 7.75 -11.73
N ARG A 532 14.82 9.07 -11.69
CA ARG A 532 14.37 9.74 -10.48
C ARG A 532 13.28 10.76 -10.79
N LEU A 533 12.20 10.71 -10.04
CA LEU A 533 11.18 11.75 -10.13
C LEU A 533 11.78 13.09 -9.76
N GLN A 534 11.71 14.04 -10.70
CA GLN A 534 12.34 15.31 -10.39
C GLN A 534 11.95 16.37 -11.41
N GLY A 535 12.47 17.58 -11.19
CA GLY A 535 12.30 18.65 -12.16
C GLY A 535 10.85 18.87 -12.55
N GLU A 536 10.64 19.11 -13.83
CA GLU A 536 9.32 19.55 -14.29
C GLU A 536 8.29 18.46 -14.06
N ARG A 537 8.70 17.20 -14.21
CA ARG A 537 7.76 16.09 -14.00
C ARG A 537 7.31 16.06 -12.55
N TRP A 538 8.26 16.27 -11.62
CA TRP A 538 7.88 16.37 -10.20
C TRP A 538 6.92 17.52 -10.00
N GLU A 539 7.18 18.70 -10.58
CA GLU A 539 6.26 19.83 -10.43
C GLU A 539 4.87 19.44 -10.90
N GLU A 540 4.83 18.72 -12.02
CA GLU A 540 3.55 18.31 -12.62
C GLU A 540 2.76 17.40 -11.70
N ILE A 541 3.50 16.48 -11.07
CA ILE A 541 2.89 15.55 -10.12
C ILE A 541 2.47 16.24 -8.84
N LYS A 542 3.21 17.26 -8.39
CA LYS A 542 2.81 17.99 -7.18
C LYS A 542 1.50 18.75 -7.30
N ASN A 543 1.12 19.10 -8.53
CA ASN A 543 0.01 20.01 -8.79
C ASN A 543 -1.36 19.38 -8.77
N ILE A 544 -1.75 18.84 -7.64
CA ILE A 544 -3.06 18.20 -7.52
C ILE A 544 -4.14 19.22 -7.20
N PRO A 545 -5.38 18.90 -7.56
CA PRO A 545 -6.53 19.76 -7.24
C PRO A 545 -6.75 19.82 -5.73
N GLY A 546 -7.11 21.00 -5.25
CA GLY A 546 -7.41 21.20 -3.84
C GLY A 546 -6.24 21.64 -3.02
N ALA A 547 -5.04 21.72 -3.61
CA ALA A 547 -3.86 22.17 -2.89
C ALA A 547 -3.81 23.70 -2.93
N LEU A 548 -4.29 24.25 -1.83
CA LEU A 548 -4.36 25.67 -1.55
C LEU A 548 -3.00 26.30 -1.27
N ASP A 549 -2.76 27.48 -1.83
CA ASP A 549 -1.51 28.18 -1.52
C ASP A 549 -1.62 28.82 -0.14
N PRO A 550 -0.75 28.44 0.79
CA PRO A 550 -0.92 28.83 2.19
C PRO A 550 -1.02 30.35 2.35
N ASN A 551 -0.22 31.10 1.61
CA ASN A 551 -0.33 32.56 1.60
C ASN A 551 -1.36 33.02 0.57
N GLY B 46 -30.44 -38.26 -9.97
CA GLY B 46 -30.17 -38.92 -11.24
C GLY B 46 -31.28 -38.62 -12.23
N PHE B 47 -30.99 -37.82 -13.26
CA PHE B 47 -32.00 -37.37 -14.21
C PHE B 47 -31.47 -37.42 -15.64
N LEU B 48 -30.26 -37.96 -15.77
CA LEU B 48 -29.67 -38.03 -17.11
C LEU B 48 -29.16 -39.43 -17.36
N THR B 49 -29.60 -40.05 -18.45
CA THR B 49 -29.13 -41.39 -18.78
C THR B 49 -28.35 -41.42 -20.08
N GLU B 50 -27.16 -42.01 -20.09
CA GLU B 50 -26.42 -42.13 -21.35
C GLU B 50 -26.96 -43.26 -22.20
N VAL B 51 -27.38 -42.90 -23.42
CA VAL B 51 -28.03 -43.84 -24.29
C VAL B 51 -27.24 -44.16 -25.54
N GLY B 52 -25.93 -43.98 -25.54
CA GLY B 52 -25.14 -44.37 -26.69
C GLY B 52 -24.45 -43.20 -27.33
N GLU B 53 -23.49 -43.53 -28.20
CA GLU B 53 -22.71 -42.50 -28.88
C GLU B 53 -23.63 -41.62 -29.71
N ALA B 54 -23.60 -40.31 -29.46
CA ALA B 54 -24.43 -39.41 -30.25
C ALA B 54 -24.04 -39.44 -31.72
N ARG B 55 -25.05 -39.40 -32.57
CA ARG B 55 -24.85 -39.33 -34.02
C ARG B 55 -25.18 -37.94 -34.56
N GLN B 56 -24.55 -37.60 -35.68
CA GLN B 56 -24.74 -36.33 -36.36
C GLN B 56 -26.20 -36.09 -36.78
N GLY B 57 -26.73 -34.90 -36.53
CA GLY B 57 -28.09 -34.59 -36.92
C GLY B 57 -28.18 -34.48 -38.43
N THR B 58 -29.34 -34.71 -39.03
CA THR B 58 -29.49 -34.73 -40.48
C THR B 58 -30.27 -33.55 -41.06
N GLN B 59 -30.96 -32.83 -40.18
CA GLN B 59 -31.78 -31.71 -40.61
C GLN B 59 -31.62 -30.51 -39.69
N GLN B 60 -31.85 -29.34 -40.27
CA GLN B 60 -31.69 -28.07 -39.56
C GLN B 60 -32.88 -27.83 -38.65
N ASP B 61 -33.10 -28.75 -37.71
CA ASP B 61 -34.34 -28.69 -36.92
C ASP B 61 -34.13 -28.90 -35.43
N GLU B 62 -32.87 -28.81 -34.99
CA GLU B 62 -32.53 -29.08 -33.62
C GLU B 62 -31.36 -28.21 -33.16
N VAL B 63 -31.27 -28.06 -31.85
CA VAL B 63 -30.12 -27.48 -31.18
C VAL B 63 -29.57 -28.53 -30.22
N ILE B 64 -28.27 -28.77 -30.26
CA ILE B 64 -27.65 -29.69 -29.32
C ILE B 64 -27.30 -28.97 -28.02
N ILE B 65 -27.72 -29.49 -26.88
CA ILE B 65 -27.19 -28.96 -25.62
C ILE B 65 -26.06 -29.90 -25.18
N ALA B 66 -24.84 -29.39 -25.10
CA ALA B 66 -23.64 -30.16 -24.80
C ALA B 66 -23.18 -29.88 -23.38
N VAL B 67 -23.17 -30.88 -22.51
CA VAL B 67 -22.82 -30.64 -21.11
C VAL B 67 -21.51 -31.32 -20.73
N GLY B 68 -20.83 -30.71 -19.75
CA GLY B 68 -19.55 -31.26 -19.31
C GLY B 68 -19.70 -32.61 -18.66
N PRO B 69 -18.58 -33.31 -18.52
CA PRO B 69 -18.55 -34.71 -18.09
C PRO B 69 -18.99 -34.96 -16.66
N ALA B 70 -19.18 -33.94 -15.82
CA ALA B 70 -19.68 -34.20 -14.48
C ALA B 70 -21.08 -33.60 -14.30
N PHE B 71 -21.67 -33.09 -15.37
CA PHE B 71 -22.98 -32.42 -15.29
C PHE B 71 -24.05 -33.45 -14.91
N GLY B 72 -24.81 -33.15 -13.87
CA GLY B 72 -25.85 -33.99 -13.31
C GLY B 72 -25.30 -35.22 -12.63
N LEU B 73 -23.97 -35.31 -12.47
CA LEU B 73 -23.37 -36.51 -11.89
C LEU B 73 -22.64 -36.17 -10.60
N ALA B 74 -21.30 -36.08 -10.64
CA ALA B 74 -20.57 -35.62 -9.45
C ALA B 74 -20.95 -34.20 -9.10
N GLN B 75 -21.41 -33.42 -10.07
CA GLN B 75 -21.90 -32.09 -9.63
C GLN B 75 -23.36 -32.05 -10.04
N THR B 76 -24.22 -31.34 -9.32
CA THR B 76 -25.65 -31.33 -9.57
C THR B 76 -26.28 -29.94 -9.41
N VAL B 77 -25.49 -28.93 -9.09
CA VAL B 77 -25.92 -27.53 -9.09
C VAL B 77 -24.77 -26.68 -9.62
N ASN B 78 -25.12 -25.48 -10.10
CA ASN B 78 -24.05 -24.62 -10.61
C ASN B 78 -23.41 -23.82 -9.47
N ILE B 79 -22.48 -22.95 -9.88
CA ILE B 79 -21.66 -22.22 -8.92
C ILE B 79 -22.50 -21.47 -7.89
N VAL B 80 -23.70 -21.03 -8.27
CA VAL B 80 -24.50 -20.36 -7.24
C VAL B 80 -25.70 -21.22 -6.81
N GLY B 81 -25.59 -22.52 -6.96
CA GLY B 81 -26.53 -23.48 -6.45
C GLY B 81 -27.75 -23.75 -7.28
N ILE B 82 -27.79 -23.27 -8.53
CA ILE B 82 -28.98 -23.64 -9.31
C ILE B 82 -28.83 -25.08 -9.76
N PRO B 83 -29.85 -25.88 -9.49
CA PRO B 83 -29.82 -27.29 -9.86
C PRO B 83 -29.63 -27.52 -11.36
N HIS B 84 -28.76 -28.48 -11.69
CA HIS B 84 -28.58 -28.85 -13.08
C HIS B 84 -29.90 -29.26 -13.71
N LYS B 85 -30.75 -29.92 -12.92
CA LYS B 85 -32.05 -30.33 -13.46
C LYS B 85 -32.85 -29.13 -13.98
N SER B 86 -32.91 -28.07 -13.19
CA SER B 86 -33.63 -26.85 -13.55
C SER B 86 -32.98 -26.11 -14.71
N ILE B 87 -31.64 -26.08 -14.77
CA ILE B 87 -30.97 -25.42 -15.89
C ILE B 87 -31.34 -26.12 -17.18
N LEU B 88 -31.23 -27.45 -17.18
CA LEU B 88 -31.50 -28.22 -18.38
C LEU B 88 -32.96 -28.04 -18.80
N ARG B 89 -33.82 -27.96 -17.80
CA ARG B 89 -35.26 -27.78 -18.05
C ARG B 89 -35.51 -26.47 -18.78
N GLU B 90 -34.87 -25.39 -18.29
CA GLU B 90 -35.20 -24.12 -18.92
C GLU B 90 -34.57 -24.00 -20.30
N VAL B 91 -33.32 -24.44 -20.47
CA VAL B 91 -32.75 -24.32 -21.82
C VAL B 91 -33.56 -25.15 -22.82
N ILE B 92 -33.94 -26.36 -22.45
CA ILE B 92 -34.77 -27.17 -23.35
C ILE B 92 -36.08 -26.48 -23.66
N ALA B 93 -36.69 -25.86 -22.66
CA ALA B 93 -37.95 -25.15 -22.92
C ALA B 93 -37.76 -23.95 -23.81
N GLY B 94 -36.66 -23.19 -23.66
CA GLY B 94 -36.44 -22.07 -24.55
C GLY B 94 -36.34 -22.54 -26.00
N ILE B 95 -35.63 -23.64 -26.23
CA ILE B 95 -35.45 -24.18 -27.58
C ILE B 95 -36.80 -24.65 -28.13
N GLU B 96 -37.47 -25.50 -27.36
CA GLU B 96 -38.74 -26.02 -27.85
C GLU B 96 -39.74 -24.90 -28.07
N GLU B 97 -39.65 -23.85 -27.28
CA GLU B 97 -40.52 -22.69 -27.36
C GLU B 97 -40.54 -22.10 -28.77
N GLU B 98 -39.40 -22.26 -29.44
CA GLU B 98 -39.20 -21.70 -30.77
C GLU B 98 -39.46 -22.74 -31.87
N GLY B 99 -40.08 -23.85 -31.48
CA GLY B 99 -40.42 -24.92 -32.40
C GLY B 99 -39.22 -25.65 -32.96
N ILE B 100 -38.17 -25.81 -32.14
CA ILE B 100 -36.98 -26.54 -32.59
C ILE B 100 -36.74 -27.70 -31.64
N LYS B 101 -36.11 -28.77 -32.10
CA LYS B 101 -35.81 -29.89 -31.21
C LYS B 101 -34.58 -29.56 -30.36
N ALA B 102 -34.61 -29.97 -29.12
CA ALA B 102 -33.47 -29.93 -28.20
C ALA B 102 -32.89 -31.34 -28.06
N ARG B 103 -31.58 -31.50 -28.27
CA ARG B 103 -31.01 -32.83 -28.10
C ARG B 103 -29.80 -32.73 -27.18
N VAL B 104 -29.70 -33.58 -26.18
CA VAL B 104 -28.69 -33.38 -25.14
C VAL B 104 -27.61 -34.44 -25.26
N ILE B 105 -26.36 -34.02 -25.17
CA ILE B 105 -25.22 -34.91 -25.17
C ILE B 105 -24.26 -34.60 -24.01
N ARG B 106 -23.49 -35.60 -23.60
CA ARG B 106 -22.49 -35.31 -22.57
C ARG B 106 -21.14 -35.42 -23.26
N CYS B 107 -20.27 -34.44 -23.01
CA CYS B 107 -18.97 -34.44 -23.68
C CYS B 107 -17.83 -34.83 -22.75
N PHE B 108 -16.83 -35.49 -23.34
CA PHE B 108 -15.74 -36.06 -22.55
C PHE B 108 -14.36 -35.58 -22.96
N LYS B 109 -14.14 -35.11 -24.18
CA LYS B 109 -12.76 -34.96 -24.63
C LYS B 109 -12.04 -33.77 -24.01
N SER B 110 -12.76 -32.83 -23.46
CA SER B 110 -12.22 -31.65 -22.78
C SER B 110 -13.32 -31.14 -21.87
N SER B 111 -12.99 -30.45 -20.79
CA SER B 111 -14.04 -29.90 -19.95
C SER B 111 -14.25 -28.41 -20.18
N ASP B 112 -13.41 -27.89 -21.07
CA ASP B 112 -13.45 -26.47 -21.47
C ASP B 112 -14.79 -26.21 -22.14
N VAL B 113 -15.50 -25.14 -21.83
CA VAL B 113 -16.86 -25.03 -22.40
C VAL B 113 -16.81 -24.75 -23.88
N ALA B 114 -15.75 -24.14 -24.42
CA ALA B 114 -15.77 -23.98 -25.88
C ALA B 114 -15.63 -25.32 -26.58
N PHE B 115 -14.74 -26.17 -26.07
CA PHE B 115 -14.52 -27.48 -26.72
C PHE B 115 -15.74 -28.38 -26.52
N VAL B 116 -16.34 -28.30 -25.34
CA VAL B 116 -17.61 -28.96 -25.09
C VAL B 116 -18.63 -28.54 -26.15
N ALA B 117 -18.85 -27.24 -26.32
CA ALA B 117 -19.81 -26.77 -27.32
C ALA B 117 -19.40 -27.15 -28.74
N VAL B 118 -18.08 -27.15 -29.03
CA VAL B 118 -17.67 -27.59 -30.37
C VAL B 118 -18.05 -29.04 -30.63
N GLU B 119 -17.83 -29.96 -29.69
CA GLU B 119 -18.27 -31.34 -29.85
C GLU B 119 -19.74 -31.42 -30.23
N GLY B 120 -20.52 -30.55 -29.60
CA GLY B 120 -21.96 -30.50 -29.87
C GLY B 120 -22.26 -29.88 -31.22
N ASN B 121 -21.52 -28.84 -31.66
CA ASN B 121 -21.89 -28.22 -32.94
C ASN B 121 -21.58 -29.20 -34.08
N ARG B 122 -20.56 -30.05 -33.90
CA ARG B 122 -20.20 -31.04 -34.90
C ARG B 122 -21.37 -31.98 -35.19
N LEU B 123 -22.16 -32.24 -34.16
CA LEU B 123 -23.20 -33.25 -34.23
C LEU B 123 -24.58 -32.66 -34.43
N SER B 124 -24.66 -31.33 -34.38
CA SER B 124 -25.96 -30.68 -34.43
C SER B 124 -26.47 -30.56 -35.87
N GLY B 125 -27.71 -31.01 -36.08
CA GLY B 125 -28.34 -30.91 -37.38
C GLY B 125 -28.34 -29.48 -37.91
N SER B 126 -28.47 -28.51 -37.01
CA SER B 126 -28.55 -27.11 -37.41
C SER B 126 -27.20 -26.38 -37.35
N GLY B 127 -26.17 -27.09 -36.94
CA GLY B 127 -24.85 -26.56 -36.71
C GLY B 127 -24.77 -25.74 -35.43
N ILE B 128 -25.90 -25.59 -34.72
CA ILE B 128 -25.90 -24.74 -33.54
C ILE B 128 -25.83 -25.55 -32.24
N SER B 129 -25.03 -25.09 -31.29
CA SER B 129 -24.97 -25.80 -30.02
C SER B 129 -24.88 -24.82 -28.86
N ILE B 130 -25.17 -25.31 -27.68
CA ILE B 130 -25.03 -24.67 -26.39
C ILE B 130 -24.16 -25.58 -25.52
N GLY B 131 -23.04 -25.02 -25.09
CA GLY B 131 -22.15 -25.71 -24.16
C GLY B 131 -22.41 -25.20 -22.76
N ILE B 132 -22.46 -26.11 -21.79
CA ILE B 132 -22.70 -25.79 -20.39
C ILE B 132 -21.78 -26.59 -19.47
N GLN B 133 -21.03 -25.88 -18.63
CA GLN B 133 -20.18 -26.56 -17.66
C GLN B 133 -21.00 -26.80 -16.39
N SER B 134 -20.56 -27.70 -15.52
CA SER B 134 -21.26 -27.95 -14.26
C SER B 134 -21.40 -26.69 -13.42
N LYS B 135 -20.33 -25.90 -13.36
CA LYS B 135 -20.40 -24.63 -12.64
C LYS B 135 -21.31 -23.62 -13.32
N GLY B 136 -21.72 -23.81 -14.57
CA GLY B 136 -22.79 -23.00 -15.10
C GLY B 136 -22.44 -22.15 -16.29
N THR B 137 -21.16 -22.05 -16.60
CA THR B 137 -20.68 -21.22 -17.70
C THR B 137 -21.30 -21.71 -19.00
N THR B 138 -21.79 -20.75 -19.81
CA THR B 138 -22.53 -21.22 -20.99
C THR B 138 -22.10 -20.48 -22.24
N VAL B 139 -22.19 -21.19 -23.35
CA VAL B 139 -21.79 -20.60 -24.62
C VAL B 139 -22.72 -21.07 -25.73
N ILE B 140 -23.04 -20.19 -26.67
CA ILE B 140 -23.76 -20.60 -27.87
C ILE B 140 -22.78 -20.60 -29.04
N HIS B 141 -22.58 -21.78 -29.64
CA HIS B 141 -21.51 -21.96 -30.61
C HIS B 141 -22.06 -22.37 -31.96
N GLN B 142 -21.21 -22.43 -32.97
CA GLN B 142 -21.72 -22.70 -34.31
C GLN B 142 -20.66 -23.37 -35.18
N GLN B 143 -21.05 -24.49 -35.77
CA GLN B 143 -20.26 -25.21 -36.75
C GLN B 143 -19.63 -24.23 -37.73
N GLY B 144 -18.31 -24.22 -37.83
CA GLY B 144 -17.72 -23.27 -38.77
C GLY B 144 -16.85 -22.26 -38.03
N LEU B 145 -17.23 -21.94 -36.80
CA LEU B 145 -16.46 -21.01 -35.98
C LEU B 145 -15.25 -21.70 -35.35
N PRO B 146 -14.17 -20.97 -35.15
CA PRO B 146 -13.05 -21.50 -34.37
C PRO B 146 -13.55 -21.84 -32.96
N PRO B 147 -12.86 -22.76 -32.31
CA PRO B 147 -13.26 -23.12 -30.95
C PRO B 147 -13.44 -21.90 -30.07
N LEU B 148 -12.57 -20.88 -30.13
CA LEU B 148 -12.65 -19.83 -29.12
C LEU B 148 -13.34 -18.58 -29.64
N SER B 149 -14.16 -18.77 -30.68
CA SER B 149 -15.09 -17.76 -31.18
C SER B 149 -16.49 -18.28 -30.87
N ASN B 150 -17.53 -17.48 -30.74
CA ASN B 150 -18.86 -18.09 -30.49
C ASN B 150 -19.96 -17.17 -30.99
N LEU B 151 -21.23 -17.54 -30.88
CA LEU B 151 -22.26 -16.54 -31.20
C LEU B 151 -22.57 -15.64 -30.01
N GLU B 152 -22.74 -16.24 -28.83
CA GLU B 152 -22.90 -15.50 -27.59
C GLU B 152 -22.23 -16.23 -26.43
N LEU B 153 -21.65 -15.46 -25.51
CA LEU B 153 -21.00 -16.14 -24.38
C LEU B 153 -21.51 -15.56 -23.06
N PHE B 154 -21.57 -16.40 -22.05
CA PHE B 154 -22.02 -16.12 -20.70
C PHE B 154 -20.90 -16.46 -19.73
N PRO B 155 -19.91 -15.57 -19.68
CA PRO B 155 -18.64 -15.84 -19.01
C PRO B 155 -18.60 -15.53 -17.53
N GLN B 156 -19.73 -15.21 -16.92
CA GLN B 156 -19.82 -14.97 -15.48
C GLN B 156 -21.00 -15.77 -14.94
N ALA B 157 -20.79 -17.07 -14.74
CA ALA B 157 -21.84 -17.98 -14.29
C ALA B 157 -22.61 -17.52 -13.07
N PRO B 158 -22.01 -16.93 -12.04
CA PRO B 158 -22.83 -16.52 -10.89
C PRO B 158 -23.97 -15.57 -11.29
N LEU B 159 -23.86 -14.85 -12.39
CA LEU B 159 -24.87 -13.87 -12.75
C LEU B 159 -26.06 -14.46 -13.50
N LEU B 160 -25.94 -15.72 -13.91
CA LEU B 160 -27.00 -16.34 -14.71
C LEU B 160 -28.20 -16.71 -13.84
N THR B 161 -29.39 -16.54 -14.38
CA THR B 161 -30.58 -17.01 -13.68
C THR B 161 -31.32 -18.06 -14.50
N LEU B 162 -32.32 -18.69 -13.88
CA LEU B 162 -33.07 -19.65 -14.70
C LEU B 162 -33.72 -18.93 -15.87
N GLU B 163 -34.08 -17.66 -15.72
CA GLU B 163 -34.63 -16.89 -16.85
C GLU B 163 -33.59 -16.67 -17.93
N THR B 164 -32.31 -16.51 -17.53
CA THR B 164 -31.30 -16.37 -18.56
C THR B 164 -31.18 -17.65 -19.39
N TYR B 165 -31.11 -18.78 -18.67
CA TYR B 165 -30.91 -20.05 -19.37
C TYR B 165 -32.01 -20.27 -20.40
N ARG B 166 -33.24 -19.89 -20.07
CA ARG B 166 -34.30 -20.11 -21.07
C ARG B 166 -34.09 -19.19 -22.26
N GLN B 167 -33.74 -17.93 -21.99
CA GLN B 167 -33.49 -16.98 -23.06
C GLN B 167 -32.36 -17.49 -23.95
N ILE B 168 -31.41 -18.15 -23.27
CA ILE B 168 -30.29 -18.71 -24.04
C ILE B 168 -30.78 -19.78 -24.98
N GLY B 169 -31.67 -20.64 -24.47
CA GLY B 169 -32.19 -21.67 -25.37
C GLY B 169 -32.97 -21.04 -26.50
N LYS B 170 -33.79 -20.05 -26.16
CA LYS B 170 -34.56 -19.37 -27.22
C LYS B 170 -33.66 -18.81 -28.30
N ASN B 171 -32.57 -18.15 -27.91
CA ASN B 171 -31.70 -17.55 -28.92
C ASN B 171 -31.05 -18.63 -29.79
N ALA B 172 -30.68 -19.72 -29.12
CA ALA B 172 -30.00 -20.80 -29.84
C ALA B 172 -30.93 -21.30 -30.94
N ALA B 173 -32.18 -21.53 -30.57
CA ALA B 173 -33.14 -21.97 -31.60
C ALA B 173 -33.25 -20.97 -32.72
N ARG B 174 -33.26 -19.68 -32.38
CA ARG B 174 -33.48 -18.65 -33.41
C ARG B 174 -32.29 -18.58 -34.35
N TYR B 175 -31.09 -18.87 -33.85
CA TYR B 175 -29.94 -18.98 -34.72
C TYR B 175 -30.12 -20.15 -35.68
N ALA B 176 -30.55 -21.26 -35.09
CA ALA B 176 -30.77 -22.50 -35.81
C ALA B 176 -31.64 -22.21 -37.03
N LYS B 177 -32.67 -21.40 -36.75
CA LYS B 177 -33.58 -21.03 -37.83
C LYS B 177 -33.06 -19.86 -38.65
N ARG B 178 -31.78 -19.52 -38.52
CA ARG B 178 -31.24 -18.49 -39.39
C ARG B 178 -31.93 -17.14 -39.28
N GLU B 179 -32.52 -16.88 -38.11
CA GLU B 179 -32.95 -15.51 -37.83
C GLU B 179 -31.76 -14.77 -37.26
N SER B 180 -31.89 -13.48 -36.96
CA SER B 180 -30.69 -12.88 -36.33
C SER B 180 -31.17 -12.32 -35.00
N PRO B 181 -31.26 -13.20 -34.01
CA PRO B 181 -31.86 -12.80 -32.73
C PRO B 181 -31.00 -11.72 -32.10
N GLN B 182 -31.63 -10.79 -31.39
CA GLN B 182 -30.74 -9.86 -30.68
C GLN B 182 -30.14 -10.64 -29.52
N PRO B 183 -28.87 -10.38 -29.21
CA PRO B 183 -28.22 -11.21 -28.20
C PRO B 183 -28.85 -11.05 -26.83
N VAL B 184 -28.82 -12.07 -26.00
CA VAL B 184 -29.24 -11.97 -24.61
C VAL B 184 -28.51 -10.79 -23.96
N PRO B 185 -29.14 -9.87 -23.24
CA PRO B 185 -28.43 -8.70 -22.73
C PRO B 185 -27.27 -9.10 -21.82
N THR B 186 -26.22 -8.29 -21.93
CA THR B 186 -24.95 -8.45 -21.24
C THR B 186 -25.14 -8.48 -19.74
N LEU B 187 -24.63 -9.51 -19.07
CA LEU B 187 -24.54 -9.46 -17.61
C LEU B 187 -23.08 -9.27 -17.21
N ASN B 188 -22.75 -8.29 -16.39
CA ASN B 188 -21.37 -8.08 -15.97
C ASN B 188 -21.32 -7.60 -14.53
N ASP B 189 -20.32 -8.01 -13.75
CA ASP B 189 -20.22 -7.43 -12.40
C ASP B 189 -18.76 -7.57 -11.98
N GLN B 190 -18.17 -6.42 -11.69
CA GLN B 190 -16.76 -6.27 -11.36
C GLN B 190 -16.36 -7.08 -10.13
N MET B 191 -17.33 -7.47 -9.31
CA MET B 191 -17.02 -8.24 -8.11
C MET B 191 -17.28 -9.73 -8.27
N ALA B 192 -17.70 -10.18 -9.46
CA ALA B 192 -17.93 -11.60 -9.69
C ALA B 192 -16.69 -12.45 -9.55
N ARG B 193 -15.57 -12.01 -10.16
CA ARG B 193 -14.31 -12.74 -9.95
C ARG B 193 -13.88 -12.67 -8.49
N PRO B 194 -13.78 -11.52 -7.84
CA PRO B 194 -13.48 -11.47 -6.40
C PRO B 194 -14.27 -12.46 -5.54
N LYS B 195 -15.57 -12.54 -5.82
CA LYS B 195 -16.42 -13.41 -5.00
C LYS B 195 -16.28 -14.87 -5.39
N TYR B 196 -16.18 -15.13 -6.70
CA TYR B 196 -16.36 -16.48 -7.19
C TYR B 196 -15.25 -17.13 -7.98
N GLN B 197 -14.18 -16.44 -8.39
CA GLN B 197 -13.22 -17.09 -9.29
C GLN B 197 -12.53 -18.27 -8.63
N ALA B 198 -12.20 -18.15 -7.33
CA ALA B 198 -11.54 -19.30 -6.70
C ALA B 198 -12.46 -20.52 -6.69
N LYS B 199 -13.73 -20.29 -6.35
CA LYS B 199 -14.69 -21.40 -6.34
C LYS B 199 -14.87 -21.98 -7.73
N SER B 200 -14.97 -21.09 -8.72
CA SER B 200 -15.02 -21.54 -10.11
C SER B 200 -13.80 -22.39 -10.42
N ALA B 201 -12.60 -21.97 -10.08
CA ALA B 201 -11.45 -22.84 -10.32
C ALA B 201 -11.57 -24.21 -9.68
N ILE B 202 -12.08 -24.27 -8.45
CA ILE B 202 -12.18 -25.54 -7.73
C ILE B 202 -13.19 -26.46 -8.38
N LEU B 203 -14.38 -25.95 -8.72
CA LEU B 203 -15.39 -26.74 -9.42
C LEU B 203 -14.90 -27.19 -10.79
N HIS B 204 -14.11 -26.34 -11.47
CA HIS B 204 -13.60 -26.79 -12.76
C HIS B 204 -12.56 -27.89 -12.58
N ILE B 205 -11.74 -27.79 -11.53
CA ILE B 205 -10.74 -28.84 -11.29
C ILE B 205 -11.43 -30.20 -11.11
N LYS B 206 -12.51 -30.18 -10.32
CA LYS B 206 -13.23 -31.40 -10.02
C LYS B 206 -13.95 -31.97 -11.24
N GLU B 207 -14.59 -31.16 -12.07
CA GLU B 207 -15.23 -31.67 -13.28
C GLU B 207 -14.17 -32.22 -14.23
N THR B 208 -13.02 -31.53 -14.24
CA THR B 208 -12.01 -31.91 -15.22
C THR B 208 -11.50 -33.32 -14.98
N LYS B 209 -11.69 -33.83 -13.77
CA LYS B 209 -11.21 -35.17 -13.48
C LYS B 209 -11.96 -36.22 -14.30
N TYR B 210 -13.09 -35.85 -14.89
CA TYR B 210 -13.92 -36.81 -15.62
C TYR B 210 -13.74 -36.72 -17.12
N VAL B 211 -12.75 -35.94 -17.51
CA VAL B 211 -12.39 -35.85 -18.91
C VAL B 211 -11.80 -37.18 -19.37
N VAL B 212 -12.13 -37.57 -20.58
CA VAL B 212 -11.58 -38.79 -21.18
C VAL B 212 -11.16 -38.50 -22.61
N THR B 213 -9.86 -38.43 -22.79
CA THR B 213 -9.35 -38.20 -24.13
C THR B 213 -9.88 -39.22 -25.13
N GLY B 214 -10.35 -38.72 -26.26
CA GLY B 214 -10.83 -39.54 -27.35
C GLY B 214 -12.17 -40.21 -27.16
N LYS B 215 -12.85 -40.03 -26.04
CA LYS B 215 -14.17 -40.60 -25.86
C LYS B 215 -15.26 -39.71 -26.48
N ASN B 216 -15.98 -40.22 -27.47
CA ASN B 216 -16.98 -39.44 -28.19
C ASN B 216 -18.18 -39.12 -27.34
N PRO B 217 -18.90 -38.04 -27.63
CA PRO B 217 -20.04 -37.69 -26.77
C PRO B 217 -21.10 -38.78 -26.72
N GLN B 218 -21.75 -38.81 -25.56
CA GLN B 218 -22.89 -39.65 -25.27
C GLN B 218 -24.20 -38.87 -25.35
N GLU B 219 -25.14 -39.41 -26.14
CA GLU B 219 -26.50 -38.89 -26.12
C GLU B 219 -27.14 -39.16 -24.77
N LEU B 220 -27.94 -38.22 -24.30
CA LEU B 220 -28.44 -38.38 -22.94
C LEU B 220 -29.96 -38.48 -22.91
N ARG B 221 -30.54 -39.45 -22.19
CA ARG B 221 -31.96 -39.30 -21.92
C ARG B 221 -32.16 -38.46 -20.66
N VAL B 222 -33.11 -37.53 -20.80
CA VAL B 222 -33.44 -36.67 -19.67
C VAL B 222 -34.73 -37.15 -19.02
N ALA B 223 -34.65 -37.52 -17.75
CA ALA B 223 -35.82 -37.89 -16.96
C ALA B 223 -37.00 -36.95 -17.18
N SER C 37 26.49 -4.52 -40.61
CA SER C 37 25.75 -5.16 -39.53
C SER C 37 25.29 -4.12 -38.52
N ALA C 38 23.97 -3.94 -38.39
CA ALA C 38 23.45 -2.88 -37.53
C ALA C 38 23.68 -3.17 -36.05
N ARG C 39 24.01 -2.14 -35.27
CA ARG C 39 24.24 -2.26 -33.83
C ARG C 39 23.35 -1.32 -33.04
N VAL C 40 23.44 -1.36 -31.70
CA VAL C 40 22.48 -0.45 -31.04
C VAL C 40 22.86 1.00 -31.32
N SER C 41 24.10 1.27 -31.73
CA SER C 41 24.46 2.63 -32.11
C SER C 41 23.66 3.06 -33.34
N ASP C 42 23.15 2.12 -34.13
CA ASP C 42 22.37 2.46 -35.32
C ASP C 42 20.88 2.66 -35.07
N TYR C 43 20.44 2.45 -33.83
CA TYR C 43 19.04 2.55 -33.43
C TYR C 43 18.73 3.89 -32.79
N PRO C 44 17.56 4.48 -32.95
CA PRO C 44 16.49 4.04 -33.84
C PRO C 44 16.83 4.28 -35.30
N LEU C 45 16.43 3.34 -36.14
CA LEU C 45 16.63 3.48 -37.59
C LEU C 45 15.96 4.73 -38.13
N ALA C 46 14.72 5.00 -37.69
CA ALA C 46 14.03 6.19 -38.20
C ALA C 46 14.85 7.45 -37.96
N ASN C 47 15.64 7.48 -36.88
CA ASN C 47 16.43 8.69 -36.67
C ASN C 47 17.83 8.53 -37.25
N LYS C 48 18.34 7.31 -37.10
CA LYS C 48 19.75 7.11 -37.42
C LYS C 48 19.91 6.91 -38.91
N HIS C 49 19.07 6.07 -39.53
CA HIS C 49 19.26 5.74 -40.94
C HIS C 49 17.92 5.47 -41.61
N PRO C 50 17.10 6.51 -41.73
CA PRO C 50 15.77 6.38 -42.34
C PRO C 50 15.84 5.77 -43.74
N GLU C 51 16.93 6.04 -44.45
CA GLU C 51 17.13 5.56 -45.81
C GLU C 51 17.11 4.04 -45.86
N TRP C 52 17.67 3.44 -44.81
CA TRP C 52 17.78 1.98 -44.75
C TRP C 52 16.43 1.29 -44.84
N VAL C 53 15.44 2.05 -44.40
CA VAL C 53 14.05 1.72 -44.34
C VAL C 53 13.39 2.42 -45.53
N LYS C 54 13.23 1.63 -46.56
CA LYS C 54 12.53 2.01 -47.79
C LYS C 54 11.69 0.80 -48.13
N THR C 55 10.39 0.94 -48.36
CA THR C 55 9.44 -0.13 -48.26
C THR C 55 9.46 -1.18 -49.39
N ALA C 56 8.50 -2.07 -49.17
CA ALA C 56 7.96 -3.06 -50.07
C ALA C 56 8.26 -2.76 -51.54
N THR C 57 7.94 -1.56 -51.96
CA THR C 57 7.85 -1.00 -53.29
C THR C 57 8.66 0.26 -53.53
N ASN C 58 9.79 0.42 -52.84
CA ASN C 58 10.71 1.54 -52.99
C ASN C 58 10.16 2.86 -52.54
N LYS C 59 9.12 2.86 -51.68
CA LYS C 59 8.78 4.17 -51.12
C LYS C 59 9.65 4.39 -49.89
N THR C 60 9.99 5.65 -49.69
CA THR C 60 10.76 6.08 -48.54
C THR C 60 9.82 6.48 -47.42
N LEU C 61 10.35 6.65 -46.21
CA LEU C 61 9.48 7.13 -45.15
C LEU C 61 8.83 8.44 -45.58
N ASP C 62 9.64 9.32 -46.16
CA ASP C 62 9.10 10.64 -46.47
C ASP C 62 8.10 10.59 -47.61
N ASP C 63 8.01 9.50 -48.37
CA ASP C 63 6.96 9.41 -49.37
C ASP C 63 5.57 9.26 -48.75
N PHE C 64 5.53 8.91 -47.47
CA PHE C 64 4.24 8.74 -46.79
C PHE C 64 3.80 10.06 -46.16
N THR C 65 3.14 10.82 -47.04
CA THR C 65 2.55 12.09 -46.70
C THR C 65 1.03 11.99 -46.82
N LEU C 66 0.35 12.88 -46.11
CA LEU C 66 -1.11 12.96 -46.27
C LEU C 66 -1.46 13.16 -47.73
N GLU C 67 -0.67 14.02 -48.38
CA GLU C 67 -0.96 14.37 -49.78
C GLU C 67 -0.89 13.14 -50.64
N ASN C 68 0.13 12.29 -50.45
CA ASN C 68 0.27 11.12 -51.30
C ASN C 68 -0.72 10.01 -50.95
N VAL C 69 -1.18 10.02 -49.70
CA VAL C 69 -2.22 9.07 -49.29
C VAL C 69 -3.51 9.40 -50.06
N LEU C 70 -3.84 10.69 -50.06
CA LEU C 70 -5.03 11.27 -50.62
C LEU C 70 -5.08 11.19 -52.13
N SER C 71 -3.92 11.27 -52.77
CA SER C 71 -3.88 11.12 -54.24
C SER C 71 -3.70 9.66 -54.63
N ASN C 72 -3.65 8.80 -53.63
CA ASN C 72 -3.39 7.38 -53.83
C ASN C 72 -2.03 7.12 -54.45
N LYS C 73 -1.12 8.09 -54.38
CA LYS C 73 0.26 7.92 -54.85
C LYS C 73 0.96 6.86 -54.04
N VAL C 74 0.44 6.73 -52.82
CA VAL C 74 0.90 5.71 -51.87
C VAL C 74 -0.32 4.96 -51.37
N THR C 75 -0.25 3.64 -51.20
CA THR C 75 -1.40 2.92 -50.66
C THR C 75 -0.97 1.85 -49.65
N ALA C 76 -1.96 1.16 -49.10
CA ALA C 76 -1.69 0.11 -48.10
C ALA C 76 -0.61 -0.86 -48.59
N GLN C 77 -0.65 -1.19 -49.89
CA GLN C 77 0.31 -2.17 -50.40
C GLN C 77 1.73 -1.61 -50.37
N ASP C 78 1.88 -0.30 -50.39
CA ASP C 78 3.22 0.28 -50.29
C ASP C 78 3.69 0.28 -48.83
N MET C 79 2.74 0.39 -47.90
CA MET C 79 3.02 0.54 -46.48
C MET C 79 3.30 -0.77 -45.78
N ARG C 80 4.40 -1.42 -46.15
CA ARG C 80 4.70 -2.74 -45.60
C ARG C 80 6.16 -2.82 -45.19
N ILE C 81 6.41 -3.25 -43.95
CA ILE C 81 7.82 -3.42 -43.56
C ILE C 81 8.51 -4.45 -44.43
N THR C 82 9.79 -4.22 -44.71
CA THR C 82 10.55 -5.13 -45.55
C THR C 82 11.33 -6.17 -44.76
N PRO C 83 11.69 -7.26 -45.45
CA PRO C 83 12.58 -8.26 -44.84
C PRO C 83 13.91 -7.60 -44.52
N GLU C 84 14.37 -6.65 -45.35
CA GLU C 84 15.65 -6.03 -44.99
C GLU C 84 15.56 -5.29 -43.66
N THR C 85 14.48 -4.54 -43.46
CA THR C 85 14.34 -3.77 -42.22
C THR C 85 14.34 -4.67 -41.01
N LEU C 86 13.59 -5.78 -41.15
CA LEU C 86 13.52 -6.69 -40.02
C LEU C 86 14.85 -7.38 -39.77
N ARG C 87 15.62 -7.74 -40.80
CA ARG C 87 16.93 -8.32 -40.53
C ARG C 87 17.89 -7.31 -39.92
N LEU C 88 17.75 -6.03 -40.26
CA LEU C 88 18.54 -5.00 -39.58
C LEU C 88 18.18 -4.98 -38.09
N GLN C 89 16.88 -5.07 -37.81
CA GLN C 89 16.44 -4.97 -36.42
C GLN C 89 16.92 -6.22 -35.68
N ALA C 90 16.94 -7.34 -36.38
CA ALA C 90 17.45 -8.58 -35.80
C ALA C 90 18.90 -8.36 -35.41
N SER C 91 19.70 -7.70 -36.25
CA SER C 91 21.08 -7.45 -35.83
C SER C 91 21.16 -6.55 -34.62
N ILE C 92 20.28 -5.55 -34.58
CA ILE C 92 20.31 -4.68 -33.39
C ILE C 92 19.94 -5.45 -32.14
N ALA C 93 18.93 -6.32 -32.23
CA ALA C 93 18.52 -7.10 -31.05
C ALA C 93 19.68 -7.95 -30.56
N LYS C 94 20.40 -8.55 -31.51
CA LYS C 94 21.52 -9.40 -31.10
C LYS C 94 22.57 -8.57 -30.40
N ASP C 95 22.78 -7.37 -30.95
CA ASP C 95 23.78 -6.48 -30.36
C ASP C 95 23.31 -6.04 -28.98
N ALA C 96 21.99 -5.98 -28.76
CA ALA C 96 21.44 -5.68 -27.46
C ALA C 96 21.40 -6.91 -26.55
N GLY C 97 21.93 -8.06 -26.96
CA GLY C 97 21.98 -9.24 -26.10
C GLY C 97 20.70 -10.03 -26.06
N ARG C 98 19.91 -9.94 -27.14
CA ARG C 98 18.62 -10.61 -27.24
C ARG C 98 18.54 -11.46 -28.49
N ASP C 99 19.18 -12.62 -28.42
CA ASP C 99 19.27 -13.53 -29.56
C ASP C 99 17.94 -14.12 -29.97
N ARG C 100 17.08 -14.47 -29.02
CA ARG C 100 15.81 -15.07 -29.42
C ARG C 100 14.95 -13.98 -30.05
N LEU C 101 15.00 -12.76 -29.50
CA LEU C 101 14.26 -11.68 -30.16
C LEU C 101 14.70 -11.56 -31.61
N ALA C 102 16.02 -11.53 -31.84
CA ALA C 102 16.56 -11.52 -33.21
C ALA C 102 16.02 -12.67 -34.04
N MET C 103 16.01 -13.89 -33.48
CA MET C 103 15.50 -15.01 -34.27
C MET C 103 14.03 -14.81 -34.65
N ASN C 104 13.23 -14.25 -33.76
CA ASN C 104 11.84 -13.91 -34.06
C ASN C 104 11.81 -12.97 -35.26
N PHE C 105 12.70 -11.97 -35.23
CA PHE C 105 12.73 -10.97 -36.31
C PHE C 105 13.16 -11.62 -37.62
N GLU C 106 14.04 -12.62 -37.53
CA GLU C 106 14.47 -13.33 -38.74
C GLU C 106 13.33 -14.13 -39.35
N ARG C 107 12.52 -14.75 -38.49
CA ARG C 107 11.35 -15.48 -38.98
C ARG C 107 10.37 -14.48 -39.59
N ALA C 108 10.19 -13.33 -38.95
CA ALA C 108 9.23 -12.35 -39.47
C ALA C 108 9.63 -11.83 -40.83
N ALA C 109 10.94 -11.64 -41.00
CA ALA C 109 11.46 -11.18 -42.29
C ALA C 109 11.04 -12.13 -43.38
N GLU C 110 11.24 -13.43 -43.13
CA GLU C 110 10.77 -14.43 -44.11
C GLU C 110 9.27 -14.29 -44.36
N LEU C 111 8.49 -14.09 -43.30
CA LEU C 111 7.04 -14.12 -43.48
C LEU C 111 6.49 -12.88 -44.18
N THR C 112 7.30 -11.83 -44.35
CA THR C 112 6.78 -10.67 -45.07
C THR C 112 6.39 -11.05 -46.49
N ALA C 113 6.96 -12.12 -47.03
CA ALA C 113 6.70 -12.60 -48.39
C ALA C 113 5.40 -13.40 -48.48
N VAL C 114 4.92 -13.87 -47.33
CA VAL C 114 3.67 -14.64 -47.31
C VAL C 114 2.45 -13.76 -47.13
N PRO C 115 1.50 -13.93 -48.05
CA PRO C 115 0.25 -13.16 -48.04
C PRO C 115 -0.57 -13.34 -46.77
N ASP C 116 -1.30 -12.28 -46.41
CA ASP C 116 -2.09 -12.27 -45.18
C ASP C 116 -2.95 -13.50 -44.98
N ASP C 117 -3.67 -13.96 -46.00
CA ASP C 117 -4.55 -15.10 -45.78
C ASP C 117 -3.79 -16.41 -45.56
N ARG C 118 -2.62 -16.50 -46.17
CA ARG C 118 -1.77 -17.69 -46.04
C ARG C 118 -1.13 -17.71 -44.65
N ILE C 119 -0.74 -16.54 -44.16
CA ILE C 119 -0.29 -16.42 -42.77
C ILE C 119 -1.33 -16.98 -41.81
N LEU C 120 -2.57 -16.51 -41.95
CA LEU C 120 -3.63 -17.02 -41.08
C LEU C 120 -3.88 -18.51 -41.27
N GLU C 121 -3.79 -19.01 -42.52
CA GLU C 121 -3.94 -20.44 -42.69
C GLU C 121 -2.88 -21.26 -41.94
N ILE C 122 -1.64 -20.81 -42.08
CA ILE C 122 -0.54 -21.54 -41.43
C ILE C 122 -0.62 -21.40 -39.92
N TYR C 123 -0.92 -20.22 -39.40
CA TYR C 123 -1.13 -20.13 -37.94
C TYR C 123 -2.22 -21.11 -37.53
N ASN C 124 -3.36 -21.11 -38.23
CA ASN C 124 -4.40 -22.01 -37.74
C ASN C 124 -3.99 -23.48 -37.85
N ALA C 125 -3.22 -23.81 -38.87
CA ALA C 125 -2.73 -25.17 -39.08
C ALA C 125 -1.92 -25.68 -37.89
N LEU C 126 -1.27 -24.77 -37.18
CA LEU C 126 -0.36 -25.11 -36.07
C LEU C 126 -1.10 -25.28 -34.77
N ARG C 127 -2.37 -24.86 -34.76
CA ARG C 127 -3.17 -24.95 -33.52
C ARG C 127 -3.49 -26.41 -33.25
N PRO C 128 -3.72 -26.83 -32.01
CA PRO C 128 -3.90 -28.26 -31.75
C PRO C 128 -5.06 -28.89 -32.54
N TYR C 129 -4.79 -30.10 -32.99
CA TYR C 129 -5.74 -31.00 -33.64
C TYR C 129 -6.21 -30.49 -34.99
N ARG C 130 -5.60 -29.45 -35.55
CA ARG C 130 -6.07 -28.97 -36.84
C ARG C 130 -5.51 -29.80 -38.00
N SER C 131 -4.27 -30.24 -37.92
CA SER C 131 -3.53 -30.75 -39.06
C SER C 131 -3.08 -32.20 -38.96
N THR C 132 -2.87 -32.79 -40.14
CA THR C 132 -2.20 -34.08 -40.10
C THR C 132 -0.71 -33.78 -40.27
N LYS C 133 0.16 -34.71 -39.90
CA LYS C 133 1.58 -34.52 -40.10
C LYS C 133 1.89 -34.16 -41.55
N GLU C 134 1.34 -34.91 -42.49
CA GLU C 134 1.65 -34.63 -43.89
C GLU C 134 1.25 -33.20 -44.26
N GLU C 135 0.13 -32.74 -43.72
CA GLU C 135 -0.26 -31.37 -44.03
C GLU C 135 0.76 -30.37 -43.49
N LEU C 136 1.28 -30.62 -42.29
CA LEU C 136 2.29 -29.68 -41.80
C LEU C 136 3.55 -29.74 -42.65
N LEU C 137 3.99 -30.94 -43.04
CA LEU C 137 5.19 -31.04 -43.86
C LEU C 137 5.01 -30.33 -45.18
N ALA C 138 3.77 -30.33 -45.69
CA ALA C 138 3.58 -29.62 -46.97
C ALA C 138 3.59 -28.12 -46.79
N ILE C 139 3.06 -27.62 -45.67
CA ILE C 139 3.17 -26.18 -45.41
C ILE C 139 4.66 -25.84 -45.39
N ALA C 140 5.43 -26.69 -44.70
CA ALA C 140 6.88 -26.51 -44.63
C ALA C 140 7.53 -26.51 -46.01
N ASP C 141 7.21 -27.48 -46.88
CA ASP C 141 7.80 -27.49 -48.23
C ASP C 141 7.46 -26.22 -49.00
N ASP C 142 6.22 -25.79 -48.85
CA ASP C 142 5.72 -24.60 -49.55
C ASP C 142 6.39 -23.34 -49.02
N LEU C 143 6.57 -23.22 -47.70
CA LEU C 143 7.30 -22.10 -47.15
C LEU C 143 8.66 -21.95 -47.81
N GLU C 144 9.39 -23.07 -47.81
CA GLU C 144 10.71 -23.08 -48.44
C GLU C 144 10.68 -22.83 -49.95
N SER C 145 9.92 -23.63 -50.71
CA SER C 145 10.09 -23.55 -52.15
C SER C 145 9.36 -22.36 -52.77
N ARG C 146 8.27 -21.91 -52.14
CA ARG C 146 7.58 -20.77 -52.73
C ARG C 146 8.11 -19.47 -52.16
N TYR C 147 8.48 -19.44 -50.87
CA TYR C 147 8.83 -18.15 -50.30
C TYR C 147 10.25 -18.06 -49.78
N GLN C 148 11.02 -19.14 -49.92
CA GLN C 148 12.39 -19.17 -49.43
C GLN C 148 12.45 -18.95 -47.93
N ALA C 149 11.33 -19.24 -47.26
CA ALA C 149 11.24 -19.07 -45.81
C ALA C 149 11.82 -20.28 -45.08
N LYS C 150 13.13 -20.46 -45.15
CA LYS C 150 13.75 -21.70 -44.69
C LYS C 150 13.71 -21.84 -43.18
N ILE C 151 13.83 -20.73 -42.45
CA ILE C 151 13.75 -20.83 -41.00
C ILE C 151 12.34 -21.23 -40.60
N CYS C 152 11.35 -20.58 -41.19
CA CYS C 152 9.96 -20.91 -40.81
C CYS C 152 9.65 -22.34 -41.27
N ALA C 153 10.14 -22.77 -42.43
CA ALA C 153 9.97 -24.18 -42.81
C ALA C 153 10.55 -25.12 -41.76
N ALA C 154 11.75 -24.85 -41.29
CA ALA C 154 12.35 -25.68 -40.24
C ALA C 154 11.49 -25.69 -38.97
N PHE C 155 10.97 -24.53 -38.62
CA PHE C 155 10.10 -24.36 -37.45
C PHE C 155 8.86 -25.23 -37.55
N VAL C 156 8.22 -25.18 -38.73
CA VAL C 156 7.03 -26.02 -38.95
C VAL C 156 7.35 -27.51 -39.02
N ARG C 157 8.47 -27.95 -39.58
CA ARG C 157 8.79 -29.39 -39.53
C ARG C 157 9.09 -29.88 -38.13
N GLU C 158 9.74 -29.04 -37.32
CA GLU C 158 9.95 -29.28 -35.90
C GLU C 158 8.62 -29.48 -35.18
N ALA C 159 7.63 -28.61 -35.36
CA ALA C 159 6.33 -28.81 -34.74
C ALA C 159 5.67 -30.10 -35.21
N ALA C 160 5.80 -30.42 -36.50
CA ALA C 160 5.19 -31.66 -36.99
C ALA C 160 5.73 -32.86 -36.22
N THR C 161 7.06 -32.88 -36.09
CA THR C 161 7.65 -34.03 -35.41
C THR C 161 7.18 -34.13 -33.96
N LEU C 162 7.14 -32.98 -33.28
CA LEU C 162 6.77 -33.01 -31.87
C LEU C 162 5.26 -33.16 -31.72
N TYR C 163 4.48 -32.72 -32.71
CA TYR C 163 3.03 -32.88 -32.67
C TYR C 163 2.64 -34.36 -32.76
N VAL C 164 3.46 -35.15 -33.45
CA VAL C 164 3.25 -36.59 -33.45
C VAL C 164 3.46 -37.14 -32.04
N GLU C 165 4.64 -36.85 -31.49
CA GLU C 165 5.04 -37.32 -30.18
C GLU C 165 4.06 -36.91 -29.09
N ARG C 166 3.60 -35.65 -29.08
CA ARG C 166 2.75 -35.19 -27.99
C ARG C 166 1.27 -35.28 -28.32
N LYS C 167 1.01 -35.85 -29.48
CA LYS C 167 -0.34 -36.10 -29.95
C LYS C 167 -1.18 -34.83 -30.06
N LYS C 168 -0.83 -33.91 -30.94
CA LYS C 168 -1.63 -32.69 -31.10
C LYS C 168 -2.05 -32.52 -32.56
N LEU C 169 -2.04 -33.66 -33.25
CA LEU C 169 -2.44 -33.72 -34.65
C LEU C 169 -3.94 -34.05 -34.76
N LYS C 170 -4.50 -33.80 -35.94
CA LYS C 170 -5.91 -34.15 -36.19
C LYS C 170 -6.20 -35.57 -35.73
N GLY C 171 -7.32 -35.77 -35.03
CA GLY C 171 -7.61 -37.14 -34.58
C GLY C 171 -7.00 -37.48 -33.26
N ASP C 172 -6.08 -36.67 -32.73
CA ASP C 172 -5.49 -37.09 -31.46
C ASP C 172 -6.28 -36.63 -30.25
N ASP C 173 -7.39 -35.92 -30.38
CA ASP C 173 -8.09 -35.41 -29.20
C ASP C 173 -9.12 -36.37 -28.65
N MET D 1 -21.20 23.73 -18.73
CA MET D 1 -21.41 22.31 -18.52
C MET D 1 -20.29 21.67 -17.72
N ARG D 2 -20.69 20.79 -16.80
CA ARG D 2 -19.79 20.02 -15.96
C ARG D 2 -19.52 18.64 -16.58
N SER D 3 -18.28 18.20 -16.52
CA SER D 3 -17.91 16.83 -16.79
C SER D 3 -18.37 15.93 -15.66
N LYS D 4 -19.14 14.90 -15.99
CA LYS D 4 -19.61 13.98 -14.95
C LYS D 4 -18.46 13.16 -14.39
N ARG D 5 -17.38 13.07 -15.16
CA ARG D 5 -16.18 12.37 -14.71
C ARG D 5 -15.60 13.10 -13.51
N PHE D 6 -15.45 14.42 -13.68
CA PHE D 6 -14.94 15.29 -12.61
C PHE D 6 -15.94 15.41 -11.48
N GLU D 7 -17.24 15.37 -11.77
CA GLU D 7 -18.20 15.37 -10.67
C GLU D 7 -18.01 14.15 -9.78
N ALA D 8 -17.79 12.99 -10.41
CA ALA D 8 -17.59 11.76 -9.65
C ALA D 8 -16.31 11.83 -8.82
N LEU D 9 -15.27 12.38 -9.42
CA LEU D 9 -13.96 12.54 -8.79
C LEU D 9 -14.07 13.48 -7.60
N ALA D 10 -14.85 14.54 -7.75
CA ALA D 10 -15.01 15.57 -6.72
C ALA D 10 -15.58 15.00 -5.43
N LYS D 11 -16.45 14.00 -5.55
CA LYS D 11 -17.06 13.35 -4.42
C LYS D 11 -16.17 12.37 -3.67
N ARG D 12 -15.01 12.02 -4.20
CA ARG D 12 -14.21 10.97 -3.54
C ARG D 12 -13.68 11.50 -2.22
N PRO D 13 -13.68 10.63 -1.22
CA PRO D 13 -13.16 10.96 0.10
C PRO D 13 -11.82 11.67 0.12
N VAL D 14 -10.87 11.23 -0.72
CA VAL D 14 -9.55 11.84 -0.68
C VAL D 14 -9.65 13.34 -0.89
N ASN D 15 -10.66 13.85 -1.58
CA ASN D 15 -10.68 15.29 -1.83
C ASN D 15 -11.24 16.09 -0.66
N GLN D 16 -11.49 15.39 0.44
CA GLN D 16 -11.85 16.05 1.70
C GLN D 16 -10.62 16.33 2.54
N ASP D 17 -9.47 15.77 2.13
CA ASP D 17 -8.23 15.89 2.87
C ASP D 17 -7.64 17.28 2.74
N GLY D 18 -6.86 17.71 3.72
CA GLY D 18 -6.17 19.01 3.63
C GLY D 18 -4.88 18.91 2.84
N PHE D 19 -4.80 19.64 1.74
CA PHE D 19 -3.61 19.75 0.92
C PHE D 19 -3.18 21.22 0.81
N VAL D 20 -1.87 21.42 0.78
CA VAL D 20 -1.29 22.76 0.79
C VAL D 20 -0.12 22.83 -0.18
N LYS D 21 0.06 23.98 -0.83
CA LYS D 21 1.25 24.13 -1.67
C LYS D 21 2.43 24.47 -0.78
N GLU D 22 3.66 24.09 -1.10
CA GLU D 22 4.74 24.35 -0.14
C GLU D 22 4.90 25.82 0.21
N TRP D 23 5.29 26.05 1.45
CA TRP D 23 5.51 27.40 1.97
C TRP D 23 6.87 27.40 2.66
N ILE D 24 7.89 27.48 1.84
CA ILE D 24 9.28 27.28 2.18
C ILE D 24 9.68 28.15 3.37
N GLU D 25 9.29 29.42 3.32
CA GLU D 25 9.72 30.42 4.32
C GLU D 25 9.15 30.15 5.70
N GLU D 26 7.99 29.51 5.77
CA GLU D 26 7.45 29.20 7.09
C GLU D 26 7.73 27.73 7.43
N GLY D 27 8.58 27.09 6.63
CA GLY D 27 8.97 25.71 6.80
C GLY D 27 7.83 24.76 6.50
N PHE D 28 6.81 25.22 5.78
CA PHE D 28 5.71 24.33 5.39
C PHE D 28 6.12 23.55 4.14
N ILE D 29 7.13 22.70 4.30
CA ILE D 29 7.73 21.85 3.29
C ILE D 29 8.29 20.62 4.01
N ALA D 30 8.05 19.41 3.49
CA ALA D 30 8.36 18.21 4.26
C ALA D 30 9.84 17.92 4.38
N MET D 31 10.53 18.12 3.26
CA MET D 31 11.96 17.79 3.22
C MET D 31 12.60 18.41 1.99
N GLU D 32 13.93 18.37 1.96
CA GLU D 32 14.67 18.86 0.79
C GLU D 32 14.36 20.32 0.54
N SER D 33 14.52 21.12 1.60
CA SER D 33 14.25 22.54 1.49
C SER D 33 15.56 23.29 1.25
N PRO D 34 15.54 24.31 0.41
CA PRO D 34 16.78 25.04 0.13
C PRO D 34 17.20 25.88 1.35
N ASN D 35 16.30 26.03 2.33
CA ASN D 35 16.75 26.70 3.56
C ASN D 35 17.44 25.77 4.54
N ASP D 36 17.33 24.45 4.37
CA ASP D 36 18.01 23.58 5.33
C ASP D 36 19.52 23.80 5.27
N PRO D 37 20.21 23.80 6.40
CA PRO D 37 21.65 24.08 6.45
C PRO D 37 22.52 23.01 5.83
N LYS D 38 23.64 23.44 5.25
CA LYS D 38 24.65 22.54 4.74
C LYS D 38 25.30 21.80 5.91
N PRO D 39 25.46 20.50 5.80
CA PRO D 39 26.11 19.74 6.86
C PRO D 39 27.51 20.25 7.12
N SER D 40 27.80 20.49 8.38
CA SER D 40 29.21 20.79 8.70
C SER D 40 29.50 20.52 10.16
N ILE D 41 30.79 20.38 10.50
CA ILE D 41 31.05 20.32 11.94
C ILE D 41 32.50 20.74 12.15
N LYS D 42 32.72 21.42 13.26
CA LYS D 42 34.08 21.72 13.69
C LYS D 42 34.22 21.26 15.15
N ILE D 43 35.34 20.63 15.41
CA ILE D 43 35.72 20.15 16.72
C ILE D 43 37.10 20.67 17.12
N VAL D 44 37.16 21.13 18.37
CA VAL D 44 38.43 21.53 18.95
C VAL D 44 38.61 20.88 20.31
N ASN D 45 39.68 20.13 20.49
CA ASN D 45 39.97 19.54 21.80
C ASN D 45 38.76 18.76 22.30
N GLY D 46 38.07 18.12 21.35
CA GLY D 46 37.01 17.18 21.69
C GLY D 46 35.67 17.84 21.97
N ALA D 47 35.56 19.12 21.61
CA ALA D 47 34.29 19.82 21.77
C ALA D 47 33.91 20.46 20.44
N VAL D 48 32.62 20.38 20.15
CA VAL D 48 32.07 20.99 18.94
C VAL D 48 32.07 22.50 18.99
N THR D 49 32.70 23.12 17.96
CA THR D 49 32.70 24.57 17.86
C THR D 49 31.84 25.09 16.71
N GLU D 50 31.46 24.19 15.81
CA GLU D 50 30.64 24.53 14.64
C GLU D 50 29.67 23.37 14.38
N LEU D 51 28.41 23.67 14.14
CA LEU D 51 27.48 22.57 13.86
C LEU D 51 26.52 22.99 12.76
N ASP D 52 26.71 22.32 11.61
CA ASP D 52 25.86 22.56 10.45
C ASP D 52 25.74 24.05 10.16
N GLY D 53 26.90 24.68 10.00
CA GLY D 53 26.99 26.07 9.59
C GLY D 53 27.08 27.04 10.76
N LYS D 54 26.41 26.72 11.84
CA LYS D 54 26.24 27.58 13.00
C LYS D 54 27.43 27.54 13.96
N PRO D 55 27.96 28.69 14.35
CA PRO D 55 29.05 28.74 15.33
C PRO D 55 28.54 28.51 16.75
N VAL D 56 29.39 27.94 17.60
CA VAL D 56 28.92 27.64 18.96
C VAL D 56 28.45 28.89 19.69
N SER D 57 29.03 30.04 19.38
CA SER D 57 28.54 31.30 19.99
C SER D 57 27.07 31.54 19.72
N ASP D 58 26.55 30.94 18.64
CA ASP D 58 25.13 31.13 18.32
C ASP D 58 24.25 29.95 18.69
N PHE D 59 24.75 28.90 19.32
CA PHE D 59 23.96 27.70 19.60
C PHE D 59 22.73 28.00 20.44
N ASP D 60 21.57 27.45 20.08
CA ASP D 60 20.43 27.48 20.98
C ASP D 60 20.53 26.29 21.94
N LEU D 61 19.54 26.08 22.81
CA LEU D 61 19.60 24.96 23.73
C LEU D 61 19.68 23.62 23.00
N ILE D 62 19.02 23.50 21.85
CA ILE D 62 19.05 22.24 21.10
C ILE D 62 20.42 21.99 20.50
N ASP D 63 21.03 23.03 19.90
CA ASP D 63 22.37 22.87 19.37
C ASP D 63 23.34 22.43 20.47
N HIS D 64 23.28 23.09 21.63
CA HIS D 64 24.22 22.69 22.69
C HIS D 64 24.08 21.23 23.10
N PHE D 65 22.81 20.83 23.29
CA PHE D 65 22.51 19.48 23.76
C PHE D 65 23.02 18.46 22.74
N ILE D 66 22.69 18.63 21.46
CA ILE D 66 23.12 17.69 20.42
C ILE D 66 24.64 17.72 20.27
N ALA D 67 25.22 18.92 20.22
CA ALA D 67 26.67 19.04 20.07
C ALA D 67 27.41 18.40 21.24
N ARG D 68 26.89 18.60 22.46
CA ARG D 68 27.65 18.06 23.59
C ARG D 68 27.35 16.59 23.83
N TYR D 69 26.17 16.09 23.45
CA TYR D 69 25.89 14.70 23.80
C TYR D 69 25.33 13.85 22.67
N GLY D 70 24.94 14.44 21.54
CA GLY D 70 24.15 13.70 20.59
C GLY D 70 24.90 13.05 19.46
N ILE D 71 26.17 13.38 19.34
CA ILE D 71 26.96 12.94 18.20
C ILE D 71 28.23 12.21 18.60
N ASN D 72 28.49 11.12 17.93
CA ASN D 72 29.73 10.34 18.04
C ASN D 72 30.86 11.21 17.52
N LEU D 73 31.53 11.95 18.39
CA LEU D 73 32.55 12.90 17.95
C LEU D 73 33.81 12.21 17.42
N ASN D 74 34.04 10.97 17.82
CA ASN D 74 35.22 10.23 17.40
C ASN D 74 35.25 10.01 15.90
N ARG D 75 34.10 9.84 15.23
CA ARG D 75 34.19 9.61 13.79
C ARG D 75 33.45 10.70 13.03
N ALA D 76 33.14 11.82 13.69
CA ALA D 76 32.27 12.80 13.01
C ALA D 76 32.98 13.46 11.84
N GLU D 77 34.27 13.79 11.94
CA GLU D 77 34.89 14.41 10.77
C GLU D 77 35.03 13.40 9.63
N GLU D 78 35.36 12.17 10.00
CA GLU D 78 35.48 11.07 9.06
C GLU D 78 34.21 10.97 8.23
N VAL D 79 33.09 10.97 8.96
CA VAL D 79 31.84 10.67 8.24
C VAL D 79 31.38 11.89 7.46
N MET D 80 31.64 13.07 8.03
CA MET D 80 31.28 14.30 7.35
C MET D 80 31.92 14.36 5.98
N ALA D 81 33.16 13.89 5.88
CA ALA D 81 33.92 13.90 4.64
C ALA D 81 33.52 12.78 3.70
N MET D 82 32.63 11.88 4.13
CA MET D 82 32.21 10.86 3.15
C MET D 82 31.09 11.35 2.25
N ASP D 83 31.05 10.89 1.01
CA ASP D 83 29.97 11.28 0.11
C ASP D 83 28.59 10.88 0.59
N SER D 84 27.65 11.82 0.68
CA SER D 84 26.32 11.47 1.17
C SER D 84 25.64 10.45 0.26
N VAL D 85 25.97 10.49 -1.04
CA VAL D 85 25.31 9.53 -1.96
C VAL D 85 25.86 8.15 -1.63
N LYS D 86 27.17 8.04 -1.38
CA LYS D 86 27.69 6.73 -1.00
C LYS D 86 27.07 6.22 0.28
N LEU D 87 26.89 7.15 1.24
CA LEU D 87 26.35 6.73 2.53
C LEU D 87 24.93 6.21 2.38
N ALA D 88 24.14 6.88 1.54
CA ALA D 88 22.77 6.41 1.29
C ALA D 88 22.79 4.99 0.72
N ASN D 89 23.76 4.83 -0.20
CA ASN D 89 23.91 3.53 -0.87
C ASN D 89 24.22 2.48 0.17
N MET D 90 25.20 2.79 1.03
CA MET D 90 25.52 1.89 2.15
C MET D 90 24.30 1.59 2.99
N LEU D 91 23.46 2.61 3.23
CA LEU D 91 22.27 2.35 4.04
C LEU D 91 21.38 1.26 3.44
N CYS D 92 21.10 1.26 2.13
CA CYS D 92 20.18 0.23 1.60
C CYS D 92 20.90 -0.98 1.02
N ASP D 93 22.23 -0.98 0.95
CA ASP D 93 23.04 -2.12 0.49
C ASP D 93 22.92 -3.30 1.45
N PRO D 94 22.42 -4.47 1.03
CA PRO D 94 22.21 -5.59 1.98
C PRO D 94 23.50 -6.15 2.53
N ASN D 95 24.61 -5.83 1.85
CA ASN D 95 25.90 -6.39 2.19
C ASN D 95 26.76 -5.45 3.03
N VAL D 96 26.24 -4.29 3.43
CA VAL D 96 26.93 -3.43 4.41
C VAL D 96 26.21 -3.63 5.75
N LYS D 97 26.85 -4.25 6.73
CA LYS D 97 26.13 -4.64 7.94
C LYS D 97 25.69 -3.44 8.77
N ARG D 98 24.57 -3.62 9.47
CA ARG D 98 24.09 -2.64 10.42
C ARG D 98 25.20 -2.27 11.43
N SER D 99 26.01 -3.24 11.84
CA SER D 99 27.02 -2.91 12.84
C SER D 99 28.15 -2.10 12.23
N GLU D 100 28.26 -2.10 10.90
CA GLU D 100 29.35 -1.30 10.32
C GLU D 100 28.86 0.11 10.09
N ILE D 101 27.53 0.27 9.92
CA ILE D 101 26.97 1.60 9.67
C ILE D 101 26.72 2.43 10.93
N VAL D 102 26.26 1.80 11.99
CA VAL D 102 25.92 2.52 13.21
C VAL D 102 27.01 3.43 13.72
N PRO D 103 28.27 3.00 13.78
CA PRO D 103 29.32 3.94 14.22
C PRO D 103 29.39 5.18 13.35
N LEU D 104 29.05 5.07 12.08
CA LEU D 104 29.13 6.20 11.15
C LEU D 104 27.89 7.08 11.22
N THR D 105 26.70 6.46 11.16
CA THR D 105 25.52 7.32 11.24
C THR D 105 25.44 8.05 12.57
N THR D 106 25.82 7.39 13.67
CA THR D 106 25.72 8.07 14.96
C THR D 106 26.77 9.18 15.10
N ALA D 107 27.68 9.25 14.14
CA ALA D 107 28.71 10.28 14.08
C ALA D 107 28.31 11.41 13.15
N MET D 108 27.20 11.20 12.44
CA MET D 108 26.71 12.23 11.52
C MET D 108 26.03 13.39 12.21
N THR D 109 26.12 14.61 11.67
CA THR D 109 25.35 15.70 12.27
C THR D 109 23.91 15.55 11.79
N PRO D 110 22.95 16.19 12.42
CA PRO D 110 21.56 16.14 11.92
C PRO D 110 21.47 16.51 10.45
N ALA D 111 22.16 17.56 10.00
CA ALA D 111 21.94 17.93 8.58
C ALA D 111 22.57 16.87 7.69
N LYS D 112 23.68 16.28 8.15
CA LYS D 112 24.35 15.25 7.35
C LYS D 112 23.44 14.04 7.15
N ILE D 113 22.85 13.50 8.21
CA ILE D 113 22.04 12.29 8.02
C ILE D 113 20.78 12.62 7.24
N VAL D 114 20.23 13.82 7.40
CA VAL D 114 19.10 14.23 6.58
C VAL D 114 19.48 14.24 5.11
N GLU D 115 20.65 14.79 4.82
CA GLU D 115 21.15 14.85 3.44
C GLU D 115 21.33 13.46 2.84
N VAL D 116 21.85 12.54 3.66
CA VAL D 116 22.03 11.16 3.24
C VAL D 116 20.70 10.52 2.88
N VAL D 117 19.78 10.48 3.84
CA VAL D 117 18.53 9.79 3.51
C VAL D 117 17.76 10.54 2.43
N SER D 118 17.93 11.84 2.25
CA SER D 118 17.11 12.45 1.20
C SER D 118 17.53 12.01 -0.19
N HIS D 119 18.63 11.28 -0.33
CA HIS D 119 18.97 10.83 -1.69
C HIS D 119 18.13 9.64 -2.12
N MET D 120 17.30 9.12 -1.23
CA MET D 120 16.64 7.83 -1.35
C MET D 120 15.19 7.90 -1.79
N ASN D 121 14.75 6.95 -2.62
CA ASN D 121 13.32 6.80 -2.85
C ASN D 121 12.72 5.88 -1.78
N VAL D 122 11.41 5.68 -1.72
CA VAL D 122 10.84 4.93 -0.60
C VAL D 122 11.19 3.45 -0.66
N VAL D 123 11.46 2.91 -1.84
CA VAL D 123 11.86 1.50 -1.93
C VAL D 123 13.22 1.33 -1.28
N GLU D 124 14.14 2.27 -1.58
CA GLU D 124 15.46 2.23 -0.92
C GLU D 124 15.36 2.41 0.59
N MET D 125 14.52 3.34 1.05
CA MET D 125 14.36 3.54 2.49
C MET D 125 13.89 2.30 3.19
N MET D 126 12.93 1.61 2.55
CA MET D 126 12.35 0.42 3.15
C MET D 126 13.38 -0.69 3.21
N MET D 127 14.17 -0.80 2.15
CA MET D 127 15.25 -1.77 2.06
C MET D 127 16.23 -1.55 3.20
N ALA D 128 16.45 -0.27 3.50
CA ALA D 128 17.37 0.12 4.55
C ALA D 128 16.74 -0.09 5.93
N MET D 129 15.45 0.26 6.00
CA MET D 129 14.82 0.15 7.32
C MET D 129 14.85 -1.28 7.84
N GLN D 130 14.60 -2.25 6.94
CA GLN D 130 14.56 -3.62 7.43
C GLN D 130 15.90 -4.02 8.02
N LYS D 131 16.99 -3.41 7.54
CA LYS D 131 18.30 -3.70 8.11
C LYS D 131 18.60 -2.89 9.37
N MET D 132 18.17 -1.62 9.38
CA MET D 132 18.60 -0.75 10.47
C MET D 132 17.74 -0.94 11.72
N ARG D 133 16.52 -1.46 11.57
CA ARG D 133 15.64 -1.70 12.73
C ARG D 133 16.41 -2.38 13.86
N ALA D 134 16.39 -1.84 15.08
CA ALA D 134 17.24 -2.39 16.14
C ALA D 134 16.78 -3.77 16.59
N ARG D 135 15.48 -4.00 16.76
CA ARG D 135 15.08 -5.34 17.18
C ARG D 135 14.92 -6.25 15.97
N ARG D 136 15.49 -7.45 16.03
CA ARG D 136 15.31 -8.39 14.92
C ARG D 136 13.84 -8.68 14.66
N THR D 137 13.04 -8.86 15.68
CA THR D 137 11.61 -9.14 15.52
C THR D 137 10.76 -7.88 15.50
N PRO D 138 9.92 -7.69 14.49
CA PRO D 138 9.01 -6.54 14.48
C PRO D 138 7.90 -6.68 15.51
N SER D 139 7.45 -5.54 16.06
CA SER D 139 6.31 -5.65 16.97
C SER D 139 5.24 -4.61 16.64
N GLN D 140 4.31 -4.40 17.56
CA GLN D 140 3.11 -3.58 17.32
C GLN D 140 2.60 -3.01 18.65
N GLN D 141 2.03 -1.82 18.60
CA GLN D 141 1.48 -1.11 19.75
C GLN D 141 0.08 -0.61 19.45
N ALA D 142 -0.82 -0.73 20.42
CA ALA D 142 -2.20 -0.28 20.24
C ALA D 142 -2.65 0.81 21.22
N HIS D 143 -3.62 1.61 20.80
CA HIS D 143 -4.40 2.52 21.59
C HIS D 143 -5.59 1.77 22.19
N VAL D 144 -5.77 1.96 23.51
CA VAL D 144 -6.91 1.37 24.18
C VAL D 144 -7.56 2.47 25.02
N THR D 145 -8.54 3.10 24.38
CA THR D 145 -9.30 4.21 24.91
C THR D 145 -10.79 4.04 24.64
N ASN D 146 -11.58 4.98 25.19
CA ASN D 146 -12.98 5.12 24.77
C ASN D 146 -13.48 6.47 25.26
N VAL D 147 -14.53 6.96 24.61
CA VAL D 147 -14.85 8.38 24.80
C VAL D 147 -15.50 8.60 26.15
N LYS D 148 -15.80 7.51 26.84
CA LYS D 148 -16.36 7.60 28.18
C LYS D 148 -15.33 7.41 29.29
N ASP D 149 -14.12 6.98 28.96
CA ASP D 149 -13.15 6.53 29.95
C ASP D 149 -13.75 5.38 30.76
N ASN D 150 -14.67 4.63 30.16
CA ASN D 150 -15.25 3.48 30.83
C ASN D 150 -14.18 2.41 31.10
N PRO D 151 -13.89 2.15 32.37
CA PRO D 151 -12.82 1.24 32.77
C PRO D 151 -13.08 -0.22 32.45
N VAL D 152 -14.33 -0.68 32.48
CA VAL D 152 -14.49 -2.11 32.18
C VAL D 152 -14.31 -2.38 30.69
N GLN D 153 -14.69 -1.41 29.88
CA GLN D 153 -14.49 -1.53 28.43
C GLN D 153 -13.00 -1.53 28.12
N ILE D 154 -12.28 -0.62 28.78
CA ILE D 154 -10.84 -0.52 28.48
C ILE D 154 -10.18 -1.84 28.80
N ALA D 155 -10.52 -2.37 29.98
CA ALA D 155 -10.00 -3.69 30.36
C ALA D 155 -10.31 -4.75 29.30
N ALA D 156 -11.53 -4.77 28.77
CA ALA D 156 -11.90 -5.83 27.82
C ALA D 156 -11.13 -5.73 26.50
N ASP D 157 -11.11 -4.51 25.97
CA ASP D 157 -10.42 -4.10 24.76
C ASP D 157 -8.92 -4.36 24.87
N ALA D 158 -8.32 -3.99 26.00
CA ALA D 158 -6.93 -4.29 26.30
C ALA D 158 -6.62 -5.76 26.17
N ALA D 159 -7.55 -6.54 26.72
CA ALA D 159 -7.35 -7.99 26.75
C ALA D 159 -7.41 -8.52 25.33
N GLU D 160 -8.39 -7.98 24.58
CA GLU D 160 -8.48 -8.45 23.20
C GLU D 160 -7.26 -8.04 22.39
N GLY D 161 -6.76 -6.82 22.59
CA GLY D 161 -5.60 -6.37 21.83
C GLY D 161 -4.39 -7.24 22.13
N ALA D 162 -4.14 -7.49 23.40
CA ALA D 162 -3.02 -8.35 23.78
C ALA D 162 -3.14 -9.69 23.10
N TRP D 163 -4.34 -10.25 23.13
CA TRP D 163 -4.59 -11.54 22.50
C TRP D 163 -4.36 -11.48 20.99
N ARG D 164 -4.69 -10.37 20.33
CA ARG D 164 -4.44 -10.26 18.88
C ARG D 164 -2.95 -10.06 18.59
N GLY D 165 -2.17 -9.64 19.60
CA GLY D 165 -0.74 -9.64 19.38
C GLY D 165 0.00 -8.37 19.71
N PHE D 166 -0.69 -7.31 20.14
CA PHE D 166 0.05 -6.11 20.51
C PHE D 166 0.96 -6.36 21.70
N ASP D 167 2.20 -5.87 21.66
CA ASP D 167 3.11 -6.12 22.78
C ASP D 167 3.24 -4.92 23.70
N GLU D 168 2.72 -3.79 23.26
CA GLU D 168 2.61 -2.58 24.05
C GLU D 168 1.20 -2.03 23.85
N GLN D 169 0.60 -1.46 24.88
CA GLN D 169 -0.72 -0.86 24.70
C GLN D 169 -0.78 0.46 25.47
N GLU D 170 -1.53 1.40 24.91
CA GLU D 170 -1.55 2.79 25.33
C GLU D 170 -2.97 3.26 25.57
N THR D 171 -3.16 3.86 26.76
CA THR D 171 -4.46 4.47 27.02
C THR D 171 -4.24 5.96 27.29
N THR D 172 -5.36 6.67 27.32
CA THR D 172 -5.34 8.09 27.68
C THR D 172 -6.78 8.47 28.03
N VAL D 173 -7.07 9.73 28.29
CA VAL D 173 -8.33 10.10 28.91
C VAL D 173 -9.15 11.11 28.10
N ALA D 174 -10.44 10.82 28.05
CA ALA D 174 -11.42 11.79 27.56
C ALA D 174 -11.59 12.91 28.58
N VAL D 175 -11.55 12.52 29.85
CA VAL D 175 -11.53 13.43 30.98
C VAL D 175 -10.40 12.98 31.93
N ALA D 176 -9.44 13.89 31.96
CA ALA D 176 -8.12 13.78 32.55
C ALA D 176 -8.17 13.29 33.99
N ARG D 177 -9.17 13.75 34.75
CA ARG D 177 -9.25 13.28 36.14
C ARG D 177 -9.59 11.81 36.21
N TYR D 178 -10.05 11.19 35.12
CA TYR D 178 -10.25 9.74 35.13
C TYR D 178 -8.98 8.88 35.07
N ALA D 179 -7.81 9.44 34.81
CA ALA D 179 -6.59 8.74 34.42
C ALA D 179 -6.19 7.53 35.24
N PRO D 180 -6.08 7.57 36.57
CA PRO D 180 -5.70 6.37 37.33
C PRO D 180 -6.57 5.17 37.01
N PHE D 181 -7.86 5.40 36.78
CA PHE D 181 -8.77 4.31 36.44
C PHE D 181 -8.35 3.67 35.12
N ASN D 182 -8.20 4.53 34.12
CA ASN D 182 -7.81 4.07 32.78
C ASN D 182 -6.55 3.20 32.88
N ALA D 183 -5.59 3.70 33.64
CA ALA D 183 -4.27 3.06 33.76
C ALA D 183 -4.43 1.67 34.34
N ILE D 184 -5.16 1.61 35.45
CA ILE D 184 -5.29 0.29 36.11
C ILE D 184 -6.07 -0.67 35.24
N ALA D 185 -7.13 -0.15 34.63
CA ALA D 185 -7.93 -0.93 33.70
C ALA D 185 -7.06 -1.55 32.60
N LEU D 186 -6.23 -0.69 32.02
CA LEU D 186 -5.35 -1.12 30.93
C LEU D 186 -4.37 -2.19 31.37
N LEU D 187 -3.67 -1.96 32.47
CA LEU D 187 -2.72 -2.92 33.02
C LEU D 187 -3.34 -4.29 33.27
N VAL D 188 -4.45 -4.32 34.02
CA VAL D 188 -5.13 -5.57 34.35
C VAL D 188 -5.54 -6.34 33.12
N GLY D 189 -6.33 -5.65 32.30
CA GLY D 189 -6.78 -6.31 31.07
C GLY D 189 -5.66 -6.75 30.16
N SER D 190 -4.61 -5.93 30.05
CA SER D 190 -3.50 -6.31 29.18
C SER D 190 -2.84 -7.60 29.65
N GLN D 191 -2.68 -7.69 30.97
CA GLN D 191 -2.04 -8.86 31.58
C GLN D 191 -2.98 -10.03 31.35
N VAL D 192 -4.29 -9.78 31.45
CA VAL D 192 -5.19 -10.91 31.15
C VAL D 192 -5.02 -11.44 29.72
N GLY D 193 -4.87 -10.56 28.73
CA GLY D 193 -4.80 -10.97 27.34
C GLY D 193 -3.48 -11.66 27.02
N ARG D 194 -2.39 -11.14 27.57
CA ARG D 194 -1.07 -11.73 27.45
C ARG D 194 -0.12 -11.14 28.48
N PRO D 195 0.21 -11.92 29.50
CA PRO D 195 1.14 -11.43 30.54
C PRO D 195 2.47 -10.98 29.92
N GLY D 196 2.96 -9.80 30.31
CA GLY D 196 4.18 -9.32 29.66
C GLY D 196 3.88 -8.14 28.76
N VAL D 197 2.65 -8.03 28.27
CA VAL D 197 2.29 -6.84 27.52
C VAL D 197 2.51 -5.60 28.37
N LEU D 198 3.20 -4.63 27.79
CA LEU D 198 3.56 -3.39 28.47
C LEU D 198 2.48 -2.33 28.30
N THR D 199 2.22 -1.55 29.35
CA THR D 199 1.15 -0.53 29.26
C THR D 199 1.61 0.86 29.67
N GLN D 200 1.02 1.89 29.05
CA GLN D 200 1.29 3.28 29.39
C GLN D 200 -0.02 4.05 29.40
N CYS D 201 -0.04 5.14 30.15
CA CYS D 201 -1.18 6.04 30.21
C CYS D 201 -0.65 7.45 29.97
N SER D 202 -0.99 8.06 28.85
CA SER D 202 -0.40 9.28 28.34
C SER D 202 -1.11 10.53 28.81
N LEU D 203 -0.38 11.35 29.54
CA LEU D 203 -0.80 12.52 30.28
C LEU D 203 0.19 13.68 30.22
N GLU D 204 -0.10 14.76 30.98
CA GLU D 204 0.93 15.79 31.09
C GLU D 204 2.11 15.21 31.87
N GLU D 205 3.33 15.67 31.57
CA GLU D 205 4.56 15.03 32.01
C GLU D 205 4.60 14.80 33.51
N ALA D 206 4.31 15.79 34.35
CA ALA D 206 4.48 15.54 35.79
C ALA D 206 3.44 14.56 36.31
N THR D 207 2.26 14.60 35.69
CA THR D 207 1.17 13.72 36.10
C THR D 207 1.45 12.27 35.73
N GLU D 208 1.96 12.09 34.50
CA GLU D 208 2.29 10.73 34.09
C GLU D 208 3.41 10.12 34.93
N LEU D 209 4.44 10.90 35.24
CA LEU D 209 5.53 10.32 36.05
C LEU D 209 4.98 9.82 37.38
N LYS D 210 4.15 10.66 38.01
CA LYS D 210 3.58 10.24 39.29
C LYS D 210 2.77 8.96 39.22
N LEU D 211 1.99 8.75 38.16
CA LEU D 211 1.24 7.50 38.02
C LEU D 211 2.17 6.29 37.89
N GLY D 212 3.32 6.52 37.26
CA GLY D 212 4.36 5.49 37.14
C GLY D 212 5.01 5.22 38.49
N MET D 213 5.30 6.30 39.23
CA MET D 213 5.80 6.08 40.59
C MET D 213 4.81 5.21 41.37
N LEU D 214 3.51 5.44 41.22
CA LEU D 214 2.51 4.68 41.96
C LEU D 214 2.37 3.24 41.45
N GLY D 215 3.13 2.89 40.41
CA GLY D 215 3.00 1.55 39.84
C GLY D 215 1.78 1.29 39.01
N HIS D 216 1.12 2.29 38.44
CA HIS D 216 -0.06 1.93 37.63
C HIS D 216 0.26 1.92 36.14
N THR D 217 1.55 1.97 35.80
CA THR D 217 1.91 1.82 34.39
C THR D 217 3.17 0.97 34.26
N CYS D 218 3.61 0.54 33.08
CA CYS D 218 4.88 -0.18 33.00
C CYS D 218 5.90 0.58 32.13
N TYR D 219 5.50 1.63 31.44
CA TYR D 219 6.42 2.43 30.64
C TYR D 219 5.76 3.75 30.28
N ALA D 220 6.53 4.65 29.67
CA ALA D 220 5.97 5.93 29.24
C ALA D 220 6.58 6.23 27.86
N GLU D 221 5.81 6.88 27.00
CA GLU D 221 6.23 7.17 25.63
C GLU D 221 6.05 8.62 25.18
N THR D 222 5.00 9.30 25.62
CA THR D 222 4.66 10.63 25.11
C THR D 222 5.41 11.72 25.87
N ILE D 223 6.71 11.44 25.97
CA ILE D 223 7.66 12.37 26.54
C ILE D 223 8.22 13.23 25.42
N SER D 224 7.55 14.35 25.14
CA SER D 224 7.73 15.14 23.95
C SER D 224 9.00 15.99 23.92
N VAL D 225 9.61 15.99 22.74
CA VAL D 225 10.70 16.88 22.36
C VAL D 225 10.34 17.54 21.04
N TYR D 226 10.93 18.71 20.78
CA TYR D 226 10.57 19.57 19.66
C TYR D 226 11.85 20.04 18.98
N GLY D 227 11.76 20.46 17.72
CA GLY D 227 13.00 20.70 17.00
C GLY D 227 13.39 22.16 16.82
N THR D 228 12.66 23.09 17.42
CA THR D 228 13.09 24.48 17.51
C THR D 228 12.92 24.90 18.97
N GLU D 229 13.79 25.80 19.44
CA GLU D 229 13.77 26.23 20.83
C GLU D 229 12.51 26.98 21.22
N PRO D 230 11.94 27.89 20.43
CA PRO D 230 10.64 28.47 20.82
C PRO D 230 9.53 27.43 20.96
N VAL D 231 9.48 26.41 20.09
CA VAL D 231 8.41 25.41 20.16
C VAL D 231 8.57 24.50 21.39
N PHE D 232 9.80 24.12 21.66
CA PHE D 232 10.17 23.36 22.84
C PHE D 232 9.68 24.10 24.07
N THR D 233 9.94 25.42 24.04
CA THR D 233 9.55 26.28 25.16
C THR D 233 8.04 26.28 25.32
N ASP D 234 7.28 26.41 24.24
CA ASP D 234 5.82 26.32 24.33
C ASP D 234 5.37 24.92 24.77
N GLY D 235 6.28 23.96 24.60
CA GLY D 235 6.04 22.61 25.04
C GLY D 235 6.29 22.50 26.55
N ASP D 236 6.72 23.60 27.13
CA ASP D 236 7.04 23.76 28.54
C ASP D 236 8.20 22.87 28.98
N ASP D 237 9.26 22.77 28.17
CA ASP D 237 10.42 21.96 28.57
C ASP D 237 11.65 22.51 27.86
N THR D 238 12.81 22.00 28.23
CA THR D 238 14.08 22.17 27.52
C THR D 238 14.68 20.80 27.32
N PRO D 239 15.72 20.68 26.50
CA PRO D 239 16.39 19.36 26.44
C PRO D 239 16.83 18.87 27.82
N TRP D 240 17.21 19.77 28.73
CA TRP D 240 17.69 19.31 30.02
C TRP D 240 16.55 18.86 30.93
N SER D 241 15.42 19.55 30.95
CA SER D 241 14.31 19.03 31.77
C SER D 241 13.83 17.70 31.20
N LYS D 242 13.77 17.53 29.88
CA LYS D 242 13.31 16.25 29.32
C LYS D 242 14.36 15.17 29.55
N GLY D 243 15.64 15.52 29.49
CA GLY D 243 16.71 14.60 29.84
C GLY D 243 16.64 14.17 31.29
N PHE D 244 16.39 15.10 32.19
CA PHE D 244 16.22 14.75 33.60
C PHE D 244 15.03 13.80 33.81
N LEU D 245 13.95 14.06 33.08
CA LEU D 245 12.73 13.25 33.21
C LEU D 245 12.96 11.82 32.74
N ALA D 246 13.70 11.72 31.63
CA ALA D 246 14.10 10.44 31.09
C ALA D 246 14.80 9.61 32.16
N SER D 247 15.78 10.23 32.82
CA SER D 247 16.54 9.49 33.83
C SER D 247 15.67 9.24 35.07
N SER D 248 14.72 10.13 35.33
CA SER D 248 13.81 9.91 36.46
C SER D 248 12.99 8.65 36.23
N TYR D 249 12.46 8.45 35.03
CA TYR D 249 11.74 7.21 34.78
C TYR D 249 12.63 6.00 35.01
N ALA D 250 13.82 6.02 34.40
CA ALA D 250 14.74 4.89 34.58
C ALA D 250 15.10 4.65 36.05
N SER D 251 15.16 5.71 36.87
CA SER D 251 15.54 5.55 38.27
C SER D 251 14.41 4.85 39.03
N ARG D 252 13.23 4.72 38.43
CA ARG D 252 12.13 4.00 39.07
C ARG D 252 11.89 2.66 38.37
N GLY D 253 12.81 2.32 37.47
CA GLY D 253 12.77 1.08 36.74
C GLY D 253 11.77 1.08 35.61
N LEU D 254 11.31 2.24 35.16
CA LEU D 254 10.33 2.26 34.08
C LEU D 254 10.99 2.48 32.73
N LYS D 255 10.76 1.58 31.78
CA LYS D 255 11.12 1.81 30.40
C LYS D 255 10.48 3.10 29.92
N MET D 256 11.18 3.91 29.11
CA MET D 256 10.52 5.06 28.47
C MET D 256 11.16 5.37 27.13
N ARG D 257 10.41 6.08 26.30
CA ARG D 257 10.91 6.61 25.04
C ARG D 257 10.47 8.07 24.94
N PHE D 258 11.11 8.86 24.09
CA PHE D 258 10.59 10.20 23.85
C PHE D 258 9.58 10.09 22.71
N THR D 259 8.87 11.18 22.46
CA THR D 259 8.04 11.28 21.28
C THR D 259 8.38 12.55 20.52
N SER D 260 8.48 12.46 19.18
CA SER D 260 8.61 13.65 18.35
C SER D 260 7.80 13.43 17.08
N GLY D 261 8.20 14.03 15.96
CA GLY D 261 7.48 13.73 14.71
C GLY D 261 7.37 14.98 13.83
N SER D 262 7.66 14.84 12.55
CA SER D 262 7.71 15.95 11.61
C SER D 262 6.45 16.80 11.67
N GLY D 263 6.59 18.11 11.51
CA GLY D 263 5.48 19.01 11.40
C GLY D 263 5.08 19.69 12.68
N SER D 264 5.68 19.28 13.80
CA SER D 264 5.22 19.85 15.08
C SER D 264 5.57 21.34 15.15
N GLU D 265 6.75 21.71 14.66
CA GLU D 265 7.21 23.10 14.78
C GLU D 265 6.43 24.05 13.90
N VAL D 266 6.09 23.64 12.67
CA VAL D 266 5.18 24.35 11.80
C VAL D 266 3.82 24.55 12.47
N GLN D 267 3.28 23.41 12.93
CA GLN D 267 1.98 23.37 13.60
C GLN D 267 1.97 24.31 14.79
N MET D 268 3.14 24.43 15.43
CA MET D 268 3.22 25.25 16.65
C MET D 268 3.81 26.62 16.35
N GLY D 269 3.98 26.98 15.08
CA GLY D 269 4.29 28.36 14.74
C GLY D 269 5.71 28.76 14.58
N TYR D 270 6.68 27.89 14.93
CA TYR D 270 8.04 28.38 14.69
C TYR D 270 8.94 27.31 14.07
N ALA D 271 8.97 27.25 12.75
CA ALA D 271 9.82 26.35 12.00
C ALA D 271 11.22 26.88 11.80
N GLU D 272 11.45 28.15 12.09
CA GLU D 272 12.71 28.83 11.83
C GLU D 272 13.14 28.61 10.38
N GLY D 273 12.14 28.58 9.51
CA GLY D 273 12.27 28.44 8.08
C GLY D 273 12.87 27.14 7.59
N LYS D 274 12.92 26.10 8.42
CA LYS D 274 13.48 24.83 8.03
C LYS D 274 12.43 23.78 7.65
N SER D 275 12.85 22.77 6.90
CA SER D 275 11.98 21.66 6.52
C SER D 275 11.60 20.81 7.73
N MET D 276 10.44 20.17 7.63
CA MET D 276 10.00 19.33 8.73
C MET D 276 11.01 18.22 9.02
N LEU D 277 11.55 17.64 7.95
CA LEU D 277 12.52 16.55 8.13
C LEU D 277 13.74 17.07 8.87
N TYR D 278 14.22 18.27 8.50
CA TYR D 278 15.46 18.69 9.19
C TYR D 278 15.16 18.94 10.66
N LEU D 279 14.02 19.57 10.96
CA LEU D 279 13.71 19.83 12.38
C LEU D 279 13.47 18.53 13.14
N GLU D 280 12.83 17.56 12.47
CA GLU D 280 12.65 16.25 13.11
C GLU D 280 13.98 15.59 13.44
N ALA D 281 14.97 15.63 12.53
CA ALA D 281 16.30 15.09 12.78
C ALA D 281 16.88 15.68 14.07
N ARG D 282 16.68 16.99 14.26
CA ARG D 282 17.13 17.61 15.51
C ARG D 282 16.46 16.93 16.72
N CYS D 283 15.20 16.55 16.58
CA CYS D 283 14.44 15.89 17.63
C CYS D 283 15.02 14.51 17.91
N ILE D 284 15.33 13.82 16.80
CA ILE D 284 15.91 12.49 16.99
C ILE D 284 17.26 12.59 17.70
N TYR D 285 18.07 13.60 17.40
CA TYR D 285 19.38 13.74 18.04
C TYR D 285 19.21 14.20 19.47
N ILE D 286 18.19 15.02 19.73
CA ILE D 286 17.88 15.31 21.13
C ILE D 286 17.61 14.02 21.92
N THR D 287 16.81 13.12 21.33
CA THR D 287 16.53 11.83 21.96
C THR D 287 17.82 11.06 22.21
N LYS D 288 18.70 11.04 21.22
CA LYS D 288 19.96 10.30 21.31
C LYS D 288 20.82 10.85 22.43
N ALA D 289 20.95 12.17 22.43
CA ALA D 289 21.77 12.90 23.38
C ALA D 289 21.33 12.68 24.81
N ALA D 290 20.01 12.47 24.96
CA ALA D 290 19.47 12.34 26.33
C ALA D 290 19.77 10.97 26.90
N GLY D 291 20.18 10.01 26.06
CA GLY D 291 20.47 8.67 26.55
C GLY D 291 19.20 7.84 26.57
N VAL D 292 18.17 8.34 25.92
CA VAL D 292 16.88 7.66 25.81
C VAL D 292 16.99 6.56 24.77
N GLN D 293 16.45 5.36 25.07
CA GLN D 293 16.68 4.20 24.22
C GLN D 293 15.95 4.23 22.87
N GLY D 294 14.82 4.93 22.83
CA GLY D 294 13.91 4.79 21.69
C GLY D 294 13.07 6.03 21.52
N LEU D 295 12.27 6.04 20.46
CA LEU D 295 11.55 7.22 20.02
C LEU D 295 10.27 6.87 19.29
N GLN D 296 9.17 7.54 19.58
CA GLN D 296 7.95 7.45 18.78
C GLN D 296 8.00 8.57 17.76
N ASN D 297 8.06 8.26 16.47
CA ASN D 297 8.09 9.36 15.50
C ASN D 297 7.53 8.82 14.18
N GLY D 298 7.59 9.65 13.16
CA GLY D 298 6.84 9.42 11.92
C GLY D 298 5.60 10.34 11.90
N SER D 299 5.80 11.61 12.21
CA SER D 299 4.87 12.70 12.37
C SER D 299 3.96 12.53 13.58
N VAL D 300 3.48 11.31 13.79
CA VAL D 300 2.59 11.02 14.91
C VAL D 300 1.41 11.97 14.89
N SER D 301 1.18 12.81 15.90
CA SER D 301 -0.08 13.56 15.96
C SER D 301 -0.18 14.70 14.96
N CYS D 302 0.94 15.08 14.37
CA CYS D 302 1.00 16.22 13.45
C CYS D 302 0.88 15.76 12.00
N ILE D 303 0.39 14.54 11.79
CA ILE D 303 0.48 13.98 10.45
C ILE D 303 -0.25 14.77 9.38
N GLY D 304 -1.23 15.59 9.73
CA GLY D 304 -1.91 16.43 8.75
C GLY D 304 -0.98 17.49 8.19
N VAL D 305 0.15 17.71 8.84
CA VAL D 305 1.07 18.76 8.33
C VAL D 305 1.97 18.20 7.24
N PRO D 306 2.86 17.24 7.44
CA PRO D 306 3.62 16.74 6.29
C PRO D 306 2.72 16.09 5.24
N SER D 307 1.63 15.44 5.63
CA SER D 307 0.80 14.83 4.58
C SER D 307 0.21 15.88 3.65
N ALA D 308 0.05 17.13 4.10
CA ALA D 308 -0.53 18.13 3.20
C ALA D 308 0.38 18.53 2.05
N VAL D 309 1.69 18.36 2.23
CA VAL D 309 2.66 18.86 1.24
C VAL D 309 3.31 17.75 0.44
N PRO D 310 3.96 18.07 -0.67
CA PRO D 310 4.58 16.98 -1.46
C PRO D 310 5.60 16.18 -0.68
N SER D 311 5.70 14.89 -1.01
CA SER D 311 6.71 14.02 -0.43
C SER D 311 6.64 13.98 1.10
N GLY D 312 5.49 14.32 1.68
CA GLY D 312 5.33 14.26 3.12
C GLY D 312 5.35 12.86 3.68
N ILE D 313 4.72 11.91 2.97
CA ILE D 313 4.67 10.54 3.48
C ILE D 313 6.03 9.87 3.27
N ARG D 314 6.78 10.26 2.24
CA ARG D 314 8.16 9.81 2.11
C ARG D 314 9.01 10.42 3.22
N ALA D 315 8.76 11.68 3.58
CA ALA D 315 9.55 12.25 4.68
C ALA D 315 9.32 11.50 5.99
N VAL D 316 8.09 11.06 6.24
CA VAL D 316 7.73 10.28 7.42
C VAL D 316 8.50 8.96 7.45
N LEU D 317 8.62 8.24 6.35
CA LEU D 317 9.44 7.05 6.37
C LEU D 317 10.90 7.43 6.61
N ALA D 318 11.34 8.53 6.02
CA ALA D 318 12.73 8.99 6.19
C ALA D 318 13.02 9.30 7.66
N GLU D 319 12.09 9.94 8.36
CA GLU D 319 12.38 10.21 9.77
C GLU D 319 12.42 8.94 10.58
N ASN D 320 11.63 7.93 10.20
CA ASN D 320 11.71 6.65 10.89
C ASN D 320 13.06 6.01 10.62
N LEU D 321 13.53 6.06 9.36
CA LEU D 321 14.85 5.48 9.07
C LEU D 321 15.99 6.18 9.77
N ILE D 322 15.93 7.51 9.88
CA ILE D 322 16.97 8.23 10.61
C ILE D 322 16.98 7.73 12.04
N CYS D 323 15.79 7.62 12.64
CA CYS D 323 15.66 7.11 13.99
C CYS D 323 16.37 5.77 14.15
N SER D 324 16.09 4.80 13.29
CA SER D 324 16.75 3.49 13.43
C SER D 324 18.22 3.57 13.04
N SER D 325 18.56 4.45 12.09
CA SER D 325 19.98 4.56 11.71
C SER D 325 20.82 5.11 12.86
N LEU D 326 20.20 5.83 13.78
CA LEU D 326 20.85 6.38 14.97
C LEU D 326 20.88 5.38 16.12
N ASP D 327 20.47 4.16 15.90
CA ASP D 327 20.52 3.07 16.88
C ASP D 327 19.55 3.38 18.02
N LEU D 328 18.39 3.89 17.62
CA LEU D 328 17.31 4.11 18.56
C LEU D 328 16.16 3.15 18.23
N GLU D 329 15.44 2.71 19.25
CA GLU D 329 14.20 1.96 18.97
C GLU D 329 13.24 2.87 18.22
N CYS D 330 12.50 2.39 17.23
CA CYS D 330 11.55 3.27 16.55
C CYS D 330 10.13 2.72 16.65
N ALA D 331 9.30 3.42 17.40
CA ALA D 331 7.85 3.15 17.44
C ALA D 331 7.23 3.99 16.33
N SER D 332 6.97 3.43 15.15
CA SER D 332 6.83 4.29 13.96
C SER D 332 5.41 4.71 13.61
N SER D 333 4.76 5.38 14.55
CA SER D 333 3.50 6.07 14.30
C SER D 333 2.44 5.21 13.66
N ASN D 334 1.88 5.62 12.51
CA ASN D 334 0.77 4.86 11.93
C ASN D 334 -0.33 4.75 12.98
N ASP D 335 -0.51 5.87 13.69
CA ASP D 335 -1.37 5.89 14.86
C ASP D 335 -2.35 7.05 14.89
N GLN D 336 -2.39 7.85 13.83
CA GLN D 336 -3.14 9.09 13.82
C GLN D 336 -3.76 9.32 12.43
N THR D 337 -5.03 9.72 12.42
CA THR D 337 -5.71 9.97 11.14
C THR D 337 -5.15 11.13 10.36
N PHE D 338 -4.97 10.95 9.05
CA PHE D 338 -4.60 12.09 8.22
C PHE D 338 -5.46 12.09 6.96
N THR D 339 -6.30 11.07 6.74
CA THR D 339 -6.99 11.05 5.44
C THR D 339 -8.36 10.41 5.55
N HIS D 340 -9.25 10.79 4.64
CA HIS D 340 -10.53 10.11 4.57
C HIS D 340 -10.45 8.91 3.63
N SER D 341 -9.28 8.68 3.03
CA SER D 341 -9.18 7.66 2.01
C SER D 341 -8.47 6.40 2.48
N ASP D 342 -9.13 5.24 2.25
CA ASP D 342 -8.54 3.96 2.60
C ASP D 342 -7.30 3.63 1.79
N MET D 343 -7.38 3.91 0.49
CA MET D 343 -6.22 3.74 -0.37
C MET D 343 -5.05 4.52 0.22
N ARG D 344 -5.28 5.80 0.47
CA ARG D 344 -4.19 6.67 0.88
C ARG D 344 -3.62 6.23 2.22
N ARG D 345 -4.49 5.89 3.17
CA ARG D 345 -3.94 5.58 4.50
C ARG D 345 -3.20 4.25 4.44
N THR D 346 -3.54 3.43 3.45
CA THR D 346 -2.87 2.12 3.35
C THR D 346 -1.45 2.28 2.83
N ALA D 347 -1.29 3.15 1.84
CA ALA D 347 0.01 3.50 1.28
C ALA D 347 0.92 4.08 2.37
N ARG D 348 0.41 4.93 3.22
CA ARG D 348 1.18 5.51 4.34
C ARG D 348 1.63 4.44 5.32
N LEU D 349 0.80 3.44 5.64
CA LEU D 349 1.16 2.40 6.60
C LEU D 349 2.16 1.40 6.06
N LEU D 350 2.01 1.05 4.79
CA LEU D 350 2.89 0.01 4.25
C LEU D 350 4.36 0.39 4.24
N MET D 351 4.61 1.71 4.20
CA MET D 351 6.01 2.16 4.28
C MET D 351 6.71 1.55 5.49
N GLN D 352 6.03 1.32 6.61
CA GLN D 352 6.67 0.76 7.79
C GLN D 352 6.33 -0.72 7.95
N PHE D 353 5.10 -1.04 7.56
CA PHE D 353 4.64 -2.43 7.64
C PHE D 353 5.50 -3.35 6.78
N LEU D 354 5.82 -2.92 5.56
CA LEU D 354 6.52 -3.85 4.69
C LEU D 354 7.90 -4.25 5.20
N PRO D 355 8.79 -3.31 5.51
CA PRO D 355 10.11 -3.70 6.01
C PRO D 355 10.07 -4.17 7.45
N GLY D 356 9.13 -3.64 8.23
CA GLY D 356 9.06 -3.90 9.66
C GLY D 356 9.85 -2.89 10.50
N THR D 357 9.25 -2.41 11.58
CA THR D 357 9.94 -1.54 12.54
C THR D 357 9.83 -2.13 13.95
N ASP D 358 10.46 -1.50 14.95
CA ASP D 358 10.35 -2.02 16.33
C ASP D 358 8.88 -2.09 16.74
N PHE D 359 8.14 -1.02 16.41
CA PHE D 359 6.68 -1.07 16.55
C PHE D 359 6.10 -0.53 15.25
N ILE D 360 5.53 -1.41 14.43
CA ILE D 360 5.06 -1.01 13.09
C ILE D 360 4.11 0.16 13.21
N SER D 361 3.17 0.11 14.13
CA SER D 361 2.45 1.30 14.52
C SER D 361 2.77 1.54 16.01
N SER D 362 2.75 2.80 16.41
CA SER D 362 2.86 3.21 17.80
C SER D 362 1.47 3.68 18.27
N GLY D 363 0.47 2.85 17.94
CA GLY D 363 -0.89 3.07 18.34
C GLY D 363 -1.91 2.76 17.27
N TYR D 364 -1.89 1.57 16.71
CA TYR D 364 -3.03 0.97 16.03
C TYR D 364 -4.22 1.09 16.98
N SER D 365 -5.37 1.64 16.55
CA SER D 365 -6.48 1.69 17.50
C SER D 365 -7.15 0.33 17.69
N ALA D 366 -7.13 -0.17 18.93
CA ALA D 366 -7.73 -1.48 19.18
C ALA D 366 -9.21 -1.34 19.53
N VAL D 367 -9.78 -0.17 19.32
CA VAL D 367 -11.19 0.15 19.42
C VAL D 367 -11.67 0.80 18.13
N PRO D 368 -12.95 0.85 17.78
CA PRO D 368 -13.31 1.68 16.60
C PRO D 368 -12.90 3.12 16.86
N ASN D 369 -12.49 3.82 15.82
CA ASN D 369 -12.05 5.21 15.88
C ASN D 369 -13.01 6.16 16.56
N TYR D 370 -14.33 5.91 16.64
CA TYR D 370 -15.19 6.85 17.39
C TYR D 370 -14.74 6.96 18.85
N ASP D 371 -14.21 5.87 19.39
CA ASP D 371 -13.71 5.72 20.75
C ASP D 371 -12.24 6.07 20.91
N ASN D 372 -11.56 6.45 19.83
CA ASN D 372 -10.13 6.70 19.91
C ASN D 372 -9.82 8.10 20.46
N MET D 373 -9.19 8.20 21.62
CA MET D 373 -9.08 9.50 22.28
C MET D 373 -7.84 10.28 21.90
N PHE D 374 -7.13 9.84 20.87
CA PHE D 374 -6.06 10.59 20.25
C PHE D 374 -6.56 11.18 18.92
N ALA D 375 -7.88 11.35 18.85
CA ALA D 375 -8.54 11.96 17.71
C ALA D 375 -8.40 11.12 16.43
N GLY D 376 -8.26 9.82 16.62
CA GLY D 376 -8.34 8.84 15.56
C GLY D 376 -6.98 8.30 15.17
N SER D 377 -6.94 6.98 14.90
CA SER D 377 -5.70 6.37 14.44
C SER D 377 -5.79 6.04 12.96
N ASN D 378 -4.62 5.78 12.37
CA ASN D 378 -4.58 5.44 10.94
C ASN D 378 -5.17 4.07 10.63
N GLU D 379 -5.29 3.23 11.66
CA GLU D 379 -5.96 1.95 11.60
C GLU D 379 -6.87 1.80 12.84
N ASP D 380 -8.01 1.11 12.71
CA ASP D 380 -8.76 0.82 13.93
C ASP D 380 -9.24 -0.62 13.95
N ALA D 381 -10.05 -0.95 14.95
CA ALA D 381 -10.50 -2.32 15.16
C ALA D 381 -11.20 -2.88 13.93
N GLU D 382 -11.89 -2.03 13.17
CA GLU D 382 -12.62 -2.53 12.00
C GLU D 382 -11.67 -2.93 10.90
N ASP D 383 -10.38 -2.55 10.98
CA ASP D 383 -9.44 -3.00 9.97
C ASP D 383 -8.70 -4.28 10.32
N PHE D 384 -8.96 -4.89 11.48
CA PHE D 384 -8.17 -6.05 11.87
C PHE D 384 -8.14 -7.15 10.83
N ASP D 385 -9.27 -7.44 10.17
CA ASP D 385 -9.33 -8.54 9.21
C ASP D 385 -8.52 -8.21 7.96
N ASP D 386 -8.66 -6.97 7.48
CA ASP D 386 -7.83 -6.50 6.37
C ASP D 386 -6.35 -6.62 6.71
N TYR D 387 -6.03 -6.24 7.96
CA TYR D 387 -4.59 -6.23 8.28
C TYR D 387 -4.04 -7.65 8.20
N ASN D 388 -4.79 -8.61 8.75
CA ASN D 388 -4.41 -10.01 8.72
C ASN D 388 -4.35 -10.54 7.29
N VAL D 389 -5.33 -10.12 6.47
CA VAL D 389 -5.34 -10.57 5.07
C VAL D 389 -4.09 -10.08 4.34
N ILE D 390 -3.72 -8.83 4.54
CA ILE D 390 -2.51 -8.31 3.88
C ILE D 390 -1.26 -8.99 4.41
N GLN D 391 -1.14 -9.30 5.70
CA GLN D 391 -0.03 -10.10 6.20
C GLN D 391 0.12 -11.39 5.39
N ARG D 392 -1.01 -12.08 5.18
CA ARG D 392 -1.04 -13.36 4.48
C ARG D 392 -0.70 -13.22 3.00
N ASP D 393 -1.20 -12.15 2.40
CA ASP D 393 -1.02 -11.88 0.99
C ASP D 393 0.46 -11.73 0.63
N LEU D 394 1.20 -11.01 1.47
CA LEU D 394 2.57 -10.59 1.20
C LEU D 394 3.63 -11.40 1.93
N LYS D 395 3.16 -12.29 2.81
CA LYS D 395 4.06 -13.04 3.68
C LYS D 395 4.93 -12.06 4.47
N VAL D 396 4.23 -11.11 5.06
CA VAL D 396 4.78 -10.09 5.95
C VAL D 396 4.24 -10.24 7.36
N ASP D 397 5.14 -10.27 8.33
CA ASP D 397 4.73 -10.35 9.73
C ASP D 397 4.47 -8.95 10.25
N GLY D 398 3.19 -8.60 10.38
CA GLY D 398 2.84 -7.29 10.87
C GLY D 398 2.52 -7.31 12.36
N GLY D 399 2.87 -8.39 13.06
CA GLY D 399 2.86 -8.39 14.50
C GLY D 399 1.51 -8.80 15.08
N LEU D 400 0.52 -9.02 14.22
CA LEU D 400 -0.79 -9.37 14.75
C LEU D 400 -1.28 -10.71 14.18
N ARG D 401 -2.41 -11.23 14.66
CA ARG D 401 -2.81 -12.53 14.14
C ARG D 401 -4.33 -12.64 14.07
N PRO D 402 -4.78 -13.55 13.22
CA PRO D 402 -6.24 -13.77 13.18
C PRO D 402 -6.63 -14.40 14.52
N VAL D 403 -7.84 -14.16 15.02
CA VAL D 403 -8.23 -14.74 16.30
C VAL D 403 -9.61 -15.38 16.22
N ARG D 404 -9.99 -16.21 17.20
CA ARG D 404 -11.31 -16.83 17.26
C ARG D 404 -12.28 -16.02 18.13
N GLU D 405 -13.48 -15.80 17.61
CA GLU D 405 -14.51 -15.07 18.34
C GLU D 405 -14.68 -15.69 19.73
N GLU D 406 -14.66 -17.02 19.79
CA GLU D 406 -14.93 -17.60 21.12
C GLU D 406 -13.81 -17.23 22.10
N ASP D 407 -12.56 -17.26 21.64
CA ASP D 407 -11.45 -16.94 22.54
C ASP D 407 -11.49 -15.47 22.95
N VAL D 408 -11.84 -14.61 21.99
CA VAL D 408 -11.81 -13.18 22.35
C VAL D 408 -12.87 -12.93 23.40
N ILE D 409 -14.08 -13.46 23.12
CA ILE D 409 -15.17 -13.34 24.09
C ILE D 409 -14.75 -13.84 25.47
N ALA D 410 -14.09 -15.00 25.53
CA ALA D 410 -13.66 -15.47 26.84
C ALA D 410 -12.71 -14.48 27.51
N ILE D 411 -11.78 -14.06 26.65
CA ILE D 411 -10.67 -13.26 27.16
C ILE D 411 -11.20 -11.91 27.61
N ARG D 412 -12.11 -11.32 26.83
CA ARG D 412 -12.60 -10.02 27.29
C ARG D 412 -13.35 -10.23 28.62
N ASN D 413 -13.96 -11.38 28.75
CA ASN D 413 -14.80 -11.67 29.91
C ASN D 413 -14.00 -11.82 31.19
N LYS D 414 -12.92 -12.59 31.15
CA LYS D 414 -12.12 -12.70 32.37
C LYS D 414 -11.50 -11.36 32.77
N ALA D 415 -11.22 -10.51 31.80
CA ALA D 415 -10.67 -9.18 32.06
C ALA D 415 -11.67 -8.24 32.72
N ALA D 416 -12.92 -8.29 32.24
CA ALA D 416 -13.98 -7.47 32.82
C ALA D 416 -14.21 -7.91 34.27
N ARG D 417 -14.20 -9.24 34.45
CA ARG D 417 -14.40 -9.86 35.77
C ARG D 417 -13.29 -9.43 36.73
N ALA D 418 -12.06 -9.62 36.24
CA ALA D 418 -10.91 -9.21 37.03
C ALA D 418 -11.02 -7.73 37.40
N LEU D 419 -11.32 -6.82 36.46
CA LEU D 419 -11.35 -5.42 36.89
C LEU D 419 -12.46 -5.22 37.92
N GLN D 420 -13.52 -6.01 37.75
CA GLN D 420 -14.64 -5.97 38.68
C GLN D 420 -14.18 -6.30 40.10
N ALA D 421 -13.48 -7.41 40.27
CA ALA D 421 -12.86 -7.79 41.54
C ALA D 421 -11.99 -6.68 42.09
N VAL D 422 -11.13 -6.13 41.25
CA VAL D 422 -10.26 -5.03 41.66
C VAL D 422 -11.04 -3.86 42.23
N PHE D 423 -12.10 -3.44 41.54
CA PHE D 423 -12.78 -2.25 42.09
C PHE D 423 -13.38 -2.62 43.45
N ALA D 424 -13.73 -3.90 43.54
CA ALA D 424 -14.27 -4.50 44.76
C ALA D 424 -13.29 -4.36 45.92
N GLY D 425 -12.21 -5.13 45.85
CA GLY D 425 -11.20 -5.08 46.89
C GLY D 425 -10.76 -3.66 47.21
N MET D 426 -10.74 -2.80 46.21
CA MET D 426 -10.24 -1.44 46.43
C MET D 426 -11.35 -0.50 46.89
N GLY D 427 -12.59 -0.96 46.80
CA GLY D 427 -13.71 -0.15 47.24
C GLY D 427 -13.97 1.02 46.33
N LEU D 428 -13.72 0.78 45.04
CA LEU D 428 -14.04 1.76 44.00
C LEU D 428 -15.49 1.55 43.55
N PRO D 429 -16.04 2.61 42.95
CA PRO D 429 -17.43 2.55 42.44
C PRO D 429 -17.61 1.24 41.66
N PRO D 430 -18.63 0.49 42.03
CA PRO D 430 -18.79 -0.88 41.60
C PRO D 430 -18.97 -1.01 40.09
N ILE D 431 -18.45 -2.14 39.63
CA ILE D 431 -18.62 -2.56 38.25
C ILE D 431 -19.65 -3.69 38.27
N THR D 432 -20.83 -3.41 37.75
CA THR D 432 -21.89 -4.41 37.88
C THR D 432 -21.68 -5.57 36.93
N ASP D 433 -22.41 -6.66 37.18
CA ASP D 433 -22.30 -7.81 36.27
C ASP D 433 -22.90 -7.44 34.92
N GLU D 434 -23.86 -6.51 34.96
CA GLU D 434 -24.41 -5.97 33.73
C GLU D 434 -23.24 -5.46 32.86
N GLU D 435 -22.47 -4.56 33.45
CA GLU D 435 -21.33 -3.93 32.78
C GLU D 435 -20.36 -4.98 32.25
N VAL D 436 -20.12 -6.00 33.08
CA VAL D 436 -19.23 -7.07 32.67
C VAL D 436 -19.71 -7.79 31.43
N GLU D 437 -20.99 -8.15 31.39
CA GLU D 437 -21.44 -8.81 30.17
C GLU D 437 -21.40 -7.89 28.96
N ALA D 438 -21.64 -6.59 29.16
CA ALA D 438 -21.62 -5.64 28.06
C ALA D 438 -20.21 -5.41 27.53
N ALA D 439 -19.23 -5.21 28.41
CA ALA D 439 -17.86 -5.07 27.93
C ALA D 439 -17.38 -6.36 27.28
N THR D 440 -18.02 -7.47 27.64
CA THR D 440 -17.62 -8.74 27.05
C THR D 440 -17.92 -8.72 25.55
N TYR D 441 -19.09 -8.21 25.19
CA TYR D 441 -19.60 -8.30 23.84
C TYR D 441 -19.56 -6.98 23.09
N ALA D 442 -18.97 -5.95 23.68
CA ALA D 442 -18.99 -4.63 23.09
C ALA D 442 -18.12 -4.55 21.85
N HIS D 443 -18.44 -3.62 20.97
CA HIS D 443 -17.56 -3.19 19.91
C HIS D 443 -16.89 -1.88 20.34
N GLY D 444 -17.69 -1.14 21.12
CA GLY D 444 -17.29 0.16 21.61
C GLY D 444 -18.20 0.66 22.72
N SER D 445 -17.86 1.86 23.18
CA SER D 445 -18.59 2.46 24.29
C SER D 445 -20.06 2.70 23.96
N LYS D 446 -20.43 2.66 22.68
CA LYS D 446 -21.88 2.78 22.44
C LYS D 446 -22.60 1.56 23.00
N ASP D 447 -21.89 0.46 23.16
CA ASP D 447 -22.41 -0.78 23.69
C ASP D 447 -22.26 -0.94 25.19
N MET D 448 -21.96 0.14 25.90
CA MET D 448 -21.74 0.05 27.34
C MET D 448 -22.75 0.92 28.11
N PRO D 449 -23.20 0.38 29.23
CA PRO D 449 -24.10 1.11 30.15
C PRO D 449 -23.41 2.34 30.72
N GLU D 450 -24.12 3.47 30.70
CA GLU D 450 -23.49 4.67 31.24
C GLU D 450 -23.15 4.46 32.71
N ARG D 451 -22.07 5.08 33.14
CA ARG D 451 -21.60 5.06 34.52
C ARG D 451 -21.69 6.47 35.13
N ASN D 452 -21.53 6.52 36.44
CA ASN D 452 -21.52 7.75 37.22
C ASN D 452 -20.13 8.38 37.20
N ILE D 453 -19.92 9.27 36.23
CA ILE D 453 -18.67 10.02 36.11
C ILE D 453 -18.23 10.57 37.47
N VAL D 454 -19.21 11.04 38.22
CA VAL D 454 -18.93 11.71 39.48
C VAL D 454 -18.30 10.76 40.50
N GLU D 455 -18.89 9.60 40.71
CA GLU D 455 -18.34 8.62 41.64
C GLU D 455 -17.04 7.99 41.14
N ASP D 456 -16.79 7.93 39.83
CA ASP D 456 -15.51 7.31 39.42
C ASP D 456 -14.36 8.30 39.58
N ILE D 457 -14.64 9.51 39.09
CA ILE D 457 -13.63 10.56 39.02
C ILE D 457 -13.13 10.96 40.41
N LYS D 458 -14.05 11.02 41.35
CA LYS D 458 -13.84 11.30 42.77
C LYS D 458 -12.86 10.29 43.37
N PHE D 459 -13.16 9.01 43.20
CA PHE D 459 -12.30 7.91 43.60
C PHE D 459 -11.02 7.88 42.75
N ALA D 460 -11.11 8.29 41.49
CA ALA D 460 -9.93 8.30 40.63
C ALA D 460 -8.90 9.27 41.19
N GLN D 461 -9.32 10.52 41.36
CA GLN D 461 -8.46 11.56 41.89
C GLN D 461 -7.89 11.16 43.24
N GLU D 462 -8.63 10.34 43.99
CA GLU D 462 -8.16 10.02 45.33
C GLU D 462 -7.00 9.01 45.29
N ILE D 463 -6.99 8.14 44.29
CA ILE D 463 -5.91 7.17 44.11
C ILE D 463 -4.55 7.86 44.05
N ILE D 464 -4.47 9.01 43.38
CA ILE D 464 -3.25 9.78 43.27
C ILE D 464 -3.07 10.69 44.50
N ASN D 465 -4.16 11.30 44.93
CA ASN D 465 -4.16 12.20 46.08
C ASN D 465 -3.60 11.50 47.33
N LYS D 466 -4.11 10.30 47.56
CA LYS D 466 -3.77 9.44 48.67
C LYS D 466 -2.71 8.42 48.30
N ASN D 467 -2.04 8.58 47.16
CA ASN D 467 -0.95 7.71 46.77
C ASN D 467 -1.26 6.22 46.90
N ARG D 468 -2.43 5.82 46.41
CA ARG D 468 -2.79 4.41 46.32
C ARG D 468 -1.99 3.71 45.23
N ASN D 469 -1.18 2.72 45.55
CA ASN D 469 -0.28 2.07 44.59
C ASN D 469 -0.76 0.70 44.12
N GLY D 470 -0.01 0.17 43.16
CA GLY D 470 -0.18 -1.06 42.43
C GLY D 470 -0.47 -2.29 43.27
N LEU D 471 0.10 -2.30 44.47
CA LEU D 471 -0.03 -3.39 45.44
C LEU D 471 -1.50 -3.61 45.80
N GLU D 472 -2.21 -2.51 45.97
CA GLU D 472 -3.64 -2.48 46.17
C GLU D 472 -4.36 -3.22 45.05
N VAL D 473 -3.91 -3.03 43.80
CA VAL D 473 -4.46 -3.75 42.67
C VAL D 473 -4.13 -5.24 42.76
N VAL D 474 -2.88 -5.47 43.14
CA VAL D 474 -2.46 -6.86 43.24
C VAL D 474 -3.22 -7.60 44.33
N LYS D 475 -3.35 -6.98 45.51
CA LYS D 475 -4.05 -7.62 46.62
C LYS D 475 -5.49 -7.92 46.23
N ALA D 476 -6.18 -6.89 45.75
CA ALA D 476 -7.56 -6.99 45.32
C ALA D 476 -7.76 -8.13 44.33
N LEU D 477 -6.83 -8.29 43.40
CA LEU D 477 -6.82 -9.40 42.47
C LEU D 477 -6.77 -10.74 43.20
N ALA D 478 -5.85 -10.79 44.17
CA ALA D 478 -5.68 -12.01 44.95
C ALA D 478 -6.93 -12.29 45.77
N GLN D 479 -7.45 -11.25 46.43
CA GLN D 479 -8.61 -11.33 47.30
C GLN D 479 -9.84 -11.80 46.53
N GLY D 480 -10.02 -11.25 45.32
CA GLY D 480 -11.15 -11.64 44.51
C GLY D 480 -10.97 -12.97 43.82
N GLY D 481 -9.83 -13.63 44.02
CA GLY D 481 -9.60 -14.91 43.39
C GLY D 481 -8.94 -14.83 42.04
N PHE D 482 -8.20 -13.76 41.75
CA PHE D 482 -7.44 -13.69 40.50
C PHE D 482 -5.95 -13.64 40.82
N THR D 483 -5.51 -14.77 41.35
CA THR D 483 -4.14 -14.98 41.79
C THR D 483 -3.19 -14.97 40.58
N ASP D 484 -3.56 -15.69 39.54
CA ASP D 484 -2.85 -15.71 38.27
C ASP D 484 -2.52 -14.28 37.83
N VAL D 485 -3.59 -13.51 37.63
CA VAL D 485 -3.47 -12.12 37.21
C VAL D 485 -2.61 -11.33 38.17
N ALA D 486 -2.90 -11.51 39.46
CA ALA D 486 -2.10 -10.89 40.51
C ALA D 486 -0.64 -11.33 40.41
N GLN D 487 -0.39 -12.61 40.15
CA GLN D 487 0.99 -13.03 39.94
C GLN D 487 1.59 -12.30 38.74
N ASP D 488 0.88 -12.42 37.62
CA ASP D 488 1.29 -11.79 36.36
C ASP D 488 1.56 -10.32 36.61
N MET D 489 0.67 -9.68 37.37
CA MET D 489 0.92 -8.29 37.77
C MET D 489 2.21 -8.13 38.55
N LEU D 490 2.51 -9.08 39.42
CA LEU D 490 3.72 -9.06 40.23
C LEU D 490 4.96 -9.21 39.36
N ASN D 491 4.78 -10.04 38.33
CA ASN D 491 5.86 -10.31 37.40
C ASN D 491 6.25 -9.08 36.61
N ILE D 492 5.31 -8.18 36.33
CA ILE D 492 5.73 -6.97 35.62
C ILE D 492 6.68 -6.14 36.47
N GLN D 493 6.29 -6.00 37.73
CA GLN D 493 7.05 -5.20 38.70
C GLN D 493 8.45 -5.76 38.89
N LYS D 494 8.50 -7.09 38.91
CA LYS D 494 9.71 -7.89 38.91
C LYS D 494 10.67 -7.53 37.78
N ALA D 495 10.12 -7.40 36.57
CA ALA D 495 10.91 -6.98 35.42
C ALA D 495 11.54 -5.62 35.70
N LYS D 496 10.71 -4.79 36.33
CA LYS D 496 11.09 -3.44 36.72
C LYS D 496 12.30 -3.49 37.64
N LEU D 497 12.36 -4.54 38.46
CA LEU D 497 13.47 -4.70 39.39
C LEU D 497 14.77 -5.10 38.66
N THR D 498 14.67 -5.78 37.51
CA THR D 498 15.88 -6.29 36.88
C THR D 498 16.53 -5.32 35.90
N GLY D 499 15.75 -4.41 35.32
CA GLY D 499 16.32 -3.41 34.44
C GLY D 499 16.53 -3.90 33.03
N ASP D 500 16.29 -5.19 32.77
CA ASP D 500 16.59 -5.71 31.44
C ASP D 500 15.75 -5.06 30.34
N TYR D 501 14.51 -4.71 30.66
CA TYR D 501 13.58 -4.19 29.66
C TYR D 501 13.73 -2.68 29.52
N LEU D 502 14.73 -2.08 30.14
CA LEU D 502 15.06 -0.68 29.96
C LEU D 502 15.85 -0.49 28.64
N HIS D 503 16.39 -1.59 28.12
CA HIS D 503 17.23 -1.50 26.92
C HIS D 503 16.41 -1.31 25.65
N THR D 504 17.12 -0.81 24.64
CA THR D 504 16.65 -0.58 23.29
C THR D 504 15.69 -1.66 22.82
N SER D 505 14.48 -1.21 22.55
CA SER D 505 13.44 -1.99 21.89
C SER D 505 12.81 -3.06 22.77
N ALA D 506 13.13 -3.12 24.07
CA ALA D 506 12.67 -4.21 24.91
C ALA D 506 11.14 -4.32 24.95
N ILE D 507 10.69 -5.54 24.74
CA ILE D 507 9.34 -5.98 25.04
C ILE D 507 9.44 -7.27 25.88
N ILE D 508 8.33 -7.83 26.35
CA ILE D 508 8.45 -9.02 27.18
C ILE D 508 7.54 -10.09 26.61
N VAL D 509 8.09 -11.24 26.22
CA VAL D 509 7.31 -12.24 25.51
C VAL D 509 7.38 -13.60 26.19
N GLY D 510 6.48 -14.50 25.81
CA GLY D 510 6.51 -15.83 26.39
C GLY D 510 6.44 -15.83 27.90
N ASP D 511 7.24 -16.69 28.53
CA ASP D 511 7.21 -16.75 29.99
C ASP D 511 8.10 -15.67 30.60
N GLY D 512 7.70 -14.42 30.46
CA GLY D 512 8.43 -13.30 31.02
C GLY D 512 9.83 -13.16 30.46
N GLN D 513 9.96 -13.45 29.18
CA GLN D 513 11.27 -13.34 28.56
C GLN D 513 11.46 -12.02 27.83
N VAL D 514 12.44 -11.24 28.28
CA VAL D 514 12.70 -9.97 27.62
C VAL D 514 13.18 -10.21 26.19
N LEU D 515 12.77 -9.34 25.29
CA LEU D 515 13.20 -9.43 23.90
C LEU D 515 13.54 -8.03 23.42
N SER D 516 14.82 -7.68 23.37
CA SER D 516 15.27 -6.33 23.06
C SER D 516 16.35 -6.35 22.00
N ALA D 517 16.85 -5.17 21.63
CA ALA D 517 17.87 -5.20 20.58
C ALA D 517 19.15 -5.87 21.07
N VAL D 518 19.30 -5.99 22.38
CA VAL D 518 20.51 -6.58 22.95
C VAL D 518 20.55 -8.09 22.76
N ASN D 519 19.46 -8.80 22.99
CA ASN D 519 19.43 -10.24 22.82
C ASN D 519 18.56 -10.69 21.64
N ASP D 520 18.06 -9.78 20.83
CA ASP D 520 17.30 -10.13 19.63
C ASP D 520 17.90 -9.27 18.50
N VAL D 521 19.15 -9.53 18.24
CA VAL D 521 20.05 -8.78 17.39
C VAL D 521 19.67 -8.90 15.91
N ASN D 522 19.40 -7.74 15.31
CA ASN D 522 18.99 -7.76 13.91
C ASN D 522 20.23 -7.97 13.04
N ASP D 523 20.24 -9.08 12.30
CA ASP D 523 21.42 -9.52 11.57
C ASP D 523 21.20 -9.63 10.07
N TYR D 524 20.34 -8.78 9.54
CA TYR D 524 20.04 -8.81 8.13
C TYR D 524 21.24 -8.69 7.21
N ALA D 525 21.31 -9.56 6.21
CA ALA D 525 22.36 -9.49 5.21
C ALA D 525 21.81 -9.90 3.84
N GLY D 526 20.58 -9.51 3.54
CA GLY D 526 19.97 -9.79 2.25
C GLY D 526 19.01 -10.97 2.31
N PRO D 527 18.53 -11.38 1.13
CA PRO D 527 17.62 -12.52 1.01
C PRO D 527 18.03 -13.72 1.84
N ALA D 528 17.04 -14.35 2.46
CA ALA D 528 17.21 -15.54 3.28
C ALA D 528 17.95 -15.31 4.59
N THR D 529 18.20 -14.05 4.96
CA THR D 529 18.85 -13.71 6.21
C THR D 529 18.00 -12.76 7.03
N GLY D 530 18.35 -12.58 8.30
CA GLY D 530 17.60 -11.66 9.15
C GLY D 530 16.25 -12.23 9.53
N TYR D 531 15.32 -11.43 10.05
CA TYR D 531 14.03 -11.99 10.46
C TYR D 531 13.28 -12.52 9.25
N ARG D 532 12.79 -13.75 9.29
CA ARG D 532 11.98 -14.26 8.19
C ARG D 532 10.69 -14.87 8.73
N LEU D 533 9.58 -14.45 8.15
CA LEU D 533 8.30 -15.03 8.53
C LEU D 533 8.29 -16.49 8.09
N GLN D 534 8.08 -17.39 9.03
CA GLN D 534 8.12 -18.81 8.66
C GLN D 534 7.59 -19.67 9.80
N GLY D 535 7.63 -20.98 9.62
CA GLY D 535 7.25 -21.94 10.62
C GLY D 535 5.85 -21.76 11.15
N GLU D 536 5.71 -21.96 12.45
CA GLU D 536 4.42 -21.86 13.12
C GLU D 536 3.84 -20.45 13.04
N ARG D 537 4.71 -19.43 13.02
CA ARG D 537 4.18 -18.06 13.01
C ARG D 537 3.51 -17.78 11.66
N TRP D 538 4.12 -18.30 10.60
CA TRP D 538 3.50 -18.21 9.28
C TRP D 538 2.20 -19.00 9.24
N GLU D 539 2.18 -20.17 9.90
CA GLU D 539 0.95 -20.97 9.85
C GLU D 539 -0.16 -20.17 10.52
N GLU D 540 0.23 -19.51 11.61
CA GLU D 540 -0.74 -18.73 12.36
C GLU D 540 -1.28 -17.61 11.49
N ILE D 541 -0.37 -16.98 10.74
CA ILE D 541 -0.78 -15.85 9.89
C ILE D 541 -1.65 -16.33 8.73
N LYS D 542 -1.42 -17.53 8.22
CA LYS D 542 -2.21 -18.05 7.11
C LYS D 542 -3.67 -18.34 7.45
N ASN D 543 -3.94 -18.54 8.73
CA ASN D 543 -5.23 -19.00 9.21
C ASN D 543 -6.27 -17.92 9.41
N ILE D 544 -6.58 -17.18 8.36
CA ILE D 544 -7.59 -16.14 8.43
C ILE D 544 -8.99 -16.74 8.36
N PRO D 545 -9.97 -16.01 8.88
CA PRO D 545 -11.37 -16.45 8.79
C PRO D 545 -11.85 -16.51 7.35
N GLY D 546 -12.66 -17.51 7.04
CA GLY D 546 -13.28 -17.62 5.73
C GLY D 546 -12.42 -18.33 4.72
N ALA D 547 -11.29 -18.90 5.14
CA ALA D 547 -10.53 -19.68 4.17
C ALA D 547 -11.22 -21.03 3.97
N LEU D 548 -11.90 -21.21 2.84
CA LEU D 548 -12.53 -22.49 2.54
C LEU D 548 -11.54 -23.59 2.13
N ASP D 549 -11.67 -24.77 2.75
CA ASP D 549 -10.86 -25.94 2.40
C ASP D 549 -11.44 -26.64 1.17
N PRO D 550 -10.66 -26.54 0.09
CA PRO D 550 -11.01 -26.90 -1.27
C PRO D 550 -11.52 -28.30 -1.50
N ASN D 551 -10.90 -29.30 -0.87
CA ASN D 551 -11.26 -30.68 -1.19
C ASN D 551 -12.76 -30.93 -0.98
N GLY E 46 -14.77 46.77 13.76
CA GLY E 46 -14.04 46.06 14.81
C GLY E 46 -14.88 45.85 16.06
N PHE E 47 -14.24 45.44 17.16
CA PHE E 47 -14.99 45.24 18.40
C PHE E 47 -14.11 45.21 19.64
N LEU E 48 -12.79 45.29 19.50
CA LEU E 48 -11.93 45.17 20.69
C LEU E 48 -10.95 46.32 20.84
N THR E 49 -10.91 46.85 22.07
CA THR E 49 -10.17 48.05 22.42
C THR E 49 -9.25 47.87 23.62
N GLU E 50 -7.95 47.93 23.37
CA GLU E 50 -7.05 47.82 24.51
C GLU E 50 -7.22 49.08 25.34
N VAL E 51 -7.59 48.86 26.59
CA VAL E 51 -7.73 49.98 27.52
C VAL E 51 -6.67 49.89 28.61
N GLY E 52 -5.42 49.78 28.17
CA GLY E 52 -4.22 49.73 28.94
C GLY E 52 -3.81 48.38 29.47
N GLU E 53 -2.61 48.29 30.04
CA GLU E 53 -2.17 47.02 30.63
C GLU E 53 -3.18 46.54 31.67
N ALA E 54 -3.50 45.25 31.63
CA ALA E 54 -4.49 44.66 32.53
C ALA E 54 -3.94 44.53 33.95
N ARG E 55 -4.78 44.90 34.93
CA ARG E 55 -4.36 44.86 36.32
C ARG E 55 -4.93 43.66 37.06
N GLN E 56 -4.18 43.22 38.05
CA GLN E 56 -4.56 42.12 38.92
C GLN E 56 -5.98 42.30 39.45
N GLY E 57 -6.76 41.23 39.43
CA GLY E 57 -8.13 41.19 39.86
C GLY E 57 -8.29 41.24 41.38
N THR E 58 -9.46 41.69 41.83
CA THR E 58 -9.78 41.92 43.23
C THR E 58 -10.70 40.85 43.84
N GLN E 59 -11.86 40.73 43.23
CA GLN E 59 -12.94 39.85 43.61
C GLN E 59 -12.79 38.46 43.01
N GLN E 60 -13.17 37.44 43.78
CA GLN E 60 -13.02 36.05 43.35
C GLN E 60 -14.23 35.57 42.57
N ASP E 61 -14.87 36.53 41.89
CA ASP E 61 -16.08 36.25 41.12
C ASP E 61 -16.12 37.09 39.83
N GLU E 62 -15.00 37.05 39.12
CA GLU E 62 -14.88 37.53 37.76
C GLU E 62 -13.99 36.53 36.99
N VAL E 63 -14.38 36.31 35.74
CA VAL E 63 -13.70 35.39 34.84
C VAL E 63 -13.03 36.17 33.72
N ILE E 64 -11.74 35.89 33.53
CA ILE E 64 -11.14 36.62 32.40
C ILE E 64 -11.18 35.74 31.16
N ILE E 65 -11.48 36.40 30.05
CA ILE E 65 -11.28 35.78 28.75
C ILE E 65 -9.97 36.35 28.21
N ALA E 66 -8.97 35.47 28.12
CA ALA E 66 -7.69 35.82 27.55
C ALA E 66 -7.70 35.47 26.06
N VAL E 67 -7.34 36.46 25.27
CA VAL E 67 -7.49 36.37 23.82
C VAL E 67 -6.13 36.45 23.14
N GLY E 68 -5.90 35.64 22.11
CA GLY E 68 -4.62 35.65 21.42
C GLY E 68 -4.33 36.98 20.76
N PRO E 69 -3.05 37.23 20.48
CA PRO E 69 -2.61 38.52 19.98
C PRO E 69 -3.13 38.87 18.59
N ALA E 70 -4.02 38.08 17.99
CA ALA E 70 -4.54 38.45 16.68
C ALA E 70 -6.06 38.39 16.69
N PHE E 71 -6.57 37.87 17.82
CA PHE E 71 -8.00 37.73 17.95
C PHE E 71 -8.69 39.07 17.71
N GLY E 72 -9.55 39.09 16.69
CA GLY E 72 -10.45 40.15 16.32
C GLY E 72 -9.71 41.26 15.59
N LEU E 73 -8.43 40.99 15.32
CA LEU E 73 -7.61 41.94 14.59
C LEU E 73 -7.22 41.33 13.25
N ALA E 74 -6.05 40.72 13.11
CA ALA E 74 -5.64 40.14 11.84
C ALA E 74 -6.58 38.99 11.46
N GLN E 75 -7.15 38.38 12.49
CA GLN E 75 -8.14 37.32 12.35
C GLN E 75 -9.43 37.70 13.08
N THR E 76 -10.57 37.45 12.43
CA THR E 76 -11.87 37.89 12.91
C THR E 76 -12.88 36.75 12.99
N VAL E 77 -12.51 35.61 12.40
CA VAL E 77 -13.36 34.42 12.44
C VAL E 77 -12.54 33.19 12.81
N ASN E 78 -13.26 32.16 13.27
CA ASN E 78 -12.53 30.98 13.75
C ASN E 78 -12.33 30.01 12.59
N ILE E 79 -11.69 28.87 12.87
CA ILE E 79 -11.31 27.95 11.80
C ILE E 79 -12.47 27.58 10.91
N VAL E 80 -13.70 27.61 11.43
CA VAL E 80 -14.85 27.28 10.59
C VAL E 80 -15.75 28.46 10.29
N GLY E 81 -15.36 29.72 10.53
CA GLY E 81 -16.21 30.82 10.09
C GLY E 81 -17.03 31.52 11.14
N ILE E 82 -17.20 30.94 12.32
CA ILE E 82 -17.86 31.61 13.44
C ILE E 82 -17.10 32.86 13.86
N PRO E 83 -17.74 34.03 13.80
CA PRO E 83 -17.01 35.27 14.06
C PRO E 83 -16.61 35.44 15.51
N HIS E 84 -15.52 36.17 15.67
CA HIS E 84 -14.94 36.50 16.97
C HIS E 84 -15.92 37.21 17.89
N LYS E 85 -16.63 38.22 17.40
CA LYS E 85 -17.61 38.95 18.20
C LYS E 85 -18.66 38.02 18.79
N SER E 86 -19.18 37.13 17.96
CA SER E 86 -20.22 36.20 18.38
C SER E 86 -19.71 35.23 19.44
N ILE E 87 -18.47 34.81 19.22
CA ILE E 87 -17.76 33.93 20.15
C ILE E 87 -17.56 34.68 21.46
N LEU E 88 -17.08 35.92 21.42
CA LEU E 88 -16.94 36.64 22.69
C LEU E 88 -18.31 36.83 23.36
N ARG E 89 -19.30 37.12 22.53
CA ARG E 89 -20.70 37.24 22.84
C ARG E 89 -21.20 36.13 23.76
N GLU E 90 -21.11 34.89 23.28
CA GLU E 90 -21.62 33.75 24.03
C GLU E 90 -20.76 33.41 25.23
N VAL E 91 -19.45 33.71 25.15
CA VAL E 91 -18.63 33.37 26.31
C VAL E 91 -19.04 34.28 27.47
N ILE E 92 -19.02 35.58 27.17
CA ILE E 92 -19.39 36.58 28.17
C ILE E 92 -20.75 36.27 28.78
N ALA E 93 -21.75 36.26 27.93
CA ALA E 93 -23.13 35.92 28.29
C ALA E 93 -23.19 34.69 29.19
N GLY E 94 -22.37 33.69 28.88
CA GLY E 94 -22.31 32.49 29.70
C GLY E 94 -21.91 32.83 31.12
N ILE E 95 -20.87 33.64 31.25
CA ILE E 95 -20.33 33.98 32.57
C ILE E 95 -21.31 34.87 33.35
N GLU E 96 -21.72 35.95 32.70
CA GLU E 96 -22.60 36.95 33.28
C GLU E 96 -23.90 36.33 33.80
N GLU E 97 -24.57 35.56 32.96
CA GLU E 97 -25.83 34.93 33.32
C GLU E 97 -25.70 34.04 34.55
N GLU E 98 -24.49 33.62 34.89
CA GLU E 98 -24.20 32.84 36.09
C GLU E 98 -23.91 33.77 37.27
N GLY E 99 -23.85 35.06 36.98
CA GLY E 99 -23.74 36.14 37.93
C GLY E 99 -22.33 36.54 38.30
N ILE E 100 -21.41 36.34 37.36
CA ILE E 100 -20.01 36.67 37.57
C ILE E 100 -19.56 37.69 36.52
N LYS E 101 -18.61 38.53 36.86
CA LYS E 101 -18.11 39.54 35.93
C LYS E 101 -17.23 38.93 34.84
N ALA E 102 -17.36 39.40 33.60
CA ALA E 102 -16.50 38.84 32.56
C ALA E 102 -15.55 39.92 32.04
N ARG E 103 -14.27 39.66 32.27
CA ARG E 103 -13.17 40.55 31.89
C ARG E 103 -12.40 39.97 30.73
N VAL E 104 -11.96 40.83 29.81
CA VAL E 104 -11.25 40.34 28.64
C VAL E 104 -9.93 41.06 28.41
N ILE E 105 -8.89 40.28 28.12
CA ILE E 105 -7.55 40.80 27.91
C ILE E 105 -6.87 40.14 26.71
N ARG E 106 -6.03 40.90 26.03
CA ARG E 106 -5.27 40.35 24.90
C ARG E 106 -3.86 39.96 25.35
N CYS E 107 -3.53 38.70 25.08
CA CYS E 107 -2.30 38.07 25.50
C CYS E 107 -1.18 38.15 24.47
N PHE E 108 0.05 38.34 24.91
CA PHE E 108 1.16 38.71 24.04
C PHE E 108 2.43 37.88 24.07
N LYS E 109 2.76 37.32 25.23
CA LYS E 109 4.03 36.63 25.42
C LYS E 109 4.05 35.20 24.87
N SER E 110 2.92 34.71 24.37
CA SER E 110 2.85 33.42 23.69
C SER E 110 1.49 33.17 23.07
N SER E 111 1.47 32.68 21.83
CA SER E 111 0.21 32.43 21.12
C SER E 111 -0.36 31.06 21.48
N ASP E 112 0.43 30.31 22.23
CA ASP E 112 -0.05 29.03 22.75
C ASP E 112 -1.24 29.24 23.67
N VAL E 113 -2.33 28.52 23.41
CA VAL E 113 -3.60 28.72 24.12
C VAL E 113 -3.42 28.50 25.60
N ALA E 114 -2.58 27.56 26.02
CA ALA E 114 -2.41 27.29 27.46
C ALA E 114 -1.71 28.48 28.14
N PHE E 115 -0.60 28.89 27.53
CA PHE E 115 0.12 30.00 28.15
C PHE E 115 -0.76 31.24 28.15
N VAL E 116 -1.56 31.47 27.08
CA VAL E 116 -2.34 32.70 27.25
C VAL E 116 -3.42 32.46 28.30
N ALA E 117 -3.93 31.24 28.46
CA ALA E 117 -4.92 31.10 29.54
C ALA E 117 -4.20 31.38 30.87
N VAL E 118 -2.99 30.83 30.96
CA VAL E 118 -2.21 31.00 32.18
C VAL E 118 -2.03 32.49 32.47
N GLU E 119 -1.80 33.27 31.40
CA GLU E 119 -1.58 34.70 31.63
C GLU E 119 -2.76 35.32 32.36
N GLY E 120 -3.94 34.96 31.84
CA GLY E 120 -5.19 35.41 32.43
C GLY E 120 -5.43 34.85 33.80
N ASN E 121 -5.02 33.61 34.10
CA ASN E 121 -5.46 33.12 35.41
C ASN E 121 -4.69 33.84 36.52
N ARG E 122 -3.57 34.45 36.14
CA ARG E 122 -2.80 35.20 37.14
C ARG E 122 -3.60 36.39 37.65
N LEU E 123 -4.29 37.09 36.76
CA LEU E 123 -5.04 38.31 37.01
C LEU E 123 -6.51 38.10 37.35
N SER E 124 -7.09 36.94 37.04
CA SER E 124 -8.51 36.77 37.37
C SER E 124 -8.71 36.78 38.87
N GLY E 125 -9.57 37.66 39.37
CA GLY E 125 -9.84 37.68 40.80
C GLY E 125 -10.28 36.31 41.30
N SER E 126 -10.91 35.50 40.46
CA SER E 126 -11.39 34.18 40.83
C SER E 126 -10.30 33.12 40.62
N GLY E 127 -9.27 33.51 39.88
CA GLY E 127 -8.20 32.59 39.53
C GLY E 127 -8.57 31.68 38.36
N ILE E 128 -9.77 31.91 37.81
CA ILE E 128 -10.27 31.15 36.67
C ILE E 128 -10.20 32.00 35.40
N SER E 129 -9.75 31.37 34.31
CA SER E 129 -9.63 32.06 33.02
C SER E 129 -10.00 31.15 31.85
N ILE E 130 -10.27 31.82 30.73
CA ILE E 130 -10.62 31.07 29.53
C ILE E 130 -9.66 31.53 28.45
N GLY E 131 -8.83 30.61 27.94
CA GLY E 131 -7.91 31.05 26.88
C GLY E 131 -8.54 30.73 25.52
N ILE E 132 -8.45 31.66 24.57
CA ILE E 132 -8.99 31.46 23.23
C ILE E 132 -8.08 31.93 22.09
N GLN E 133 -7.78 31.02 21.16
CA GLN E 133 -7.03 31.36 19.95
C GLN E 133 -7.92 31.87 18.82
N SER E 134 -7.34 32.64 17.90
CA SER E 134 -8.14 33.14 16.78
C SER E 134 -8.76 31.98 16.00
N LYS E 135 -8.00 30.91 15.79
CA LYS E 135 -8.63 29.78 15.08
C LYS E 135 -9.75 29.19 15.92
N GLY E 136 -9.76 29.44 17.23
CA GLY E 136 -10.95 29.01 17.98
C GLY E 136 -10.73 28.07 19.13
N THR E 137 -9.55 27.45 19.14
CA THR E 137 -9.22 26.51 20.22
C THR E 137 -9.41 27.17 21.58
N THR E 138 -9.98 26.45 22.55
CA THR E 138 -10.29 27.11 23.81
C THR E 138 -9.93 26.27 25.04
N VAL E 139 -9.56 26.98 26.11
CA VAL E 139 -9.24 26.28 27.34
C VAL E 139 -9.68 27.06 28.58
N ILE E 140 -10.24 26.30 29.51
CA ILE E 140 -10.55 26.83 30.84
C ILE E 140 -9.42 26.53 31.81
N HIS E 141 -8.73 27.56 32.30
CA HIS E 141 -7.59 27.33 33.18
C HIS E 141 -7.84 27.83 34.61
N GLN E 142 -6.82 27.71 35.46
CA GLN E 142 -6.91 28.14 36.84
C GLN E 142 -5.55 28.18 37.51
N GLN E 143 -5.31 29.20 38.33
CA GLN E 143 -4.09 29.34 39.11
C GLN E 143 -3.78 28.09 39.94
N GLY E 144 -2.50 27.70 40.00
CA GLY E 144 -2.12 26.52 40.77
C GLY E 144 -1.91 25.28 39.92
N LEU E 145 -2.43 25.33 38.70
CA LEU E 145 -2.25 24.31 37.69
C LEU E 145 -1.05 24.67 36.82
N PRO E 146 -0.26 23.67 36.49
CA PRO E 146 0.80 23.84 35.49
C PRO E 146 0.16 24.23 34.16
N PRO E 147 0.88 24.96 33.32
CA PRO E 147 0.29 25.45 32.08
C PRO E 147 -0.27 24.34 31.21
N LEU E 148 0.27 23.11 31.27
CA LEU E 148 -0.29 22.15 30.30
C LEU E 148 -1.31 21.23 30.96
N SER E 149 -1.77 21.68 32.12
CA SER E 149 -2.93 21.15 32.80
C SER E 149 -4.07 22.17 32.70
N ASN E 150 -5.29 21.76 32.99
CA ASN E 150 -6.39 22.74 32.87
C ASN E 150 -7.67 22.17 33.48
N LEU E 151 -8.72 22.98 33.46
CA LEU E 151 -9.99 22.44 34.00
C LEU E 151 -10.74 21.75 32.87
N GLU E 152 -10.83 22.43 31.73
CA GLU E 152 -11.39 21.82 30.53
C GLU E 152 -10.66 22.32 29.29
N LEU E 153 -10.52 21.42 28.34
CA LEU E 153 -9.86 21.65 27.06
C LEU E 153 -10.83 21.43 25.90
N PHE E 154 -10.75 22.26 24.86
CA PHE E 154 -11.53 22.08 23.63
C PHE E 154 -10.56 22.07 22.45
N PRO E 155 -9.93 20.91 22.25
CA PRO E 155 -8.76 20.75 21.39
C PRO E 155 -9.09 20.41 19.94
N GLN E 156 -10.37 20.52 19.59
CA GLN E 156 -10.77 20.43 18.19
C GLN E 156 -11.71 21.61 17.87
N ALA E 157 -11.13 22.78 17.60
CA ALA E 157 -11.93 23.97 17.35
C ALA E 157 -12.99 23.76 16.27
N PRO E 158 -12.78 23.08 15.15
CA PRO E 158 -13.86 23.01 14.15
C PRO E 158 -15.17 22.43 14.67
N LEU E 159 -15.19 21.77 15.82
CA LEU E 159 -16.38 21.15 16.38
C LEU E 159 -17.13 22.11 17.30
N LEU E 160 -16.52 23.26 17.62
CA LEU E 160 -17.20 24.17 18.53
C LEU E 160 -18.33 24.94 17.88
N THR E 161 -19.36 25.24 18.68
CA THR E 161 -20.46 26.07 18.16
C THR E 161 -20.72 27.19 19.16
N LEU E 162 -21.50 28.15 18.71
CA LEU E 162 -21.80 29.29 19.59
C LEU E 162 -22.43 28.76 20.87
N GLU E 163 -23.23 27.70 20.72
CA GLU E 163 -23.77 27.13 21.96
C GLU E 163 -22.65 26.54 22.80
N THR E 164 -21.59 26.04 22.14
CA THR E 164 -20.52 25.46 22.95
C THR E 164 -19.79 26.56 23.72
N TYR E 165 -19.58 27.69 23.05
CA TYR E 165 -18.88 28.83 23.64
C TYR E 165 -19.57 29.40 24.88
N ARG E 166 -20.91 29.34 24.88
CA ARG E 166 -21.67 29.85 26.01
C ARG E 166 -21.59 28.89 27.18
N GLN E 167 -21.59 27.58 26.89
CA GLN E 167 -21.46 26.61 27.97
C GLN E 167 -20.10 26.78 28.63
N ILE E 168 -19.12 27.13 27.81
CA ILE E 168 -17.78 27.30 28.37
C ILE E 168 -17.73 28.48 29.34
N GLY E 169 -18.17 29.66 28.90
CA GLY E 169 -18.36 30.79 29.81
C GLY E 169 -19.11 30.40 31.07
N LYS E 170 -20.29 29.81 30.90
CA LYS E 170 -21.09 29.26 31.98
C LYS E 170 -20.23 28.47 32.98
N ASN E 171 -19.64 27.38 32.51
CA ASN E 171 -18.80 26.53 33.33
C ASN E 171 -17.66 27.30 33.99
N ALA E 172 -17.06 28.24 33.25
CA ALA E 172 -15.97 29.00 33.84
C ALA E 172 -16.49 29.70 35.10
N ALA E 173 -17.68 30.26 34.99
CA ALA E 173 -18.31 30.97 36.11
C ALA E 173 -18.60 30.02 37.26
N ARG E 174 -19.17 28.85 36.95
CA ARG E 174 -19.39 27.83 37.98
C ARG E 174 -18.11 27.52 38.73
N TYR E 175 -17.01 27.35 37.97
CA TYR E 175 -15.73 27.14 38.62
C TYR E 175 -15.31 28.34 39.45
N ALA E 176 -15.64 29.55 39.00
CA ALA E 176 -15.19 30.75 39.73
C ALA E 176 -15.88 30.86 41.08
N LYS E 177 -17.10 30.34 41.16
CA LYS E 177 -17.86 30.24 42.40
C LYS E 177 -17.48 28.97 43.15
N ARG E 178 -16.48 28.28 42.60
CA ARG E 178 -16.04 27.01 43.15
C ARG E 178 -17.25 26.08 43.23
N GLU E 179 -18.00 26.05 42.14
CA GLU E 179 -19.23 25.29 42.04
C GLU E 179 -19.03 23.85 41.59
N SER E 180 -18.00 23.62 40.78
CA SER E 180 -17.75 22.29 40.24
C SER E 180 -18.81 21.92 39.19
N PRO E 181 -18.88 22.69 38.10
CA PRO E 181 -19.83 22.32 37.04
C PRO E 181 -19.51 20.95 36.48
N GLN E 182 -20.54 20.21 36.06
CA GLN E 182 -20.22 19.03 35.27
C GLN E 182 -19.58 19.51 33.97
N PRO E 183 -18.58 18.82 33.43
CA PRO E 183 -17.82 19.33 32.29
C PRO E 183 -18.63 19.40 31.00
N VAL E 184 -18.33 20.40 30.18
CA VAL E 184 -18.89 20.47 28.83
C VAL E 184 -18.73 19.13 28.11
N PRO E 185 -19.79 18.63 27.49
CA PRO E 185 -19.71 17.31 26.86
C PRO E 185 -18.61 17.29 25.79
N THR E 186 -17.87 16.21 25.84
CA THR E 186 -16.72 15.93 24.99
C THR E 186 -17.09 15.93 23.53
N LEU E 187 -16.40 16.78 22.75
CA LEU E 187 -16.57 16.75 21.30
C LEU E 187 -15.36 16.11 20.62
N ASN E 188 -15.62 15.20 19.68
CA ASN E 188 -14.49 14.52 19.06
C ASN E 188 -14.88 14.03 17.67
N ASP E 189 -13.96 14.13 16.72
CA ASP E 189 -14.26 13.62 15.38
C ASP E 189 -12.97 13.11 14.76
N GLN E 190 -12.90 11.82 14.46
CA GLN E 190 -11.69 11.25 13.86
C GLN E 190 -11.25 11.95 12.59
N MET E 191 -12.12 12.69 11.90
CA MET E 191 -11.69 13.32 10.65
C MET E 191 -11.39 14.80 10.79
N ALA E 192 -11.47 15.34 12.01
CA ALA E 192 -11.21 16.77 12.21
C ALA E 192 -9.81 17.19 11.79
N ARG E 193 -8.81 16.43 12.25
CA ARG E 193 -7.43 16.67 11.84
C ARG E 193 -7.29 16.48 10.32
N PRO E 194 -7.69 15.37 9.72
CA PRO E 194 -7.65 15.25 8.25
C PRO E 194 -8.19 16.47 7.52
N LYS E 195 -9.31 17.02 8.00
CA LYS E 195 -9.88 18.13 7.23
C LYS E 195 -9.26 19.47 7.61
N TYR E 196 -8.87 19.63 8.87
CA TYR E 196 -8.51 20.98 9.32
C TYR E 196 -7.13 21.15 9.93
N GLN E 197 -6.34 20.11 10.11
CA GLN E 197 -5.11 20.40 10.86
C GLN E 197 -4.17 21.28 10.07
N ALA E 198 -4.09 21.05 8.76
CA ALA E 198 -3.15 21.90 8.02
C ALA E 198 -3.57 23.36 8.07
N LYS E 199 -4.88 23.61 8.02
CA LYS E 199 -5.39 24.98 8.05
C LYS E 199 -5.19 25.56 9.45
N SER E 200 -5.42 24.72 10.45
CA SER E 200 -5.15 25.12 11.83
C SER E 200 -3.71 25.64 11.92
N ALA E 201 -2.81 24.90 11.28
CA ALA E 201 -1.39 25.23 11.30
C ALA E 201 -1.13 26.60 10.71
N ILE E 202 -1.71 26.85 9.53
CA ILE E 202 -1.48 28.11 8.84
C ILE E 202 -2.03 29.29 9.64
N LEU E 203 -3.20 29.08 10.22
CA LEU E 203 -3.82 30.11 11.05
C LEU E 203 -2.97 30.39 12.28
N HIS E 204 -2.38 29.34 12.85
CA HIS E 204 -1.57 29.52 14.05
C HIS E 204 -0.25 30.22 13.68
N ILE E 205 0.28 29.88 12.52
CA ILE E 205 1.50 30.53 12.08
C ILE E 205 1.27 32.04 12.00
N LYS E 206 0.12 32.41 11.44
CA LYS E 206 -0.21 33.82 11.26
C LYS E 206 -0.46 34.51 12.58
N GLU E 207 -1.26 33.93 13.48
CA GLU E 207 -1.47 34.62 14.75
C GLU E 207 -0.16 34.81 15.51
N THR E 208 0.70 33.81 15.42
CA THR E 208 1.96 33.75 16.17
C THR E 208 2.89 34.90 15.81
N LYS E 209 2.66 35.51 14.65
CA LYS E 209 3.51 36.63 14.22
C LYS E 209 3.26 37.88 15.05
N TYR E 210 2.26 37.83 15.92
CA TYR E 210 1.84 38.94 16.75
C TYR E 210 2.19 38.67 18.20
N VAL E 211 3.11 37.73 18.42
CA VAL E 211 3.52 37.50 19.81
C VAL E 211 4.58 38.53 20.20
N VAL E 212 4.49 39.13 21.39
CA VAL E 212 5.57 40.01 21.87
C VAL E 212 6.07 39.50 23.23
N THR E 213 7.31 39.05 23.15
CA THR E 213 8.02 38.48 24.29
C THR E 213 8.02 39.49 25.43
N GLY E 214 7.74 39.04 26.64
CA GLY E 214 7.79 39.93 27.79
C GLY E 214 6.71 40.98 27.80
N LYS E 215 5.86 41.06 26.78
CA LYS E 215 4.84 42.13 26.87
C LYS E 215 3.62 41.66 27.64
N ASN E 216 3.17 42.49 28.58
CA ASN E 216 2.04 42.19 29.44
C ASN E 216 0.68 42.33 28.76
N PRO E 217 -0.23 41.46 29.18
CA PRO E 217 -1.57 41.39 28.62
C PRO E 217 -2.22 42.76 28.59
N GLN E 218 -3.05 42.98 27.58
CA GLN E 218 -3.79 44.25 27.56
C GLN E 218 -5.25 44.01 27.92
N GLU E 219 -5.80 44.96 28.68
CA GLU E 219 -7.24 44.93 28.94
C GLU E 219 -7.96 45.50 27.73
N LEU E 220 -9.15 44.97 27.50
CA LEU E 220 -9.88 45.31 26.29
C LEU E 220 -11.29 45.77 26.60
N ARG E 221 -11.77 46.75 25.84
CA ARG E 221 -13.15 47.19 26.06
C ARG E 221 -14.07 46.60 24.97
N VAL E 222 -15.27 46.32 25.40
CA VAL E 222 -16.52 45.84 24.89
C VAL E 222 -16.65 45.89 23.38
N ALA E 223 -17.84 45.52 22.91
CA ALA E 223 -18.25 45.55 21.52
C ALA E 223 -18.33 46.98 20.98
N SER F 37 33.11 -6.00 34.93
CA SER F 37 31.90 -5.22 34.67
C SER F 37 30.93 -6.00 33.78
N ALA F 38 29.65 -5.71 33.92
CA ALA F 38 28.61 -6.43 33.17
C ALA F 38 28.79 -6.29 31.66
N ARG F 39 28.59 -7.37 30.93
CA ARG F 39 28.68 -7.40 29.47
C ARG F 39 27.40 -7.89 28.79
N VAL F 40 27.39 -7.72 27.47
CA VAL F 40 26.22 -8.18 26.71
C VAL F 40 25.99 -9.68 26.95
N SER F 41 27.10 -10.40 27.15
CA SER F 41 27.03 -11.83 27.45
C SER F 41 26.32 -12.08 28.78
N ASP F 42 26.23 -11.05 29.63
CA ASP F 42 25.59 -11.19 30.92
C ASP F 42 24.08 -10.96 30.88
N TYR F 43 23.60 -10.55 29.71
CA TYR F 43 22.19 -10.16 29.56
C TYR F 43 21.39 -11.29 28.94
N PRO F 44 20.12 -11.44 29.27
CA PRO F 44 19.40 -10.68 30.27
C PRO F 44 19.80 -11.06 31.69
N LEU F 45 19.92 -10.12 32.63
CA LEU F 45 20.31 -10.48 33.99
C LEU F 45 19.37 -11.53 34.59
N ALA F 46 18.08 -11.36 34.37
CA ALA F 46 17.05 -12.25 34.90
C ALA F 46 17.29 -13.72 34.58
N ASN F 47 17.84 -14.02 33.42
CA ASN F 47 18.02 -15.36 32.91
C ASN F 47 19.40 -15.91 33.25
N LYS F 48 20.42 -15.10 33.00
CA LYS F 48 21.81 -15.44 33.23
C LYS F 48 22.31 -15.16 34.64
N HIS F 49 21.90 -14.13 35.37
CA HIS F 49 22.45 -13.83 36.69
C HIS F 49 21.42 -13.18 37.61
N PRO F 50 20.33 -13.86 37.90
CA PRO F 50 19.23 -13.30 38.69
C PRO F 50 19.65 -12.96 40.13
N GLU F 51 20.67 -13.66 40.59
CA GLU F 51 21.25 -13.48 41.91
C GLU F 51 22.06 -12.18 41.94
N TRP F 52 22.32 -11.64 40.76
CA TRP F 52 22.95 -10.32 40.69
C TRP F 52 21.94 -9.20 40.95
N VAL F 53 20.65 -9.50 40.88
CA VAL F 53 19.64 -8.46 41.02
C VAL F 53 19.07 -8.49 42.43
N LYS F 54 19.82 -9.15 43.32
CA LYS F 54 19.32 -9.16 44.68
C LYS F 54 19.28 -7.70 45.17
N THR F 55 18.09 -7.32 45.53
CA THR F 55 17.77 -6.06 46.17
C THR F 55 18.82 -5.71 47.22
N ALA F 56 18.88 -4.42 47.52
CA ALA F 56 19.72 -3.76 48.50
C ALA F 56 19.26 -4.19 49.91
N THR F 57 18.03 -4.67 49.91
CA THR F 57 17.24 -5.25 50.96
C THR F 57 17.72 -6.67 51.20
N ASN F 58 18.37 -7.18 50.16
CA ASN F 58 19.10 -8.42 50.13
C ASN F 58 18.20 -9.64 49.95
N LYS F 59 17.06 -9.45 49.30
CA LYS F 59 16.13 -10.52 48.97
C LYS F 59 15.93 -10.63 47.47
N THR F 60 16.02 -11.83 46.90
CA THR F 60 16.01 -12.07 45.48
C THR F 60 14.67 -11.80 44.78
N LEU F 61 14.76 -12.01 43.46
CA LEU F 61 13.57 -11.98 42.63
C LEU F 61 12.55 -13.01 43.12
N ASP F 62 13.04 -14.20 43.43
CA ASP F 62 12.15 -15.28 43.84
C ASP F 62 11.40 -14.97 45.12
N ASP F 63 11.83 -13.96 45.86
CA ASP F 63 11.11 -13.58 47.08
C ASP F 63 9.83 -12.84 46.78
N PHE F 64 9.72 -12.35 45.53
CA PHE F 64 8.57 -11.47 45.28
C PHE F 64 7.37 -12.31 44.89
N THR F 65 6.68 -12.79 45.94
CA THR F 65 5.55 -13.67 45.71
C THR F 65 4.25 -13.04 46.15
N LEU F 66 3.17 -13.48 45.51
CA LEU F 66 1.85 -13.06 45.95
C LEU F 66 1.67 -13.29 47.44
N GLU F 67 2.07 -14.49 47.87
CA GLU F 67 1.93 -14.82 49.29
C GLU F 67 2.75 -13.85 50.13
N ASN F 68 4.00 -13.64 49.72
CA ASN F 68 4.87 -12.73 50.47
C ASN F 68 4.27 -11.34 50.44
N VAL F 69 3.65 -11.09 49.28
CA VAL F 69 3.04 -9.76 49.13
C VAL F 69 1.89 -9.63 50.12
N LEU F 70 1.07 -10.67 50.13
CA LEU F 70 -0.09 -10.80 50.99
C LEU F 70 0.30 -10.73 52.47
N SER F 71 1.27 -11.56 52.86
CA SER F 71 1.75 -11.57 54.23
C SER F 71 2.61 -10.36 54.57
N ASN F 72 2.82 -9.46 53.60
CA ASN F 72 3.64 -8.27 53.87
C ASN F 72 5.08 -8.64 54.15
N LYS F 73 5.44 -9.86 53.71
CA LYS F 73 6.86 -10.17 53.74
C LYS F 73 7.54 -9.25 52.72
N VAL F 74 6.87 -8.97 51.60
CA VAL F 74 7.41 -7.99 50.66
C VAL F 74 6.39 -6.86 50.49
N THR F 75 6.93 -5.64 50.41
CA THR F 75 6.15 -4.42 50.37
C THR F 75 6.66 -3.44 49.31
N ALA F 76 5.98 -2.31 49.21
CA ALA F 76 6.15 -1.33 48.15
C ALA F 76 7.60 -0.88 47.96
N GLN F 77 8.35 -0.70 49.05
CA GLN F 77 9.72 -0.30 48.75
C GLN F 77 10.46 -1.46 48.09
N ASP F 78 10.19 -2.66 48.58
CA ASP F 78 10.86 -3.90 48.22
C ASP F 78 11.10 -3.97 46.71
N MET F 79 10.10 -3.53 45.96
CA MET F 79 10.21 -3.37 44.52
C MET F 79 10.63 -1.98 44.09
N ARG F 80 11.75 -1.49 44.60
CA ARG F 80 12.43 -0.32 44.11
C ARG F 80 13.67 -0.80 43.37
N ILE F 81 13.84 -0.47 42.09
CA ILE F 81 15.11 -0.91 41.49
C ILE F 81 16.28 -0.28 42.22
N THR F 82 17.45 -0.93 42.26
CA THR F 82 18.61 -0.37 42.97
C THR F 82 19.61 0.29 42.03
N PRO F 83 20.45 1.17 42.56
CA PRO F 83 21.48 1.83 41.76
C PRO F 83 22.50 0.81 41.26
N GLU F 84 22.63 -0.23 42.09
CA GLU F 84 23.52 -1.33 41.73
C GLU F 84 23.07 -1.97 40.42
N THR F 85 21.77 -2.25 40.34
CA THR F 85 21.21 -2.86 39.15
C THR F 85 21.34 -1.98 37.91
N LEU F 86 21.08 -0.69 38.12
CA LEU F 86 21.15 0.29 37.04
C LEU F 86 22.60 0.45 36.59
N ARG F 87 23.56 0.25 37.48
CA ARG F 87 24.97 0.35 37.08
C ARG F 87 25.40 -0.87 36.29
N LEU F 88 24.81 -2.01 36.64
CA LEU F 88 24.95 -3.24 35.90
C LEU F 88 24.48 -3.00 34.46
N GLN F 89 23.25 -2.48 34.37
CA GLN F 89 22.64 -2.28 33.04
C GLN F 89 23.39 -1.23 32.24
N ALA F 90 23.99 -0.25 32.92
CA ALA F 90 24.75 0.81 32.27
C ALA F 90 25.98 0.25 31.57
N SER F 91 26.58 -0.73 32.25
CA SER F 91 27.76 -1.39 31.70
C SER F 91 27.37 -2.21 30.48
N ILE F 92 26.19 -2.83 30.51
CA ILE F 92 25.79 -3.66 29.36
C ILE F 92 25.51 -2.76 28.16
N ALA F 93 24.82 -1.67 28.46
CA ALA F 93 24.58 -0.65 27.45
C ALA F 93 25.89 -0.25 26.80
N LYS F 94 26.88 0.07 27.63
CA LYS F 94 28.19 0.46 27.11
C LYS F 94 28.74 -0.66 26.22
N ASP F 95 28.67 -1.87 26.78
CA ASP F 95 29.21 -3.00 26.06
C ASP F 95 28.51 -3.13 24.70
N ALA F 96 27.22 -2.82 24.68
CA ALA F 96 26.37 -2.88 23.51
C ALA F 96 26.62 -1.73 22.56
N GLY F 97 27.58 -0.88 22.84
CA GLY F 97 27.91 0.25 21.97
C GLY F 97 27.01 1.45 22.15
N ARG F 98 26.29 1.52 23.26
CA ARG F 98 25.37 2.63 23.48
C ARG F 98 25.78 3.47 24.67
N ASP F 99 26.69 4.41 24.48
CA ASP F 99 27.30 5.18 25.56
C ASP F 99 26.33 6.17 26.18
N ARG F 100 25.48 6.78 25.36
CA ARG F 100 24.54 7.75 25.93
C ARG F 100 23.48 7.04 26.75
N LEU F 101 23.04 5.88 26.25
CA LEU F 101 22.12 5.07 27.06
C LEU F 101 22.76 4.72 28.41
N ALA F 102 24.01 4.27 28.39
CA ALA F 102 24.73 3.98 29.64
C ALA F 102 24.73 5.19 30.55
N MET F 103 24.93 6.36 29.94
CA MET F 103 25.04 7.58 30.72
C MET F 103 23.71 7.89 31.43
N ASN F 104 22.64 7.76 30.66
CA ASN F 104 21.31 7.90 31.21
C ASN F 104 21.17 6.98 32.40
N PHE F 105 21.55 5.71 32.21
CA PHE F 105 21.41 4.75 33.31
C PHE F 105 22.28 5.15 34.50
N GLU F 106 23.44 5.77 34.27
CA GLU F 106 24.23 6.22 35.43
C GLU F 106 23.52 7.34 36.18
N ARG F 107 22.93 8.28 35.45
CA ARG F 107 22.17 9.34 36.13
C ARG F 107 21.05 8.70 36.94
N ALA F 108 20.41 7.72 36.30
CA ALA F 108 19.29 7.04 36.92
C ALA F 108 19.72 6.40 38.25
N ALA F 109 20.80 5.62 38.24
CA ALA F 109 21.33 5.05 39.47
C ALA F 109 21.49 6.14 40.53
N GLU F 110 21.96 7.33 40.15
CA GLU F 110 22.13 8.38 41.15
C GLU F 110 20.75 8.80 41.69
N LEU F 111 19.83 8.97 40.75
CA LEU F 111 18.50 9.48 41.08
C LEU F 111 17.71 8.47 41.91
N THR F 112 18.11 7.20 41.99
CA THR F 112 17.37 6.34 42.91
C THR F 112 17.42 6.87 44.36
N ALA F 113 18.41 7.68 44.70
CA ALA F 113 18.55 8.17 46.08
C ALA F 113 17.62 9.33 46.42
N VAL F 114 17.11 10.02 45.40
CA VAL F 114 16.22 11.17 45.54
C VAL F 114 14.78 10.72 45.67
N PRO F 115 14.11 11.19 46.71
CA PRO F 115 12.70 10.86 46.96
C PRO F 115 11.78 11.27 45.81
N ASP F 116 10.68 10.56 45.61
CA ASP F 116 9.77 10.87 44.51
C ASP F 116 9.36 12.33 44.43
N ASP F 117 9.03 12.92 45.58
CA ASP F 117 8.47 14.28 45.47
C ASP F 117 9.58 15.25 45.10
N ARG F 118 10.77 14.90 45.56
CA ARG F 118 11.94 15.73 45.25
C ARG F 118 12.26 15.60 43.76
N ILE F 119 12.15 14.40 43.19
CA ILE F 119 12.33 14.25 41.73
C ILE F 119 11.44 15.22 40.96
N LEU F 120 10.18 15.31 41.39
CA LEU F 120 9.23 16.11 40.63
C LEU F 120 9.56 17.59 40.76
N GLU F 121 10.05 17.94 41.96
CA GLU F 121 10.41 19.32 42.21
C GLU F 121 11.51 19.77 41.26
N ILE F 122 12.52 18.89 41.15
CA ILE F 122 13.66 19.25 40.33
C ILE F 122 13.31 19.23 38.84
N TYR F 123 12.48 18.27 38.43
CA TYR F 123 12.05 18.29 37.03
C TYR F 123 11.34 19.61 36.72
N ASN F 124 10.42 19.98 37.60
CA ASN F 124 9.65 21.20 37.34
C ASN F 124 10.55 22.41 37.36
N ALA F 125 11.56 22.40 38.25
CA ALA F 125 12.48 23.53 38.34
C ALA F 125 13.28 23.73 37.06
N LEU F 126 13.45 22.68 36.26
CA LEU F 126 14.18 22.72 35.00
C LEU F 126 13.31 23.16 33.84
N ARG F 127 12.00 23.25 34.05
CA ARG F 127 11.12 23.70 32.97
C ARG F 127 11.30 25.19 32.76
N PRO F 128 10.97 25.66 31.56
CA PRO F 128 11.25 27.06 31.23
C PRO F 128 10.60 28.02 32.23
N TYR F 129 11.36 29.06 32.53
CA TYR F 129 10.94 30.21 33.31
C TYR F 129 10.49 29.84 34.72
N ARG F 130 11.00 28.72 35.25
CA ARG F 130 10.56 28.39 36.60
C ARG F 130 11.53 28.90 37.66
N SER F 131 12.81 28.97 37.31
CA SER F 131 13.83 29.13 38.34
C SER F 131 14.78 30.28 38.07
N THR F 132 15.44 30.76 39.14
CA THR F 132 16.54 31.67 39.01
C THR F 132 17.83 30.89 38.84
N LYS F 133 18.91 31.52 38.40
CA LYS F 133 20.14 30.73 38.31
C LYS F 133 20.57 30.15 39.65
N GLU F 134 20.48 30.96 40.69
CA GLU F 134 20.92 30.58 42.03
C GLU F 134 20.06 29.43 42.54
N GLU F 135 18.78 29.45 42.19
CA GLU F 135 17.92 28.33 42.57
C GLU F 135 18.33 27.03 41.94
N LEU F 136 18.79 27.11 40.70
CA LEU F 136 19.24 25.89 40.05
C LEU F 136 20.54 25.43 40.67
N LEU F 137 21.44 26.38 40.94
CA LEU F 137 22.72 25.98 41.54
C LEU F 137 22.50 25.37 42.92
N ALA F 138 21.47 25.84 43.60
CA ALA F 138 21.18 25.27 44.91
C ALA F 138 20.72 23.84 44.73
N ILE F 139 19.89 23.66 43.69
CA ILE F 139 19.47 22.26 43.44
C ILE F 139 20.69 21.39 43.18
N ALA F 140 21.64 21.83 42.36
CA ALA F 140 22.82 21.02 42.05
C ALA F 140 23.68 20.73 43.27
N ASP F 141 23.97 21.76 44.07
CA ASP F 141 24.71 21.54 45.32
C ASP F 141 24.01 20.51 46.20
N ASP F 142 22.68 20.61 46.27
CA ASP F 142 21.90 19.64 47.03
C ASP F 142 22.06 18.23 46.49
N LEU F 143 21.93 18.06 45.18
CA LEU F 143 22.10 16.75 44.60
C LEU F 143 23.45 16.17 44.97
N GLU F 144 24.45 17.06 44.86
CA GLU F 144 25.81 16.55 45.10
C GLU F 144 25.99 16.25 46.58
N SER F 145 25.61 17.18 47.44
CA SER F 145 25.92 17.06 48.86
C SER F 145 25.01 16.11 49.61
N ARG F 146 23.70 16.19 49.36
CA ARG F 146 22.84 15.29 50.13
C ARG F 146 22.76 13.89 49.52
N TYR F 147 22.86 13.76 48.20
CA TYR F 147 22.55 12.49 47.55
C TYR F 147 23.73 11.93 46.79
N GLN F 148 24.86 12.65 46.81
CA GLN F 148 26.06 12.34 46.10
C GLN F 148 25.72 12.07 44.61
N ALA F 149 24.73 12.78 44.10
CA ALA F 149 24.34 12.69 42.69
C ALA F 149 25.25 13.59 41.86
N LYS F 150 26.50 13.20 41.69
CA LYS F 150 27.56 13.97 41.07
C LYS F 150 27.28 14.36 39.62
N ILE F 151 26.95 13.33 38.87
CA ILE F 151 26.63 13.51 37.44
C ILE F 151 25.40 14.38 37.29
N CYS F 152 24.36 14.16 38.09
CA CYS F 152 23.14 14.96 37.95
C CYS F 152 23.39 16.40 38.38
N ALA F 153 24.21 16.60 39.41
CA ALA F 153 24.60 17.95 39.81
C ALA F 153 25.33 18.68 38.68
N ALA F 154 26.25 18.02 38.00
CA ALA F 154 26.91 18.65 36.86
C ALA F 154 25.91 18.96 35.75
N PHE F 155 24.97 18.05 35.54
CA PHE F 155 23.93 18.25 34.50
C PHE F 155 23.10 19.49 34.78
N VAL F 156 22.70 19.65 36.06
CA VAL F 156 21.91 20.81 36.43
C VAL F 156 22.70 22.11 36.34
N ARG F 157 23.96 22.05 36.76
CA ARG F 157 24.82 23.23 36.69
C ARG F 157 24.98 23.70 35.25
N GLU F 158 25.07 22.71 34.37
CA GLU F 158 25.15 22.97 32.93
C GLU F 158 23.91 23.69 32.45
N ALA F 159 22.75 23.14 32.80
CA ALA F 159 21.48 23.77 32.50
C ALA F 159 21.45 25.22 33.01
N ALA F 160 21.90 25.39 34.25
CA ALA F 160 21.88 26.74 34.83
C ALA F 160 22.64 27.74 33.98
N THR F 161 23.89 27.48 33.57
CA THR F 161 24.50 28.56 32.78
C THR F 161 23.83 28.67 31.42
N LEU F 162 23.48 27.57 30.76
CA LEU F 162 22.85 27.78 29.46
C LEU F 162 21.48 28.39 29.57
N TYR F 163 20.72 28.21 30.64
CA TYR F 163 19.41 28.89 30.70
C TYR F 163 19.56 30.41 30.83
N VAL F 164 20.70 30.82 31.37
CA VAL F 164 21.07 32.22 31.45
C VAL F 164 21.21 32.79 30.04
N GLU F 165 22.10 32.17 29.28
CA GLU F 165 22.34 32.64 27.92
C GLU F 165 21.09 32.58 27.04
N ARG F 166 20.33 31.49 27.16
CA ARG F 166 19.22 31.34 26.22
C ARG F 166 17.94 31.84 26.84
N LYS F 167 18.08 32.47 28.00
CA LYS F 167 16.97 33.19 28.63
C LYS F 167 15.73 32.35 28.86
N LYS F 168 15.94 31.25 29.59
CA LYS F 168 14.84 30.41 30.01
C LYS F 168 14.67 30.42 31.53
N LEU F 169 15.16 31.46 32.21
CA LEU F 169 14.97 31.54 33.65
C LEU F 169 13.70 32.29 34.04
N LYS F 170 13.36 32.29 35.33
CA LYS F 170 12.23 33.06 35.82
C LYS F 170 12.39 34.50 35.35
N GLY F 171 11.32 35.07 34.83
CA GLY F 171 11.34 36.46 34.39
C GLY F 171 11.86 36.66 32.98
N ASP F 172 12.27 35.58 32.31
CA ASP F 172 12.81 35.74 30.95
C ASP F 172 11.71 35.74 29.91
N ASP F 173 10.47 35.53 30.37
CA ASP F 173 9.37 35.35 29.44
C ASP F 173 8.65 36.68 29.18
#